data_8R80
#
_entry.id   8R80
#
_cell.length_a   108.538
_cell.length_b   126.398
_cell.length_c   164.824
_cell.angle_alpha   90.000
_cell.angle_beta   90.000
_cell.angle_gamma   90.000
#
_symmetry.space_group_name_H-M   'P 21 21 21'
#
loop_
_entity.id
_entity.type
_entity.pdbx_description
1 polymer 'XBB-9 Fab heavy chain'
2 polymer 'XBB-9 Fab light chain'
3 polymer 'Spike protein S1'
4 polymer 'anti-Fab nanobody'
#
loop_
_entity_poly.entity_id
_entity_poly.type
_entity_poly.pdbx_seq_one_letter_code
_entity_poly.pdbx_strand_id
1 'polypeptide(L)'
;QVQLVETGGGLVQPGGSLRLSCEASEIIVSANYMTWVRQAPGKGLEWVSLIYPGGTTYLSDSLKGRFTVSRDNSKNTMNL
EMNSLRAGDTAVYYCARLIVGGIAGMDVWGQGTTVTVSSASTKGPSVFPLAPSSKSTSGGTAALGCLVKDYFPEPVTVSW
NSGALTSGVHTFPAVLQSSGLYSLSSVVTVPSSSLGTQTYICNVNHKPSNTKVDKRVEPKSCDK
;
H,A
2 'polypeptide(L)'
;AIQLTQSPSSLSASVGDRVTITCQATHDINKFLNWYQQKPGKAPKLLIYDASNLETGVPSRFSGSGFGTTFTFTISSLQP
EDIATYFCHQYENIPPIFGPGTKVEIKRTVAAPSVFIFPPSDEQLKSGTASVVCLLNNFYPREAKVQWKVDNALQSGNSQ
ESVTEQDSKDSTYSLSSTLTLSKADYEKHKVYACEVTHQGLSSPVTKSFNRGEC
;
L,B
3 'polypeptide(L)'
;HHHHHHTNLCPFGEVFNATRFASVYAWNRKRISNCVADYSVLYNSASFSTFKCYGVSPTKLNDLCFTNVYADSFVIRGDE
VRQIAPGQTGKIADYNYKLPDDFTGCVIAWNSNNLDSKVGGNYNYRYRLFRKSNLKPFERDISTEIYQAGSKPCNGVEGF
NCYFPLQSYGFQPTNGVGYQPYRVVVLSFELLHAPATVCGKK
;
E,R
4 'polypeptide(L)'
;MAGSQVQLQESGGGLVQPGGSLRLSCAASGRTISRYAMSWFRQAPGKEREFVAVARRSGDGAFYADSVQGRFTVSRDDAK
NTVYLQMNSLKPEDTAVYYCAIDSDTFYSGSYDYWGQGTQVTVSSHHHHHHEPEA
;
N,J
#
# COMPACT_ATOMS: atom_id res chain seq x y z
N VAL A 2 -17.66 6.67 0.60
CA VAL A 2 -18.01 7.07 1.95
C VAL A 2 -17.17 8.27 2.37
N GLN A 3 -17.77 9.17 3.16
CA GLN A 3 -17.06 10.33 3.69
C GLN A 3 -17.72 10.77 4.98
N LEU A 4 -16.98 10.72 6.08
CA LEU A 4 -17.43 11.20 7.37
C LEU A 4 -16.57 12.38 7.78
N VAL A 5 -17.21 13.52 8.04
CA VAL A 5 -16.52 14.76 8.37
C VAL A 5 -17.02 15.23 9.72
N GLU A 6 -16.12 15.32 10.70
CA GLU A 6 -16.45 15.83 12.02
C GLU A 6 -16.31 17.34 12.05
N THR A 7 -17.17 17.99 12.83
CA THR A 7 -17.13 19.43 13.00
C THR A 7 -17.79 19.78 14.33
N GLY A 8 -17.68 21.06 14.70
CA GLY A 8 -18.24 21.53 15.95
C GLY A 8 -17.33 21.39 17.15
N GLY A 9 -16.06 21.08 16.95
CA GLY A 9 -15.13 20.97 18.06
C GLY A 9 -14.55 22.30 18.47
N GLY A 10 -13.28 22.32 18.87
CA GLY A 10 -12.64 23.56 19.27
C GLY A 10 -12.29 23.60 20.75
N LEU A 11 -12.40 24.78 21.35
CA LEU A 11 -12.11 24.97 22.77
C LEU A 11 -13.36 25.43 23.50
N VAL A 12 -13.54 24.94 24.72
CA VAL A 12 -14.69 25.27 25.56
C VAL A 12 -14.23 25.35 27.00
N GLN A 13 -14.84 26.26 27.76
CA GLN A 13 -14.54 26.37 29.17
C GLN A 13 -14.99 25.10 29.91
N PRO A 14 -14.30 24.73 31.00
CA PRO A 14 -14.68 23.52 31.72
C PRO A 14 -16.07 23.63 32.31
N GLY A 15 -16.81 22.53 32.26
CA GLY A 15 -18.20 22.51 32.68
C GLY A 15 -19.18 22.98 31.63
N GLY A 16 -18.70 23.42 30.47
CA GLY A 16 -19.57 23.87 29.41
C GLY A 16 -20.12 22.73 28.58
N SER A 17 -20.92 23.10 27.58
CA SER A 17 -21.57 22.15 26.70
C SER A 17 -21.11 22.37 25.26
N LEU A 18 -20.84 21.27 24.57
CA LEU A 18 -20.40 21.30 23.18
C LEU A 18 -21.12 20.21 22.39
N ARG A 19 -21.54 20.56 21.18
CA ARG A 19 -22.27 19.65 20.30
C ARG A 19 -21.41 19.32 19.09
N LEU A 20 -20.97 18.06 19.01
CA LEU A 20 -20.18 17.60 17.87
C LEU A 20 -21.10 17.07 16.77
N SER A 21 -20.84 17.51 15.54
CA SER A 21 -21.61 17.08 14.38
C SER A 21 -20.77 16.17 13.51
N CYS A 22 -21.43 15.28 12.78
CA CYS A 22 -20.78 14.27 11.94
C CYS A 22 -21.59 14.14 10.66
N GLU A 23 -21.23 14.93 9.65
CA GLU A 23 -21.90 14.84 8.36
C GLU A 23 -21.48 13.56 7.64
N ALA A 24 -22.47 12.87 7.06
CA ALA A 24 -22.26 11.57 6.44
C ALA A 24 -22.72 11.60 5.00
N SER A 25 -21.84 11.18 4.10
CA SER A 25 -22.15 11.00 2.70
C SER A 25 -22.01 9.53 2.33
N GLU A 26 -22.81 9.11 1.34
CA GLU A 26 -22.79 7.76 0.76
C GLU A 26 -23.61 6.78 1.60
N ILE A 27 -23.81 7.08 2.87
CA ILE A 27 -24.50 6.19 3.79
C ILE A 27 -25.64 6.94 4.49
N ILE A 28 -26.68 6.20 4.83
CA ILE A 28 -27.79 6.72 5.62
C ILE A 28 -27.46 6.53 7.09
N VAL A 29 -27.60 7.61 7.87
CA VAL A 29 -27.23 7.56 9.29
C VAL A 29 -28.29 6.82 10.09
N SER A 30 -29.57 7.07 9.80
CA SER A 30 -30.66 6.55 10.62
C SER A 30 -30.75 5.04 10.63
N ALA A 31 -30.07 4.36 9.70
CA ALA A 31 -30.19 2.91 9.54
C ALA A 31 -28.85 2.21 9.68
N ASN A 32 -27.96 2.72 10.54
CA ASN A 32 -26.63 2.16 10.69
C ASN A 32 -26.19 2.19 12.14
N TYR A 33 -25.28 1.28 12.48
CA TYR A 33 -24.57 1.33 13.75
C TYR A 33 -23.49 2.40 13.68
N MET A 34 -23.58 3.42 14.54
CA MET A 34 -22.67 4.54 14.52
C MET A 34 -22.06 4.73 15.90
N THR A 35 -20.74 4.90 15.96
CA THR A 35 -20.02 5.03 17.21
C THR A 35 -19.21 6.31 17.23
N TRP A 36 -19.06 6.87 18.43
CA TRP A 36 -18.12 7.95 18.70
C TRP A 36 -16.99 7.40 19.56
N VAL A 37 -15.75 7.61 19.13
CA VAL A 37 -14.58 7.12 19.84
C VAL A 37 -13.59 8.28 19.99
N ARG A 38 -13.12 8.50 21.20
CA ARG A 38 -12.17 9.57 21.49
C ARG A 38 -10.79 8.98 21.79
N GLN A 39 -9.77 9.81 21.56
CA GLN A 39 -8.39 9.44 21.85
C GLN A 39 -7.69 10.63 22.49
N ALA A 40 -7.29 10.48 23.75
CA ALA A 40 -6.61 11.55 24.44
C ALA A 40 -5.23 11.79 23.82
N PRO A 41 -4.76 13.05 23.82
CA PRO A 41 -3.44 13.34 23.22
C PRO A 41 -2.31 12.61 23.92
N GLY A 42 -1.67 11.69 23.20
CA GLY A 42 -0.63 10.86 23.75
C GLY A 42 -1.11 9.56 24.35
N LYS A 43 -2.42 9.34 24.44
CA LYS A 43 -2.98 8.12 24.99
C LYS A 43 -3.61 7.29 23.86
N GLY A 44 -4.20 6.16 24.26
CA GLY A 44 -4.81 5.24 23.31
C GLY A 44 -6.27 5.55 23.05
N LEU A 45 -6.88 4.69 22.25
CA LEU A 45 -8.28 4.85 21.90
C LEU A 45 -9.18 4.49 23.07
N GLU A 46 -10.37 5.10 23.10
CA GLU A 46 -11.35 4.85 24.16
C GLU A 46 -12.74 5.01 23.57
N TRP A 47 -13.53 3.94 23.63
CA TRP A 47 -14.91 4.01 23.12
C TRP A 47 -15.74 4.96 23.97
N VAL A 48 -16.53 5.79 23.30
CA VAL A 48 -17.37 6.79 23.95
C VAL A 48 -18.85 6.41 23.91
N SER A 49 -19.36 6.12 22.71
CA SER A 49 -20.79 5.91 22.55
C SER A 49 -21.05 5.05 21.31
N LEU A 50 -22.26 4.49 21.26
CA LEU A 50 -22.71 3.66 20.16
C LEU A 50 -24.23 3.77 20.05
N ILE A 51 -24.74 3.82 18.84
CA ILE A 51 -26.16 3.87 18.58
C ILE A 51 -26.52 2.80 17.56
N TYR A 52 -27.62 2.10 17.81
CA TYR A 52 -28.08 1.04 16.93
C TYR A 52 -28.88 1.62 15.78
N PRO A 53 -29.12 0.84 14.72
CA PRO A 53 -29.99 1.34 13.63
C PRO A 53 -31.45 1.44 14.01
N GLY A 54 -31.82 1.08 15.24
CA GLY A 54 -33.19 1.19 15.69
C GLY A 54 -33.32 2.18 16.84
N GLY A 55 -32.24 2.92 17.11
CA GLY A 55 -32.27 3.93 18.14
C GLY A 55 -31.47 3.58 19.39
N THR A 56 -31.45 2.30 19.75
CA THR A 56 -30.78 1.81 20.96
C THR A 56 -29.38 2.38 21.13
N THR A 57 -29.17 3.17 22.19
CA THR A 57 -27.89 3.82 22.47
C THR A 57 -27.19 3.16 23.64
N TYR A 58 -25.87 3.39 23.72
CA TYR A 58 -25.03 2.89 24.80
C TYR A 58 -23.91 3.88 25.05
N LEU A 59 -23.55 4.08 26.32
CA LEU A 59 -22.53 5.03 26.71
C LEU A 59 -21.51 4.36 27.63
N SER A 60 -20.34 4.97 27.72
CA SER A 60 -19.32 4.52 28.64
C SER A 60 -19.69 4.88 30.08
N ASP A 61 -19.09 4.17 31.03
CA ASP A 61 -19.34 4.47 32.44
C ASP A 61 -18.76 5.83 32.83
N SER A 62 -17.56 6.16 32.32
CA SER A 62 -16.94 7.44 32.62
C SER A 62 -17.65 8.60 31.94
N LEU A 63 -18.57 8.34 31.02
CA LEU A 63 -19.26 9.38 30.29
C LEU A 63 -20.78 9.27 30.35
N LYS A 64 -21.31 8.27 31.05
CA LYS A 64 -22.75 8.09 31.13
C LYS A 64 -23.39 9.24 31.92
N GLY A 65 -24.54 9.70 31.45
CA GLY A 65 -25.25 10.78 32.08
C GLY A 65 -24.80 12.17 31.68
N ARG A 66 -23.74 12.29 30.88
CA ARG A 66 -23.24 13.58 30.43
C ARG A 66 -23.20 13.71 28.92
N PHE A 67 -22.97 12.63 28.19
CA PHE A 67 -22.96 12.66 26.73
C PHE A 67 -24.27 12.10 26.17
N THR A 68 -24.62 12.54 24.96
CA THR A 68 -25.85 12.08 24.33
C THR A 68 -25.63 12.00 22.82
N VAL A 69 -25.93 10.83 22.25
CA VAL A 69 -25.84 10.59 20.81
C VAL A 69 -27.23 10.65 20.20
N SER A 70 -27.49 11.70 19.42
CA SER A 70 -28.69 11.84 18.63
C SER A 70 -28.36 11.70 17.15
N ARG A 71 -29.40 11.46 16.34
CA ARG A 71 -29.26 11.29 14.90
C ARG A 71 -30.27 12.18 14.20
N ASP A 72 -29.93 12.63 13.00
CA ASP A 72 -30.78 13.52 12.21
C ASP A 72 -30.86 13.01 10.78
N ASN A 73 -32.07 12.65 10.35
CA ASN A 73 -32.25 12.09 9.01
C ASN A 73 -32.34 13.18 7.95
N SER A 74 -32.80 14.38 8.31
CA SER A 74 -32.92 15.44 7.32
C SER A 74 -31.55 15.86 6.79
N LYS A 75 -30.56 15.95 7.67
CA LYS A 75 -29.21 16.34 7.27
C LYS A 75 -28.26 15.15 7.17
N ASN A 76 -28.72 13.95 7.52
CA ASN A 76 -27.90 12.74 7.49
C ASN A 76 -26.62 12.94 8.30
N THR A 77 -26.78 13.49 9.50
CA THR A 77 -25.66 13.86 10.35
C THR A 77 -25.76 13.18 11.70
N MET A 78 -24.64 12.67 12.19
CA MET A 78 -24.53 12.16 13.54
C MET A 78 -24.21 13.29 14.50
N ASN A 79 -24.84 13.26 15.67
CA ASN A 79 -24.68 14.31 16.66
C ASN A 79 -24.28 13.71 18.00
N LEU A 80 -23.33 14.36 18.67
CA LEU A 80 -22.86 13.95 20.00
C LEU A 80 -22.86 15.18 20.88
N GLU A 81 -23.85 15.27 21.77
CA GLU A 81 -23.97 16.40 22.68
C GLU A 81 -23.22 16.08 23.97
N MET A 82 -22.26 16.94 24.31
CA MET A 82 -21.41 16.74 25.48
C MET A 82 -21.73 17.82 26.50
N ASN A 83 -22.27 17.40 27.65
CA ASN A 83 -22.58 18.31 28.75
C ASN A 83 -21.67 17.99 29.93
N SER A 84 -21.45 19.01 30.77
CA SER A 84 -20.64 18.88 31.97
C SER A 84 -19.23 18.40 31.63
N LEU A 85 -18.59 19.11 30.71
CA LEU A 85 -17.28 18.70 30.23
C LEU A 85 -16.21 18.85 31.29
N ARG A 86 -15.25 17.93 31.28
CA ARG A 86 -14.17 17.89 32.24
C ARG A 86 -12.83 17.94 31.51
N ALA A 87 -11.77 18.22 32.28
CA ALA A 87 -10.43 18.31 31.69
C ALA A 87 -10.03 16.99 31.03
N GLY A 88 -10.48 15.86 31.57
CA GLY A 88 -10.16 14.58 30.97
C GLY A 88 -10.87 14.29 29.66
N ASP A 89 -11.85 15.12 29.28
CA ASP A 89 -12.57 14.95 28.02
C ASP A 89 -11.85 15.61 26.85
N THR A 90 -10.75 16.32 27.09
CA THR A 90 -9.97 16.93 26.02
C THR A 90 -9.34 15.83 25.19
N ALA A 91 -9.84 15.62 23.98
CA ALA A 91 -9.37 14.54 23.11
C ALA A 91 -9.87 14.82 21.71
N VAL A 92 -9.46 13.95 20.78
CA VAL A 92 -9.91 13.99 19.40
C VAL A 92 -11.01 12.95 19.23
N TYR A 93 -12.17 13.38 18.74
CA TYR A 93 -13.35 12.52 18.64
C TYR A 93 -13.59 12.11 17.20
N TYR A 94 -13.78 10.81 16.98
CA TYR A 94 -14.06 10.25 15.67
C TYR A 94 -15.45 9.63 15.66
N CYS A 95 -16.20 9.90 14.60
CA CYS A 95 -17.45 9.19 14.33
C CYS A 95 -17.19 8.15 13.24
N ALA A 96 -17.56 6.90 13.53
CA ALA A 96 -17.31 5.81 12.61
C ALA A 96 -18.52 4.89 12.55
N ARG A 97 -18.68 4.22 11.41
CA ARG A 97 -19.69 3.19 11.23
C ARG A 97 -18.96 1.85 11.32
N LEU A 98 -19.00 1.23 12.50
CA LEU A 98 -18.22 0.03 12.73
C LEU A 98 -18.76 -1.15 11.93
N ILE A 99 -17.89 -2.14 11.73
CA ILE A 99 -18.28 -3.38 11.08
C ILE A 99 -19.13 -4.20 12.03
N VAL A 100 -20.29 -4.64 11.55
CA VAL A 100 -21.24 -5.40 12.38
C VAL A 100 -21.49 -6.74 11.72
N GLY A 101 -21.39 -7.81 12.50
CA GLY A 101 -21.62 -9.15 11.99
C GLY A 101 -20.50 -9.70 11.15
N GLY A 102 -19.32 -9.10 11.17
CA GLY A 102 -18.20 -9.59 10.39
C GLY A 102 -18.39 -9.43 8.89
N ILE A 103 -18.86 -8.27 8.46
CA ILE A 103 -19.08 -7.99 7.03
C ILE A 103 -17.95 -7.09 6.55
N ALA A 104 -17.11 -7.61 5.68
CA ALA A 104 -15.93 -6.87 5.22
C ALA A 104 -16.34 -5.64 4.41
N GLY A 105 -15.49 -4.63 4.45
CA GLY A 105 -15.75 -3.38 3.76
C GLY A 105 -16.75 -2.46 4.44
N MET A 106 -17.29 -2.85 5.58
CA MET A 106 -18.31 -2.06 6.25
C MET A 106 -17.70 -0.95 7.11
N ASP A 107 -16.51 -1.19 7.66
CA ASP A 107 -15.94 -0.26 8.63
C ASP A 107 -15.42 0.98 7.92
N VAL A 108 -15.73 2.16 8.48
CA VAL A 108 -15.28 3.43 7.92
C VAL A 108 -15.27 4.48 9.02
N TRP A 109 -14.17 5.24 9.12
CA TRP A 109 -13.97 6.23 10.16
C TRP A 109 -13.96 7.64 9.57
N GLY A 110 -14.17 8.62 10.45
CA GLY A 110 -14.11 10.01 10.07
C GLY A 110 -12.72 10.61 10.28
N GLN A 111 -12.61 11.90 9.94
CA GLN A 111 -11.32 12.57 10.07
C GLN A 111 -10.97 12.86 11.52
N GLY A 112 -11.95 13.26 12.31
CA GLY A 112 -11.73 13.55 13.72
C GLY A 112 -11.79 15.04 13.99
N THR A 113 -12.33 15.39 15.15
CA THR A 113 -12.43 16.78 15.58
C THR A 113 -11.75 16.93 16.94
N THR A 114 -11.12 18.08 17.15
CA THR A 114 -10.35 18.34 18.37
C THR A 114 -11.22 19.13 19.34
N VAL A 115 -11.38 18.59 20.55
CA VAL A 115 -12.10 19.25 21.63
C VAL A 115 -11.11 19.52 22.76
N THR A 116 -11.04 20.78 23.19
CA THR A 116 -10.11 21.20 24.23
C THR A 116 -10.92 21.75 25.39
N VAL A 117 -10.95 21.03 26.50
CA VAL A 117 -11.69 21.43 27.70
C VAL A 117 -10.67 21.98 28.68
N SER A 118 -10.38 23.26 28.58
CA SER A 118 -9.48 23.92 29.50
C SER A 118 -9.85 25.40 29.55
N SER A 119 -9.42 26.06 30.62
CA SER A 119 -9.72 27.48 30.84
C SER A 119 -8.54 28.30 30.33
N ALA A 120 -8.68 28.83 29.12
CA ALA A 120 -7.66 29.66 28.50
C ALA A 120 -8.32 30.46 27.37
N SER A 121 -7.53 31.20 26.62
CA SER A 121 -7.99 32.02 25.52
C SER A 121 -7.38 31.51 24.22
N THR A 122 -7.89 32.04 23.10
CA THR A 122 -7.41 31.68 21.77
C THR A 122 -6.46 32.77 21.27
N LYS A 123 -5.33 32.34 20.71
CA LYS A 123 -4.36 33.27 20.14
C LYS A 123 -3.85 32.72 18.81
N GLY A 124 -3.75 33.60 17.82
CA GLY A 124 -3.20 33.23 16.53
C GLY A 124 -1.69 33.20 16.55
N PRO A 125 -1.10 32.34 15.73
CA PRO A 125 0.36 32.20 15.74
C PRO A 125 1.06 33.31 14.97
N SER A 126 2.30 33.54 15.35
CA SER A 126 3.21 34.38 14.57
C SER A 126 4.12 33.48 13.74
N VAL A 127 4.31 33.84 12.48
CA VAL A 127 5.07 33.03 11.53
C VAL A 127 6.35 33.77 11.19
N PHE A 128 7.49 33.14 11.48
CA PHE A 128 8.79 33.71 11.22
C PHE A 128 9.59 32.80 10.30
N PRO A 129 10.37 33.38 9.39
CA PRO A 129 11.14 32.55 8.46
C PRO A 129 12.38 31.94 9.10
N LEU A 130 12.71 30.73 8.65
CA LEU A 130 13.97 30.06 8.99
C LEU A 130 14.81 30.10 7.72
N ALA A 131 15.59 31.17 7.57
CA ALA A 131 16.26 31.42 6.30
C ALA A 131 17.39 30.42 6.08
N PRO A 132 17.53 29.91 4.87
CA PRO A 132 18.68 29.06 4.55
C PRO A 132 19.93 29.87 4.35
N SER A 133 21.07 29.20 4.48
CA SER A 133 22.37 29.85 4.38
C SER A 133 23.43 28.77 4.17
N SER A 134 24.70 29.19 4.21
CA SER A 134 25.79 28.22 4.14
C SER A 134 25.76 27.28 5.34
N LYS A 135 25.45 27.82 6.53
CA LYS A 135 25.30 27.01 7.72
C LYS A 135 24.07 26.11 7.68
N SER A 136 23.23 26.24 6.65
CA SER A 136 22.08 25.37 6.44
C SER A 136 22.27 24.46 5.23
N THR A 137 23.45 24.49 4.61
CA THR A 137 23.73 23.73 3.40
C THR A 137 24.69 22.59 3.72
N SER A 138 24.34 21.37 3.28
CA SER A 138 25.20 20.22 3.49
C SER A 138 24.88 19.18 2.43
N GLY A 139 25.92 18.64 1.79
CA GLY A 139 25.74 17.61 0.78
C GLY A 139 24.89 18.02 -0.39
N GLY A 140 25.04 19.26 -0.85
CA GLY A 140 24.28 19.76 -1.98
C GLY A 140 22.85 20.14 -1.67
N THR A 141 22.38 19.94 -0.45
CA THR A 141 21.04 20.31 -0.04
C THR A 141 21.10 21.46 0.96
N ALA A 142 19.99 22.18 1.07
CA ALA A 142 19.86 23.29 1.99
C ALA A 142 18.53 23.19 2.73
N ALA A 143 18.54 23.55 4.00
CA ALA A 143 17.37 23.46 4.86
C ALA A 143 16.81 24.84 5.13
N LEU A 144 15.48 24.98 4.98
CA LEU A 144 14.78 26.20 5.30
C LEU A 144 13.44 25.82 5.92
N GLY A 145 12.85 26.75 6.66
CA GLY A 145 11.61 26.43 7.34
C GLY A 145 10.87 27.65 7.81
N CYS A 146 9.80 27.40 8.57
CA CYS A 146 8.96 28.44 9.14
C CYS A 146 8.74 28.14 10.62
N LEU A 147 8.80 29.17 11.44
CA LEU A 147 8.60 29.04 12.87
C LEU A 147 7.19 29.51 13.22
N VAL A 148 6.32 28.56 13.54
CA VAL A 148 4.95 28.84 13.94
C VAL A 148 4.94 28.88 15.47
N LYS A 149 5.02 30.08 16.02
CA LYS A 149 5.27 30.27 17.45
C LYS A 149 4.09 30.95 18.12
N ASP A 150 3.79 30.53 19.34
CA ASP A 150 2.86 31.22 20.24
C ASP A 150 1.44 31.23 19.67
N TYR A 151 0.83 30.04 19.69
CA TYR A 151 -0.57 29.89 19.33
C TYR A 151 -1.25 28.96 20.32
N PHE A 152 -2.58 29.08 20.40
CA PHE A 152 -3.39 28.23 21.27
C PHE A 152 -4.83 28.31 20.80
N PRO A 153 -5.55 27.17 20.74
CA PRO A 153 -5.09 25.81 21.01
C PRO A 153 -4.62 25.10 19.75
N GLU A 154 -4.42 23.78 19.84
CA GLU A 154 -4.09 22.97 18.70
C GLU A 154 -5.32 22.85 17.77
N PRO A 155 -5.11 22.50 16.49
CA PRO A 155 -3.84 22.27 15.79
C PRO A 155 -3.53 23.33 14.74
N VAL A 156 -2.34 23.26 14.14
CA VAL A 156 -2.00 24.06 12.97
C VAL A 156 -1.64 23.12 11.83
N THR A 157 -1.84 23.60 10.60
CA THR A 157 -1.46 22.88 9.41
C THR A 157 -0.48 23.72 8.61
N VAL A 158 0.59 23.09 8.11
CA VAL A 158 1.63 23.78 7.36
C VAL A 158 1.88 23.03 6.06
N SER A 159 1.80 23.75 4.93
CA SER A 159 2.16 23.23 3.63
C SER A 159 3.18 24.16 3.00
N TRP A 160 3.82 23.69 1.93
CA TRP A 160 4.88 24.42 1.25
C TRP A 160 4.54 24.58 -0.22
N ASN A 161 4.60 25.83 -0.71
CA ASN A 161 4.25 26.16 -2.09
C ASN A 161 2.85 25.65 -2.42
N SER A 162 1.94 25.78 -1.45
CA SER A 162 0.54 25.38 -1.62
C SER A 162 0.41 23.91 -1.98
N GLY A 163 1.20 23.07 -1.32
CA GLY A 163 1.18 21.64 -1.55
C GLY A 163 2.10 21.13 -2.64
N ALA A 164 2.72 22.02 -3.41
CA ALA A 164 3.60 21.58 -4.49
C ALA A 164 4.92 21.02 -3.98
N LEU A 165 5.36 21.43 -2.80
CA LEU A 165 6.62 20.99 -2.22
C LEU A 165 6.30 20.09 -1.04
N THR A 166 6.38 18.78 -1.25
CA THR A 166 6.11 17.78 -0.23
C THR A 166 7.31 16.90 0.09
N SER A 167 8.22 16.70 -0.85
CA SER A 167 9.38 15.85 -0.63
C SER A 167 10.36 16.54 0.31
N GLY A 168 10.74 15.85 1.39
CA GLY A 168 11.70 16.39 2.33
C GLY A 168 11.14 17.36 3.33
N VAL A 169 9.83 17.35 3.55
CA VAL A 169 9.17 18.27 4.47
C VAL A 169 9.02 17.58 5.81
N HIS A 170 9.56 18.18 6.86
CA HIS A 170 9.40 17.71 8.24
C HIS A 170 8.69 18.78 9.04
N THR A 171 7.42 18.54 9.37
CA THR A 171 6.65 19.42 10.24
C THR A 171 6.67 18.81 11.64
N PHE A 172 7.47 19.37 12.52
CA PHE A 172 7.68 18.80 13.83
C PHE A 172 6.42 18.95 14.69
N PRO A 173 6.15 17.99 15.56
CA PRO A 173 4.99 18.11 16.46
C PRO A 173 5.16 19.29 17.41
N ALA A 174 4.04 20.00 17.64
CA ALA A 174 4.06 21.18 18.49
C ALA A 174 4.46 20.82 19.92
N VAL A 175 5.13 21.76 20.57
CA VAL A 175 5.52 21.64 21.97
C VAL A 175 4.88 22.77 22.75
N LEU A 176 4.42 22.46 23.95
CA LEU A 176 3.76 23.44 24.82
C LEU A 176 4.82 24.20 25.61
N GLN A 177 4.97 25.50 25.32
CA GLN A 177 5.96 26.31 25.99
C GLN A 177 5.55 26.57 27.44
N SER A 178 6.49 27.15 28.20
CA SER A 178 6.20 27.49 29.59
C SER A 178 5.15 28.59 29.71
N SER A 179 4.93 29.35 28.64
CA SER A 179 3.91 30.39 28.63
C SER A 179 2.50 29.84 28.41
N GLY A 180 2.36 28.54 28.16
CA GLY A 180 1.08 27.95 27.86
C GLY A 180 0.69 28.01 26.40
N LEU A 181 1.58 28.45 25.52
CA LEU A 181 1.31 28.54 24.09
C LEU A 181 2.13 27.49 23.34
N TYR A 182 1.54 26.96 22.28
CA TYR A 182 2.22 25.97 21.47
C TYR A 182 3.21 26.63 20.53
N SER A 183 4.24 25.86 20.15
CA SER A 183 5.24 26.29 19.20
C SER A 183 5.60 25.11 18.32
N LEU A 184 5.88 25.40 17.05
CA LEU A 184 6.06 24.35 16.05
C LEU A 184 6.97 24.87 14.95
N SER A 185 7.81 23.99 14.43
CA SER A 185 8.68 24.31 13.30
C SER A 185 8.42 23.32 12.17
N SER A 186 8.38 23.84 10.95
CA SER A 186 8.20 23.01 9.75
C SER A 186 9.31 23.35 8.78
N VAL A 187 10.23 22.41 8.58
CA VAL A 187 11.39 22.63 7.73
C VAL A 187 11.33 21.73 6.51
N VAL A 188 12.04 22.15 5.46
CA VAL A 188 12.09 21.40 4.21
C VAL A 188 13.51 21.50 3.64
N THR A 189 14.02 20.37 3.15
CA THR A 189 15.35 20.30 2.57
C THR A 189 15.23 20.35 1.05
N VAL A 190 15.91 21.32 0.44
CA VAL A 190 15.85 21.53 -1.00
C VAL A 190 17.29 21.60 -1.52
N PRO A 191 17.50 21.38 -2.81
CA PRO A 191 18.85 21.55 -3.37
C PRO A 191 19.33 22.98 -3.20
N SER A 192 20.57 23.12 -2.74
CA SER A 192 21.12 24.44 -2.46
C SER A 192 21.17 25.32 -3.70
N SER A 193 21.27 24.71 -4.89
CA SER A 193 21.36 25.48 -6.13
C SER A 193 20.09 26.24 -6.46
N SER A 194 18.98 25.94 -5.81
CA SER A 194 17.70 26.57 -6.11
C SER A 194 17.35 27.68 -5.12
N LEU A 195 18.26 28.01 -4.22
CA LEU A 195 17.96 29.02 -3.20
C LEU A 195 17.78 30.40 -3.82
N GLY A 196 18.63 30.75 -4.77
CA GLY A 196 18.55 32.04 -5.42
C GLY A 196 17.60 32.16 -6.59
N THR A 197 16.94 31.07 -6.98
CA THR A 197 16.06 31.09 -8.15
C THR A 197 14.66 30.55 -7.91
N GLN A 198 14.43 29.77 -6.86
CA GLN A 198 13.11 29.20 -6.58
C GLN A 198 12.47 29.91 -5.40
N THR A 199 11.16 30.14 -5.50
CA THR A 199 10.39 30.78 -4.45
C THR A 199 9.79 29.72 -3.53
N TYR A 200 10.05 29.84 -2.24
CA TYR A 200 9.56 28.90 -1.23
C TYR A 200 8.68 29.67 -0.26
N ILE A 201 7.43 29.23 -0.13
CA ILE A 201 6.45 29.87 0.74
C ILE A 201 5.74 28.80 1.56
N CYS A 202 5.68 28.99 2.87
CA CYS A 202 4.95 28.11 3.76
C CYS A 202 3.56 28.68 4.02
N ASN A 203 2.57 27.81 4.09
CA ASN A 203 1.17 28.19 4.28
C ASN A 203 0.71 27.63 5.62
N VAL A 204 0.59 28.49 6.62
CA VAL A 204 0.19 28.11 7.96
C VAL A 204 -1.26 28.48 8.15
N ASN A 205 -2.05 27.54 8.68
CA ASN A 205 -3.48 27.74 8.90
C ASN A 205 -3.83 27.31 10.32
N HIS A 206 -4.34 28.25 11.11
CA HIS A 206 -4.77 28.00 12.49
C HIS A 206 -6.28 28.25 12.53
N LYS A 207 -7.05 27.19 12.30
CA LYS A 207 -8.50 27.33 12.23
C LYS A 207 -9.15 27.82 13.53
N PRO A 208 -8.71 27.41 14.73
CA PRO A 208 -9.34 27.97 15.95
C PRO A 208 -9.28 29.48 16.06
N SER A 209 -8.40 30.16 15.33
CA SER A 209 -8.33 31.61 15.35
C SER A 209 -8.52 32.24 13.97
N ASN A 210 -8.86 31.43 12.96
CA ASN A 210 -9.08 31.92 11.59
C ASN A 210 -7.87 32.69 11.07
N THR A 211 -6.67 32.19 11.40
CA THR A 211 -5.42 32.83 11.03
C THR A 211 -4.77 32.03 9.89
N LYS A 212 -4.73 32.62 8.70
CA LYS A 212 -4.01 32.08 7.56
C LYS A 212 -2.88 33.04 7.21
N VAL A 213 -1.65 32.53 7.18
CA VAL A 213 -0.46 33.35 6.94
C VAL A 213 0.40 32.67 5.90
N ASP A 214 0.73 33.38 4.84
CA ASP A 214 1.72 32.95 3.85
C ASP A 214 3.00 33.72 4.09
N LYS A 215 4.09 33.00 4.32
CA LYS A 215 5.38 33.60 4.64
C LYS A 215 6.43 33.08 3.67
N ARG A 216 7.00 33.99 2.88
CA ARG A 216 8.07 33.62 1.96
C ARG A 216 9.39 33.52 2.72
N VAL A 217 10.16 32.47 2.42
CA VAL A 217 11.41 32.19 3.09
C VAL A 217 12.54 32.37 2.08
N GLU A 218 13.27 33.45 2.21
CA GLU A 218 14.39 33.77 1.35
C GLU A 218 15.71 33.70 2.11
N PRO A 219 16.82 33.45 1.42
CA PRO A 219 18.12 33.44 2.10
C PRO A 219 18.69 34.83 2.25
N LYS A 220 19.55 34.97 3.26
CA LYS A 220 20.22 36.24 3.53
C LYS A 220 21.37 36.01 4.51
N SER A 221 22.59 35.93 3.99
CA SER A 221 23.76 35.62 4.81
C SER A 221 25.04 36.02 4.10
N ALA B 1 -16.69 -4.70 32.67
CA ALA B 1 -15.75 -4.27 31.65
C ALA B 1 -14.70 -5.35 31.39
N ILE B 2 -14.33 -5.53 30.13
CA ILE B 2 -13.35 -6.54 29.73
C ILE B 2 -12.07 -5.82 29.39
N GLN B 3 -11.06 -5.96 30.26
CA GLN B 3 -9.78 -5.30 30.07
C GLN B 3 -8.94 -6.10 29.08
N LEU B 4 -8.43 -5.42 28.06
CA LEU B 4 -7.59 -6.04 27.05
C LEU B 4 -6.13 -5.75 27.33
N THR B 5 -5.31 -6.79 27.35
CA THR B 5 -3.87 -6.68 27.62
C THR B 5 -3.13 -7.01 26.32
N GLN B 6 -2.81 -5.95 25.57
CA GLN B 6 -2.04 -6.08 24.34
C GLN B 6 -0.57 -5.83 24.64
N SER B 7 0.27 -6.80 24.33
CA SER B 7 1.70 -6.71 24.59
C SER B 7 2.48 -7.15 23.36
N PRO B 8 3.66 -6.56 23.13
CA PRO B 8 4.29 -5.48 23.90
C PRO B 8 3.81 -4.10 23.48
N SER B 9 4.21 -3.06 24.21
CA SER B 9 3.86 -1.69 23.84
C SER B 9 4.77 -1.12 22.76
N SER B 10 5.87 -1.79 22.45
CA SER B 10 6.79 -1.33 21.41
C SER B 10 7.69 -2.49 21.01
N LEU B 11 7.68 -2.83 19.72
CA LEU B 11 8.46 -3.94 19.19
C LEU B 11 9.20 -3.49 17.92
N SER B 12 10.07 -2.51 18.08
CA SER B 12 10.82 -1.99 16.94
C SER B 12 11.68 -3.09 16.31
N ALA B 13 11.52 -3.28 15.00
CA ALA B 13 12.30 -4.26 14.25
C ALA B 13 12.58 -3.70 12.86
N SER B 14 13.25 -4.48 12.03
CA SER B 14 13.66 -4.03 10.72
C SER B 14 12.66 -4.50 9.65
N VAL B 15 12.76 -3.88 8.47
CA VAL B 15 11.86 -4.21 7.37
C VAL B 15 12.18 -5.61 6.88
N GLY B 16 11.14 -6.43 6.76
CA GLY B 16 11.28 -7.81 6.33
C GLY B 16 11.18 -8.83 7.45
N ASP B 17 11.20 -8.39 8.71
CA ASP B 17 11.09 -9.30 9.83
C ASP B 17 9.65 -9.67 10.10
N ARG B 18 9.45 -10.61 11.02
CA ARG B 18 8.12 -11.03 11.43
C ARG B 18 7.69 -10.28 12.70
N VAL B 19 6.40 -9.97 12.78
CA VAL B 19 5.83 -9.25 13.90
C VAL B 19 4.81 -10.13 14.59
N THR B 20 4.81 -10.11 15.93
CA THR B 20 3.86 -10.88 16.71
C THR B 20 3.35 -10.03 17.85
N ILE B 21 2.06 -9.72 17.83
CA ILE B 21 1.40 -8.94 18.87
C ILE B 21 0.36 -9.83 19.54
N THR B 22 0.37 -9.85 20.87
CA THR B 22 -0.53 -10.68 21.65
C THR B 22 -1.53 -9.80 22.39
N CYS B 23 -2.80 -10.19 22.34
CA CYS B 23 -3.86 -9.48 23.05
C CYS B 23 -4.59 -10.47 23.94
N GLN B 24 -4.84 -10.08 25.19
CA GLN B 24 -5.49 -10.95 26.16
C GLN B 24 -6.74 -10.25 26.71
N ALA B 25 -7.85 -10.98 26.74
CA ALA B 25 -9.09 -10.48 27.30
C ALA B 25 -9.32 -11.08 28.68
N THR B 26 -9.86 -10.28 29.59
CA THR B 26 -10.14 -10.76 30.94
C THR B 26 -11.22 -11.83 30.94
N HIS B 27 -12.27 -11.63 30.14
CA HIS B 27 -13.35 -12.60 30.03
C HIS B 27 -13.24 -13.32 28.68
N ASP B 28 -14.27 -14.12 28.36
CA ASP B 28 -14.31 -14.85 27.11
C ASP B 28 -15.09 -14.04 26.08
N ILE B 29 -14.43 -13.68 24.99
CA ILE B 29 -15.05 -12.93 23.90
C ILE B 29 -15.15 -13.77 22.64
N ASN B 30 -14.89 -15.07 22.73
CA ASN B 30 -14.96 -16.01 21.60
C ASN B 30 -13.97 -15.55 20.53
N LYS B 31 -14.40 -15.21 19.33
CA LYS B 31 -13.52 -14.81 18.24
C LYS B 31 -13.68 -13.35 17.86
N PHE B 32 -14.42 -12.56 18.65
CA PHE B 32 -14.85 -11.23 18.24
C PHE B 32 -13.85 -10.20 18.75
N LEU B 33 -12.69 -10.15 18.07
CA LEU B 33 -11.66 -9.16 18.34
C LEU B 33 -11.27 -8.52 17.03
N ASN B 34 -11.18 -7.20 17.02
CA ASN B 34 -10.84 -6.43 15.83
C ASN B 34 -9.50 -5.74 16.03
N TRP B 35 -8.64 -5.82 15.02
CA TRP B 35 -7.33 -5.19 15.04
C TRP B 35 -7.35 -3.97 14.12
N TYR B 36 -7.04 -2.80 14.67
CA TYR B 36 -7.03 -1.55 13.93
C TYR B 36 -5.61 -1.00 13.83
N GLN B 37 -5.35 -0.34 12.71
CA GLN B 37 -4.07 0.31 12.45
C GLN B 37 -4.29 1.82 12.39
N GLN B 38 -3.44 2.57 13.09
CA GLN B 38 -3.60 4.02 13.18
C GLN B 38 -2.25 4.67 12.90
N LYS B 39 -2.16 5.38 11.77
CA LYS B 39 -0.98 6.16 11.47
C LYS B 39 -0.94 7.41 12.34
N PRO B 40 0.25 7.99 12.54
CA PRO B 40 0.35 9.21 13.36
C PRO B 40 -0.49 10.34 12.78
N GLY B 41 -1.45 10.81 13.57
CA GLY B 41 -2.30 11.91 13.16
C GLY B 41 -3.42 11.53 12.24
N LYS B 42 -3.62 10.24 11.97
CA LYS B 42 -4.67 9.78 11.07
C LYS B 42 -5.69 8.94 11.83
N ALA B 43 -6.79 8.65 11.16
CA ALA B 43 -7.85 7.85 11.74
C ALA B 43 -7.48 6.37 11.74
N PRO B 44 -7.97 5.61 12.71
CA PRO B 44 -7.71 4.17 12.71
C PRO B 44 -8.38 3.48 11.53
N LYS B 45 -7.69 2.49 10.98
CA LYS B 45 -8.17 1.72 9.85
C LYS B 45 -8.26 0.25 10.24
N LEU B 46 -9.39 -0.38 9.91
CA LEU B 46 -9.60 -1.77 10.26
C LEU B 46 -8.75 -2.68 9.37
N LEU B 47 -7.95 -3.55 10.01
CA LEU B 47 -7.14 -4.54 9.31
C LEU B 47 -7.68 -5.95 9.46
N ILE B 48 -7.97 -6.37 10.70
CA ILE B 48 -8.42 -7.72 11.00
C ILE B 48 -9.72 -7.64 11.79
N TYR B 49 -10.75 -8.33 11.30
CA TYR B 49 -12.01 -8.44 12.00
C TYR B 49 -12.30 -9.90 12.31
N ASP B 50 -12.96 -10.13 13.43
CA ASP B 50 -13.24 -11.47 13.95
C ASP B 50 -11.95 -12.26 14.18
N ALA B 51 -10.87 -11.54 14.48
CA ALA B 51 -9.59 -12.07 14.94
C ALA B 51 -8.86 -12.92 13.90
N SER B 52 -9.46 -13.17 12.74
CA SER B 52 -8.80 -14.01 11.74
C SER B 52 -9.17 -13.69 10.31
N ASN B 53 -9.99 -12.68 10.05
CA ASN B 53 -10.48 -12.36 8.72
C ASN B 53 -9.88 -11.03 8.27
N LEU B 54 -9.22 -11.05 7.11
CA LEU B 54 -8.69 -9.83 6.52
C LEU B 54 -9.80 -8.93 6.03
N GLU B 55 -9.58 -7.62 6.12
CA GLU B 55 -10.56 -6.68 5.62
C GLU B 55 -10.38 -6.48 4.11
N THR B 56 -11.34 -5.77 3.52
CA THR B 56 -11.33 -5.53 2.08
C THR B 56 -10.19 -4.59 1.72
N GLY B 57 -9.32 -5.03 0.79
CA GLY B 57 -8.21 -4.24 0.33
C GLY B 57 -6.98 -4.32 1.21
N VAL B 58 -7.04 -5.00 2.35
CA VAL B 58 -5.87 -5.05 3.22
C VAL B 58 -4.84 -6.00 2.63
N PRO B 59 -3.54 -5.65 2.61
CA PRO B 59 -2.54 -6.59 2.09
C PRO B 59 -2.55 -7.90 2.84
N SER B 60 -2.18 -8.97 2.13
CA SER B 60 -2.28 -10.32 2.66
C SER B 60 -1.18 -10.65 3.67
N ARG B 61 -0.13 -9.83 3.78
CA ARG B 61 0.91 -10.10 4.75
C ARG B 61 0.41 -10.04 6.18
N PHE B 62 -0.68 -9.30 6.41
CA PHE B 62 -1.30 -9.27 7.73
C PHE B 62 -2.14 -10.53 7.97
N SER B 63 -2.14 -11.00 9.20
CA SER B 63 -2.90 -12.20 9.55
C SER B 63 -3.23 -12.16 11.03
N GLY B 64 -4.28 -12.91 11.39
CA GLY B 64 -4.68 -13.00 12.78
C GLY B 64 -5.08 -14.42 13.12
N SER B 65 -5.10 -14.69 14.42
CA SER B 65 -5.46 -16.02 14.93
C SER B 65 -5.81 -15.90 16.40
N GLY B 66 -6.41 -16.96 16.92
CA GLY B 66 -6.74 -17.02 18.33
C GLY B 66 -8.24 -16.91 18.57
N PHE B 67 -8.69 -17.48 19.69
CA PHE B 67 -10.08 -17.40 20.09
C PHE B 67 -10.16 -17.57 21.60
N GLY B 68 -11.28 -17.12 22.17
CA GLY B 68 -11.47 -17.22 23.59
C GLY B 68 -10.97 -16.01 24.37
N THR B 69 -9.73 -16.06 24.83
CA THR B 69 -9.15 -14.99 25.61
C THR B 69 -7.88 -14.42 25.01
N THR B 70 -7.06 -15.25 24.37
CA THR B 70 -5.78 -14.83 23.80
C THR B 70 -5.88 -14.75 22.28
N PHE B 71 -5.34 -13.67 21.72
CA PHE B 71 -5.34 -13.45 20.27
C PHE B 71 -3.97 -12.96 19.83
N THR B 72 -3.64 -13.28 18.57
CA THR B 72 -2.34 -12.94 18.00
C THR B 72 -2.53 -12.16 16.71
N PHE B 73 -1.75 -11.10 16.55
CA PHE B 73 -1.72 -10.31 15.33
C PHE B 73 -0.32 -10.41 14.74
N THR B 74 -0.23 -10.91 13.51
CA THR B 74 1.06 -11.24 12.91
C THR B 74 1.21 -10.53 11.57
N ILE B 75 2.37 -9.94 11.36
CA ILE B 75 2.75 -9.36 10.07
C ILE B 75 3.82 -10.27 9.47
N SER B 76 3.49 -10.89 8.32
CA SER B 76 4.40 -11.86 7.72
C SER B 76 5.72 -11.22 7.35
N SER B 77 5.67 -10.05 6.71
CA SER B 77 6.88 -9.32 6.34
C SER B 77 6.66 -7.85 6.68
N LEU B 78 7.33 -7.39 7.73
CA LEU B 78 7.22 -5.99 8.15
C LEU B 78 7.68 -5.07 7.02
N GLN B 79 6.92 -4.00 6.80
CA GLN B 79 7.12 -3.12 5.65
C GLN B 79 7.26 -1.67 6.11
N PRO B 80 7.85 -0.82 5.26
CA PRO B 80 7.94 0.61 5.61
C PRO B 80 6.60 1.24 5.95
N GLU B 81 5.60 1.11 5.07
CA GLU B 81 4.30 1.74 5.30
C GLU B 81 3.50 1.08 6.41
N ASP B 82 4.02 0.01 7.03
CA ASP B 82 3.34 -0.66 8.13
C ASP B 82 3.63 -0.02 9.48
N ILE B 83 4.30 1.13 9.50
CA ILE B 83 4.74 1.76 10.73
C ILE B 83 3.59 2.63 11.26
N ALA B 84 2.95 2.14 12.31
CA ALA B 84 1.81 2.81 12.92
C ALA B 84 1.63 2.23 14.32
N THR B 85 0.48 2.51 14.92
CA THR B 85 0.09 1.93 16.21
C THR B 85 -1.09 0.99 16.00
N TYR B 86 -1.01 -0.20 16.59
CA TYR B 86 -2.00 -1.24 16.37
C TYR B 86 -2.71 -1.55 17.67
N PHE B 87 -4.05 -1.55 17.63
CA PHE B 87 -4.89 -1.78 18.78
C PHE B 87 -5.76 -3.01 18.56
N CYS B 88 -6.03 -3.73 19.64
CA CYS B 88 -7.02 -4.80 19.65
C CYS B 88 -8.26 -4.33 20.38
N HIS B 89 -9.42 -4.66 19.85
CA HIS B 89 -10.69 -4.14 20.36
C HIS B 89 -11.75 -5.23 20.27
N GLN B 90 -12.36 -5.55 21.41
CA GLN B 90 -13.54 -6.41 21.44
C GLN B 90 -14.78 -5.53 21.33
N TYR B 91 -15.71 -5.93 20.47
CA TYR B 91 -16.84 -5.07 20.12
C TYR B 91 -18.19 -5.68 20.44
N GLU B 92 -18.24 -6.89 21.01
CA GLU B 92 -19.51 -7.57 21.24
C GLU B 92 -19.91 -7.61 22.70
N ASN B 93 -19.12 -7.00 23.59
CA ASN B 93 -19.45 -6.93 25.01
C ASN B 93 -19.42 -5.46 25.43
N ILE B 94 -20.59 -4.89 25.67
CA ILE B 94 -20.68 -3.48 26.08
C ILE B 94 -20.30 -3.37 27.55
N PRO B 95 -19.39 -2.46 27.93
CA PRO B 95 -18.69 -1.48 27.07
C PRO B 95 -17.54 -2.09 26.28
N PRO B 96 -17.43 -1.76 24.99
CA PRO B 96 -16.30 -2.24 24.19
C PRO B 96 -15.05 -1.43 24.50
N ILE B 97 -13.94 -2.14 24.76
CA ILE B 97 -12.71 -1.55 25.22
C ILE B 97 -11.60 -1.87 24.23
N PHE B 98 -10.72 -0.90 23.97
CA PHE B 98 -9.56 -1.09 23.13
C PHE B 98 -8.38 -1.62 23.94
N GLY B 99 -7.33 -2.02 23.24
CA GLY B 99 -6.10 -2.40 23.88
C GLY B 99 -5.28 -1.19 24.27
N PRO B 100 -4.19 -1.43 25.01
CA PRO B 100 -3.29 -0.31 25.31
C PRO B 100 -2.59 0.23 24.08
N GLY B 101 -2.26 -0.62 23.13
CA GLY B 101 -1.64 -0.14 21.92
C GLY B 101 -0.20 -0.63 21.79
N THR B 102 0.27 -0.74 20.55
CA THR B 102 1.63 -1.16 20.25
C THR B 102 2.22 -0.18 19.24
N LYS B 103 3.20 0.61 19.70
CA LYS B 103 3.89 1.56 18.82
C LYS B 103 4.97 0.81 18.05
N VAL B 104 4.76 0.63 16.76
CA VAL B 104 5.68 -0.11 15.91
C VAL B 104 6.67 0.87 15.30
N GLU B 105 7.94 0.73 15.67
CA GLU B 105 9.04 1.51 15.12
C GLU B 105 9.88 0.62 14.20
N ILE B 106 10.99 1.16 13.71
CA ILE B 106 11.91 0.42 12.85
C ILE B 106 13.31 0.49 13.45
N LYS B 107 14.04 -0.62 13.33
CA LYS B 107 15.47 -0.64 13.57
C LYS B 107 16.18 -0.77 12.24
N ARG B 108 17.31 -0.08 12.11
CA ARG B 108 17.99 0.04 10.82
C ARG B 108 19.45 0.37 11.07
N THR B 109 20.17 0.65 9.98
CA THR B 109 21.55 1.08 10.08
C THR B 109 21.64 2.44 10.76
N VAL B 110 22.73 2.64 11.51
CA VAL B 110 22.95 3.93 12.17
C VAL B 110 23.25 4.98 11.11
N ALA B 111 22.58 6.12 11.21
CA ALA B 111 22.78 7.24 10.29
C ALA B 111 23.02 8.49 11.11
N ALA B 112 24.14 9.16 10.86
CA ALA B 112 24.45 10.37 11.57
C ALA B 112 23.50 11.49 11.17
N PRO B 113 23.17 12.39 12.09
CA PRO B 113 22.28 13.51 11.76
C PRO B 113 23.02 14.66 11.09
N SER B 114 22.37 15.25 10.09
CA SER B 114 22.83 16.52 9.55
C SER B 114 22.38 17.65 10.46
N VAL B 115 23.32 18.47 10.91
CA VAL B 115 23.06 19.49 11.92
C VAL B 115 23.05 20.85 11.24
N PHE B 116 21.95 21.59 11.39
CA PHE B 116 21.83 22.94 10.90
C PHE B 116 21.34 23.85 12.02
N ILE B 117 21.78 25.10 11.98
CA ILE B 117 21.41 26.09 12.99
C ILE B 117 20.81 27.30 12.29
N PHE B 118 19.77 27.88 12.89
CA PHE B 118 19.07 29.03 12.32
C PHE B 118 19.04 30.16 13.34
N PRO B 119 19.68 31.29 13.06
CA PRO B 119 19.58 32.45 13.96
C PRO B 119 18.16 32.97 14.00
N PRO B 120 17.80 33.75 15.01
CA PRO B 120 16.45 34.33 15.05
C PRO B 120 16.26 35.33 13.91
N SER B 121 15.05 35.31 13.34
CA SER B 121 14.74 36.18 12.23
C SER B 121 14.60 37.63 12.69
N ASP B 122 14.85 38.56 11.75
CA ASP B 122 14.71 39.98 12.07
C ASP B 122 13.28 40.33 12.44
N GLU B 123 12.30 39.64 11.86
CA GLU B 123 10.91 39.89 12.22
C GLU B 123 10.66 39.59 13.69
N GLN B 124 11.18 38.46 14.17
CA GLN B 124 10.96 38.09 15.57
C GLN B 124 11.71 39.01 16.52
N LEU B 125 12.90 39.47 16.12
CA LEU B 125 13.67 40.37 16.97
C LEU B 125 12.94 41.69 17.20
N LYS B 126 12.15 42.14 16.22
CA LYS B 126 11.36 43.34 16.42
C LYS B 126 10.23 43.12 17.41
N SER B 127 9.86 41.87 17.65
CA SER B 127 8.81 41.53 18.61
C SER B 127 9.32 41.42 20.04
N GLY B 128 10.64 41.52 20.25
CA GLY B 128 11.20 41.41 21.57
C GLY B 128 11.60 40.02 21.99
N THR B 129 11.72 39.09 21.05
CA THR B 129 12.06 37.71 21.36
C THR B 129 12.98 37.17 20.27
N ALA B 130 13.89 36.30 20.67
CA ALA B 130 14.82 35.66 19.75
C ALA B 130 14.76 34.16 19.95
N SER B 131 14.44 33.42 18.89
CA SER B 131 14.39 31.97 18.91
C SER B 131 15.46 31.42 17.98
N VAL B 132 16.36 30.60 18.52
CA VAL B 132 17.42 29.95 17.76
C VAL B 132 17.05 28.49 17.60
N VAL B 133 17.05 28.02 16.35
CA VAL B 133 16.61 26.67 16.01
C VAL B 133 17.82 25.85 15.59
N CYS B 134 17.93 24.65 16.14
CA CYS B 134 18.98 23.69 15.79
C CYS B 134 18.30 22.45 15.24
N LEU B 135 18.72 22.02 14.05
CA LEU B 135 18.03 20.98 13.30
C LEU B 135 18.90 19.73 13.21
N LEU B 136 18.32 18.58 13.58
CA LEU B 136 18.93 17.27 13.40
C LEU B 136 18.07 16.50 12.41
N ASN B 137 18.61 16.19 11.24
CA ASN B 137 17.84 15.66 10.13
C ASN B 137 18.28 14.25 9.78
N ASN B 138 17.32 13.33 9.74
CA ASN B 138 17.51 11.98 9.20
C ASN B 138 18.65 11.24 9.89
N PHE B 139 18.37 10.86 11.14
CA PHE B 139 19.32 10.10 11.94
C PHE B 139 18.65 8.88 12.55
N TYR B 140 19.49 7.92 12.94
CA TYR B 140 19.08 6.74 13.68
C TYR B 140 20.29 6.25 14.46
N PRO B 141 20.12 5.86 15.73
CA PRO B 141 18.87 5.74 16.50
C PRO B 141 18.27 7.07 16.93
N ARG B 142 17.14 7.00 17.63
CA ARG B 142 16.47 8.22 18.07
C ARG B 142 17.25 8.92 19.18
N GLU B 143 18.06 8.19 19.94
CA GLU B 143 18.75 8.76 21.08
C GLU B 143 19.83 9.72 20.62
N ALA B 144 19.70 11.00 20.98
CA ALA B 144 20.67 12.02 20.63
C ALA B 144 20.63 13.12 21.69
N LYS B 145 21.74 13.85 21.79
CA LYS B 145 21.88 14.93 22.78
C LYS B 145 22.20 16.24 22.08
N VAL B 146 21.44 17.28 22.40
CA VAL B 146 21.68 18.63 21.90
C VAL B 146 21.94 19.53 23.10
N GLN B 147 23.13 20.13 23.15
CA GLN B 147 23.53 21.01 24.23
C GLN B 147 23.72 22.42 23.68
N TRP B 148 22.95 23.36 24.19
CA TRP B 148 23.07 24.75 23.79
C TRP B 148 24.18 25.43 24.58
N LYS B 149 25.06 26.13 23.88
CA LYS B 149 26.12 26.92 24.49
C LYS B 149 26.03 28.36 24.00
N VAL B 150 26.10 29.30 24.93
CA VAL B 150 26.00 30.73 24.63
C VAL B 150 27.21 31.42 25.25
N ASP B 151 28.14 31.86 24.42
CA ASP B 151 29.45 32.32 24.89
C ASP B 151 30.12 31.25 25.75
N ASN B 152 30.02 30.00 25.30
CA ASN B 152 30.51 28.79 25.96
C ASN B 152 29.79 28.48 27.25
N ALA B 153 28.74 29.23 27.61
CA ALA B 153 27.92 28.92 28.77
C ALA B 153 26.81 27.98 28.35
N LEU B 154 26.76 26.82 28.97
CA LEU B 154 25.76 25.81 28.62
C LEU B 154 24.38 26.26 29.08
N GLN B 155 23.40 26.13 28.21
CA GLN B 155 22.04 26.59 28.48
C GLN B 155 21.19 25.41 28.94
N SER B 156 20.41 25.62 29.99
CA SER B 156 19.49 24.61 30.49
C SER B 156 18.17 25.27 30.86
N GLY B 157 17.07 24.67 30.42
CA GLY B 157 15.75 25.12 30.82
C GLY B 157 15.15 26.25 30.01
N ASN B 158 15.77 26.62 28.89
CA ASN B 158 15.21 27.64 28.00
C ASN B 158 15.15 27.15 26.56
N SER B 159 15.14 25.82 26.37
CA SER B 159 15.04 25.21 25.06
C SER B 159 14.08 24.04 25.15
N GLN B 160 13.52 23.68 24.00
CA GLN B 160 12.57 22.58 23.91
C GLN B 160 12.86 21.77 22.66
N GLU B 161 12.70 20.45 22.78
CA GLU B 161 12.96 19.53 21.68
C GLU B 161 11.65 18.98 21.14
N SER B 162 11.68 18.61 19.86
CA SER B 162 10.53 17.99 19.20
C SER B 162 11.06 17.01 18.17
N VAL B 163 10.61 15.76 18.25
CA VAL B 163 11.08 14.69 17.40
C VAL B 163 9.95 14.24 16.50
N THR B 164 10.22 14.15 15.20
CA THR B 164 9.24 13.59 14.28
C THR B 164 9.13 12.08 14.52
N GLU B 165 7.96 11.54 14.23
CA GLU B 165 7.81 10.09 14.23
C GLU B 165 8.75 9.48 13.20
N GLN B 166 9.21 8.26 13.48
CA GLN B 166 10.16 7.62 12.59
C GLN B 166 9.60 7.57 11.18
N ASP B 167 10.33 8.18 10.24
CA ASP B 167 9.85 8.29 8.87
C ASP B 167 9.61 6.91 8.28
N SER B 168 8.48 6.76 7.59
CA SER B 168 8.11 5.48 7.00
C SER B 168 9.14 5.04 5.97
N LYS B 169 9.73 5.97 5.23
CA LYS B 169 10.51 5.62 4.04
C LYS B 169 11.92 5.18 4.42
N ASP B 170 12.72 6.09 4.98
CA ASP B 170 14.11 5.78 5.31
C ASP B 170 14.32 5.37 6.76
N SER B 171 13.25 5.29 7.55
CA SER B 171 13.31 4.76 8.92
C SER B 171 14.18 5.63 9.84
N THR B 172 14.22 6.93 9.59
CA THR B 172 15.04 7.85 10.37
C THR B 172 14.16 8.79 11.18
N TYR B 173 14.81 9.53 12.07
CA TYR B 173 14.16 10.53 12.89
C TYR B 173 14.68 11.92 12.53
N SER B 174 13.92 12.92 12.95
CA SER B 174 14.34 14.31 12.83
C SER B 174 14.00 15.03 14.12
N LEU B 175 14.90 15.91 14.57
CA LEU B 175 14.75 16.60 15.84
C LEU B 175 15.00 18.09 15.65
N SER B 176 14.16 18.90 16.30
CA SER B 176 14.32 20.35 16.30
C SER B 176 14.42 20.82 17.74
N SER B 177 15.46 21.61 18.03
CA SER B 177 15.66 22.20 19.35
C SER B 177 15.59 23.71 19.20
N THR B 178 14.66 24.34 19.91
CA THR B 178 14.40 25.77 19.81
C THR B 178 14.80 26.44 21.11
N LEU B 179 15.82 27.29 21.05
CA LEU B 179 16.28 28.06 22.20
C LEU B 179 15.66 29.44 22.12
N THR B 180 14.92 29.83 23.17
CA THR B 180 14.15 31.06 23.18
C THR B 180 14.67 31.99 24.27
N LEU B 181 15.02 33.21 23.87
CA LEU B 181 15.48 34.24 24.79
C LEU B 181 14.76 35.54 24.47
N SER B 182 14.78 36.46 25.44
CA SER B 182 14.27 37.79 25.18
C SER B 182 15.26 38.54 24.29
N LYS B 183 14.75 39.59 23.63
CA LYS B 183 15.60 40.37 22.73
C LYS B 183 16.79 40.97 23.48
N ALA B 184 16.54 41.54 24.66
CA ALA B 184 17.63 42.12 25.44
C ALA B 184 18.65 41.07 25.86
N ASP B 185 18.16 39.89 26.29
CA ASP B 185 19.09 38.83 26.68
C ASP B 185 19.85 38.28 25.48
N TYR B 186 19.22 38.25 24.31
CA TYR B 186 19.90 37.75 23.12
C TYR B 186 21.02 38.67 22.67
N GLU B 187 20.87 39.98 22.88
CA GLU B 187 21.89 40.93 22.46
C GLU B 187 23.04 41.04 23.45
N LYS B 188 22.95 40.39 24.61
CA LYS B 188 24.05 40.42 25.57
C LYS B 188 25.23 39.57 25.13
N HIS B 189 25.00 38.57 24.28
CA HIS B 189 26.00 37.56 23.97
C HIS B 189 26.30 37.53 22.48
N LYS B 190 27.40 36.87 22.13
CA LYS B 190 27.90 36.84 20.76
C LYS B 190 27.80 35.45 20.15
N VAL B 191 28.42 34.44 20.76
CA VAL B 191 28.53 33.11 20.17
C VAL B 191 27.36 32.25 20.64
N TYR B 192 26.56 31.79 19.68
CA TYR B 192 25.45 30.89 19.93
C TYR B 192 25.70 29.58 19.20
N ALA B 193 25.64 28.46 19.91
CA ALA B 193 25.99 27.18 19.34
C ALA B 193 25.14 26.08 19.95
N CYS B 194 24.83 25.08 19.13
CA CYS B 194 24.24 23.83 19.60
C CYS B 194 25.21 22.69 19.32
N GLU B 195 25.50 21.91 20.36
CA GLU B 195 26.46 20.81 20.28
C GLU B 195 25.68 19.51 20.24
N VAL B 196 25.81 18.77 19.14
CA VAL B 196 25.05 17.56 18.90
C VAL B 196 25.92 16.35 19.23
N THR B 197 25.48 15.56 20.20
CA THR B 197 26.12 14.31 20.56
C THR B 197 25.23 13.17 20.10
N HIS B 198 25.73 12.36 19.17
CA HIS B 198 24.96 11.26 18.61
C HIS B 198 25.85 10.05 18.41
N GLN B 199 25.22 8.88 18.35
CA GLN B 199 25.96 7.63 18.20
C GLN B 199 26.80 7.62 16.93
N GLY B 200 26.20 8.00 15.80
CA GLY B 200 26.91 7.99 14.53
C GLY B 200 28.00 9.02 14.39
N LEU B 201 28.23 9.83 15.42
CA LEU B 201 29.25 10.87 15.41
C LEU B 201 30.44 10.40 16.23
N SER B 202 31.63 10.38 15.63
CA SER B 202 32.83 10.05 16.38
C SER B 202 33.06 11.05 17.50
N SER B 203 32.87 12.33 17.21
CA SER B 203 33.00 13.40 18.18
C SER B 203 31.81 14.35 18.05
N PRO B 204 31.40 14.99 19.15
CA PRO B 204 30.23 15.87 19.09
C PRO B 204 30.42 16.97 18.05
N VAL B 205 29.36 17.20 17.27
CA VAL B 205 29.38 18.17 16.19
C VAL B 205 28.73 19.45 16.68
N THR B 206 29.40 20.59 16.47
CA THR B 206 28.93 21.89 16.93
C THR B 206 28.72 22.79 15.72
N LYS B 207 27.50 23.33 15.61
CA LYS B 207 27.19 24.36 14.62
C LYS B 207 26.93 25.66 15.36
N SER B 208 27.57 26.74 14.90
CA SER B 208 27.57 28.00 15.64
C SER B 208 27.50 29.17 14.69
N PHE B 209 27.09 30.31 15.23
CA PHE B 209 27.11 31.58 14.52
C PHE B 209 27.36 32.69 15.52
N ASN B 210 27.77 33.85 15.01
CA ASN B 210 27.99 35.04 15.82
C ASN B 210 26.87 36.05 15.54
N ARG B 211 26.30 36.60 16.61
CA ARG B 211 25.20 37.54 16.47
C ARG B 211 25.65 38.77 15.70
N GLY B 212 24.91 39.09 14.64
CA GLY B 212 25.22 40.25 13.81
C GLY B 212 26.34 40.04 12.82
N GLU B 213 26.44 38.85 12.25
CA GLU B 213 27.45 38.54 11.24
C GLU B 213 26.83 37.68 10.15
N CYS B 214 27.38 37.79 8.95
CA CYS B 214 26.90 37.01 7.81
C CYS B 214 27.21 35.53 7.99
N THR C 7 31.31 56.77 -34.21
CA THR C 7 31.88 55.51 -34.68
C THR C 7 32.79 54.88 -33.62
N ASN C 8 32.69 53.57 -33.47
CA ASN C 8 33.45 52.83 -32.47
C ASN C 8 33.22 51.33 -32.69
N LEU C 9 34.16 50.53 -32.22
CA LEU C 9 34.01 49.08 -32.30
C LEU C 9 32.87 48.62 -31.40
N CYS C 10 32.18 47.57 -31.83
CA CYS C 10 31.05 47.08 -31.08
C CYS C 10 31.50 46.45 -29.76
N PRO C 11 30.77 46.69 -28.67
CA PRO C 11 31.11 46.07 -27.37
C PRO C 11 30.69 44.62 -27.28
N PHE C 12 31.25 43.78 -28.16
CA PHE C 12 30.91 42.37 -28.14
C PHE C 12 31.58 41.63 -27.00
N GLY C 13 32.67 42.18 -26.44
CA GLY C 13 33.28 41.54 -25.28
C GLY C 13 32.34 41.49 -24.09
N GLU C 14 31.53 42.52 -23.91
CA GLU C 14 30.55 42.52 -22.82
C GLU C 14 29.50 41.44 -22.97
N VAL C 15 29.25 40.97 -24.20
CA VAL C 15 28.21 39.98 -24.44
C VAL C 15 28.80 38.58 -24.36
N PHE C 16 29.82 38.31 -25.19
CA PHE C 16 30.39 36.97 -25.24
C PHE C 16 31.14 36.62 -23.95
N ASN C 17 31.92 37.56 -23.44
CA ASN C 17 32.74 37.33 -22.25
C ASN C 17 32.03 37.74 -20.95
N ALA C 18 30.71 37.82 -20.96
CA ALA C 18 29.97 38.13 -19.75
C ALA C 18 30.15 37.05 -18.71
N THR C 19 30.26 37.47 -17.44
CA THR C 19 30.50 36.51 -16.37
C THR C 19 29.29 35.61 -16.14
N ARG C 20 28.09 36.19 -16.11
CA ARG C 20 26.86 35.43 -15.94
C ARG C 20 25.94 35.65 -17.13
N PHE C 21 25.22 34.60 -17.50
CA PHE C 21 24.27 34.64 -18.59
C PHE C 21 22.85 34.48 -18.06
N ALA C 22 21.90 35.06 -18.78
CA ALA C 22 20.51 34.94 -18.39
C ALA C 22 19.96 33.58 -18.78
N SER C 23 18.89 33.18 -18.11
CA SER C 23 18.21 31.94 -18.47
C SER C 23 17.48 32.11 -19.80
N VAL C 24 17.24 30.99 -20.48
CA VAL C 24 16.68 31.04 -21.83
C VAL C 24 15.28 31.67 -21.82
N TYR C 25 14.50 31.42 -20.76
CA TYR C 25 13.17 32.02 -20.69
C TYR C 25 13.26 33.52 -20.49
N ALA C 26 14.33 34.00 -19.84
CA ALA C 26 14.56 35.42 -19.66
C ALA C 26 15.75 35.88 -20.49
N TRP C 27 15.77 35.52 -21.77
CA TRP C 27 16.94 35.79 -22.60
C TRP C 27 17.24 37.29 -22.66
N ASN C 28 18.51 37.63 -22.39
CA ASN C 28 18.93 39.02 -22.39
C ASN C 28 19.21 39.50 -23.80
N ARG C 29 18.90 40.76 -24.06
CA ARG C 29 19.10 41.37 -25.37
C ARG C 29 19.96 42.62 -25.22
N LYS C 30 21.01 42.71 -26.03
CA LYS C 30 21.90 43.86 -26.07
C LYS C 30 21.68 44.61 -27.38
N ARG C 31 21.18 45.84 -27.28
CA ARG C 31 20.92 46.67 -28.45
C ARG C 31 22.12 47.56 -28.71
N ILE C 32 22.76 47.39 -29.86
CA ILE C 32 23.96 48.13 -30.23
C ILE C 32 23.69 48.89 -31.51
N SER C 33 24.19 50.13 -31.58
CA SER C 33 24.02 50.97 -32.76
C SER C 33 24.85 50.41 -33.92
N ASN C 34 24.76 51.09 -35.07
CA ASN C 34 25.48 50.67 -36.27
C ASN C 34 26.97 50.93 -36.06
N CYS C 35 27.61 50.01 -35.34
CA CYS C 35 29.04 50.06 -35.08
C CYS C 35 29.77 49.14 -36.06
N VAL C 36 31.09 49.19 -36.00
CA VAL C 36 31.94 48.33 -36.82
C VAL C 36 32.50 47.23 -35.92
N ALA C 37 32.72 46.06 -36.51
CA ALA C 37 33.25 44.92 -35.78
C ALA C 37 33.82 43.93 -36.78
N ASP C 38 35.00 43.39 -36.47
CA ASP C 38 35.62 42.38 -37.32
C ASP C 38 34.87 41.06 -37.14
N TYR C 39 33.70 40.98 -37.79
CA TYR C 39 32.89 39.78 -37.72
C TYR C 39 33.63 38.56 -38.26
N SER C 40 34.61 38.76 -39.13
CA SER C 40 35.41 37.63 -39.58
C SER C 40 36.24 37.03 -38.45
N VAL C 41 36.68 37.87 -37.51
CA VAL C 41 37.45 37.37 -36.37
C VAL C 41 36.54 36.60 -35.42
N LEU C 42 35.29 37.05 -35.26
CA LEU C 42 34.34 36.33 -34.42
C LEU C 42 34.10 34.93 -34.96
N TYR C 43 33.84 34.81 -36.27
CA TYR C 43 33.69 33.49 -36.87
C TYR C 43 35.00 32.71 -36.80
N ASN C 44 36.14 33.42 -36.83
CA ASN C 44 37.45 32.79 -36.70
C ASN C 44 37.94 32.74 -35.26
N SER C 45 37.02 32.72 -34.28
CA SER C 45 37.36 32.53 -32.89
C SER C 45 37.24 31.05 -32.55
N ALA C 46 38.31 30.49 -31.97
CA ALA C 46 38.33 29.06 -31.68
C ALA C 46 37.39 28.67 -30.55
N SER C 47 36.92 29.64 -29.75
CA SER C 47 36.05 29.32 -28.62
C SER C 47 34.66 28.85 -29.06
N PHE C 48 34.24 29.20 -30.28
CA PHE C 48 32.88 28.94 -30.74
C PHE C 48 32.84 27.60 -31.48
N SER C 49 32.08 26.65 -30.94
CA SER C 49 31.89 25.36 -31.58
C SER C 49 30.72 25.36 -32.56
N THR C 50 29.74 26.23 -32.37
CA THR C 50 28.59 26.35 -33.25
C THR C 50 28.53 27.77 -33.79
N PHE C 51 28.51 27.90 -35.12
CA PHE C 51 28.46 29.22 -35.76
C PHE C 51 27.69 29.06 -37.08
N LYS C 52 26.39 29.27 -37.02
CA LYS C 52 25.50 29.10 -38.17
C LYS C 52 24.83 30.44 -38.47
N CYS C 53 24.97 30.91 -39.70
CA CYS C 53 24.38 32.18 -40.12
C CYS C 53 23.29 31.92 -41.16
N TYR C 54 22.30 32.81 -41.17
CA TYR C 54 21.15 32.67 -42.06
C TYR C 54 20.89 34.00 -42.75
N GLY C 55 20.67 33.95 -44.06
CA GLY C 55 20.44 35.14 -44.85
C GLY C 55 21.66 36.00 -45.12
N VAL C 56 22.84 35.59 -44.65
CA VAL C 56 24.06 36.38 -44.82
C VAL C 56 25.27 35.52 -44.49
N SER C 57 26.39 35.77 -45.17
CA SER C 57 27.61 35.03 -44.91
C SER C 57 28.39 35.63 -43.74
N PRO C 58 29.07 34.79 -42.96
CA PRO C 58 29.83 35.32 -41.81
C PRO C 58 30.88 36.35 -42.19
N THR C 59 31.58 36.14 -43.30
CA THR C 59 32.65 37.06 -43.69
C THR C 59 32.07 38.37 -44.23
N LYS C 60 30.85 38.33 -44.76
CA LYS C 60 30.22 39.50 -45.36
C LYS C 60 29.29 40.22 -44.39
N LEU C 61 29.50 40.03 -43.07
CA LEU C 61 28.65 40.71 -42.09
C LEU C 61 28.95 42.20 -42.03
N ASN C 62 30.23 42.59 -42.12
CA ASN C 62 30.56 44.01 -42.16
C ASN C 62 29.97 44.68 -43.39
N ASP C 63 29.79 43.93 -44.46
CA ASP C 63 29.13 44.42 -45.67
C ASP C 63 27.63 44.18 -45.60
N LEU C 64 27.02 44.61 -44.51
CA LEU C 64 25.58 44.63 -44.35
C LEU C 64 25.13 46.05 -44.07
N CYS C 65 23.92 46.38 -44.49
CA CYS C 65 23.33 47.69 -44.26
C CYS C 65 22.15 47.54 -43.32
N PHE C 66 22.30 48.05 -42.11
CA PHE C 66 21.29 47.93 -41.08
C PHE C 66 21.37 49.16 -40.18
N THR C 67 20.48 49.22 -39.19
CA THR C 67 20.49 50.30 -38.21
C THR C 67 20.99 49.77 -36.87
N ASN C 68 20.18 48.99 -36.16
CA ASN C 68 20.55 48.41 -34.89
C ASN C 68 20.80 46.92 -35.03
N VAL C 69 21.83 46.42 -34.34
CA VAL C 69 22.12 45.00 -34.24
C VAL C 69 21.81 44.55 -32.83
N TYR C 70 21.13 43.41 -32.71
CA TYR C 70 20.73 42.87 -31.42
C TYR C 70 21.55 41.64 -31.10
N ALA C 71 22.08 41.59 -29.88
CA ALA C 71 22.88 40.46 -29.39
C ALA C 71 22.10 39.79 -28.26
N ASP C 72 21.29 38.80 -28.61
CA ASP C 72 20.55 38.04 -27.62
C ASP C 72 21.42 36.93 -27.05
N SER C 73 21.32 36.72 -25.75
CA SER C 73 22.19 35.75 -25.09
C SER C 73 21.43 35.05 -23.96
N PHE C 74 21.75 33.77 -23.78
CA PHE C 74 21.08 32.92 -22.80
C PHE C 74 21.85 31.61 -22.70
N VAL C 75 21.37 30.72 -21.84
CA VAL C 75 22.00 29.43 -21.60
C VAL C 75 20.97 28.33 -21.83
N ILE C 76 21.33 27.35 -22.67
CA ILE C 76 20.54 26.14 -22.87
C ILE C 76 21.49 24.95 -22.76
N ARG C 77 20.91 23.75 -22.88
CA ARG C 77 21.69 22.52 -22.81
C ARG C 77 22.18 22.14 -24.22
N GLY C 78 22.94 21.05 -24.29
CA GLY C 78 23.61 20.69 -25.53
C GLY C 78 22.65 20.32 -26.65
N ASP C 79 21.74 19.37 -26.39
CA ASP C 79 20.86 18.88 -27.44
C ASP C 79 19.75 19.86 -27.81
N GLU C 80 19.66 21.01 -27.16
CA GLU C 80 18.66 22.02 -27.49
C GLU C 80 19.22 23.13 -28.37
N VAL C 81 20.52 23.09 -28.68
CA VAL C 81 21.11 24.10 -29.56
C VAL C 81 20.51 24.01 -30.96
N ARG C 82 20.09 22.81 -31.37
CA ARG C 82 19.48 22.64 -32.69
C ARG C 82 18.19 23.42 -32.84
N GLN C 83 17.53 23.78 -31.74
CA GLN C 83 16.28 24.51 -31.80
C GLN C 83 16.46 26.01 -32.01
N ILE C 84 17.68 26.53 -31.86
CA ILE C 84 17.94 27.96 -32.09
C ILE C 84 18.24 28.11 -33.57
N ALA C 85 17.18 28.03 -34.38
CA ALA C 85 17.28 28.11 -35.83
C ALA C 85 15.90 28.36 -36.41
N PRO C 86 15.79 29.01 -37.58
CA PRO C 86 14.47 29.27 -38.16
C PRO C 86 13.75 27.98 -38.51
N GLY C 87 12.45 27.93 -38.18
CA GLY C 87 11.63 26.80 -38.54
C GLY C 87 11.71 25.61 -37.61
N GLN C 88 12.20 25.79 -36.39
CA GLN C 88 12.36 24.71 -35.44
C GLN C 88 11.20 24.69 -34.44
N THR C 89 10.95 23.51 -33.88
CA THR C 89 9.95 23.31 -32.85
C THR C 89 10.60 22.64 -31.65
N GLY C 90 9.84 22.55 -30.56
CA GLY C 90 10.32 22.02 -29.31
C GLY C 90 10.08 22.98 -28.17
N LYS C 91 10.45 22.52 -26.97
CA LYS C 91 10.18 23.31 -25.76
C LYS C 91 10.87 24.66 -25.80
N ILE C 92 12.07 24.72 -26.37
CA ILE C 92 12.81 25.98 -26.41
C ILE C 92 12.27 26.89 -27.51
N ALA C 93 12.13 26.37 -28.72
CA ALA C 93 11.68 27.20 -29.84
C ALA C 93 10.24 27.66 -29.66
N ASP C 94 9.39 26.84 -29.03
CA ASP C 94 7.98 27.20 -28.89
C ASP C 94 7.75 28.09 -27.68
N TYR C 95 8.40 27.78 -26.55
CA TYR C 95 8.02 28.38 -25.28
C TYR C 95 9.09 29.26 -24.65
N ASN C 96 10.26 29.39 -25.27
CA ASN C 96 11.35 30.13 -24.63
C ASN C 96 11.96 31.19 -25.55
N TYR C 97 12.41 30.77 -26.73
CA TYR C 97 13.08 31.67 -27.66
C TYR C 97 12.81 31.19 -29.08
N LYS C 98 12.16 32.03 -29.88
CA LYS C 98 11.73 31.67 -31.22
C LYS C 98 12.36 32.60 -32.24
N LEU C 99 13.01 32.02 -33.25
CA LEU C 99 13.54 32.81 -34.35
C LEU C 99 12.55 32.83 -35.52
N PRO C 100 12.48 33.94 -36.25
CA PRO C 100 11.56 34.01 -37.37
C PRO C 100 12.05 33.16 -38.54
N ASP C 101 11.11 32.88 -39.45
CA ASP C 101 11.45 32.08 -40.63
C ASP C 101 12.40 32.83 -41.57
N ASP C 102 12.26 34.15 -41.67
CA ASP C 102 13.14 34.99 -42.48
C ASP C 102 14.26 35.60 -41.65
N PHE C 103 14.75 34.88 -40.64
CA PHE C 103 15.80 35.41 -39.77
C PHE C 103 17.05 35.75 -40.58
N THR C 104 17.59 36.94 -40.33
CA THR C 104 18.85 37.39 -40.94
C THR C 104 19.84 37.65 -39.82
N GLY C 105 20.84 36.78 -39.72
CA GLY C 105 21.81 36.89 -38.64
C GLY C 105 22.53 35.57 -38.45
N CYS C 106 23.08 35.40 -37.26
CA CYS C 106 23.91 34.25 -36.94
C CYS C 106 23.56 33.71 -35.55
N VAL C 107 23.77 32.41 -35.37
CA VAL C 107 23.59 31.74 -34.10
C VAL C 107 24.95 31.25 -33.63
N ILE C 108 25.38 31.70 -32.46
CA ILE C 108 26.68 31.38 -31.90
C ILE C 108 26.49 30.67 -30.57
N ALA C 109 27.24 29.58 -30.36
CA ALA C 109 27.13 28.81 -29.14
C ALA C 109 28.46 28.12 -28.84
N TRP C 110 28.67 27.81 -27.57
CA TRP C 110 29.88 27.12 -27.14
C TRP C 110 29.60 26.41 -25.82
N ASN C 111 30.38 25.36 -25.56
CA ASN C 111 30.21 24.56 -24.36
C ASN C 111 30.67 25.35 -23.13
N SER C 112 29.83 25.40 -22.10
CA SER C 112 30.13 26.13 -20.87
C SER C 112 30.02 25.23 -19.65
N ASN C 113 30.37 23.95 -19.79
CA ASN C 113 30.28 23.03 -18.66
C ASN C 113 31.20 23.45 -17.51
N ASN C 114 32.36 24.02 -17.84
CA ASN C 114 33.32 24.42 -16.82
C ASN C 114 32.85 25.64 -16.01
N LEU C 115 31.84 26.36 -16.47
CA LEU C 115 31.38 27.58 -15.81
C LEU C 115 30.02 27.45 -15.15
N ASP C 116 29.06 26.81 -15.81
CA ASP C 116 27.68 26.81 -15.35
C ASP C 116 27.26 25.49 -14.69
N SER C 117 28.20 24.57 -14.48
CA SER C 117 27.92 23.31 -13.80
CA SER C 117 27.92 23.31 -13.80
C SER C 117 28.62 23.30 -12.45
N LYS C 118 27.94 22.76 -11.44
CA LYS C 118 28.45 22.67 -10.09
C LYS C 118 28.21 21.28 -9.53
N VAL C 119 29.16 20.78 -8.75
CA VAL C 119 29.00 19.49 -8.10
C VAL C 119 27.77 19.54 -7.20
N GLY C 120 26.90 18.54 -7.36
CA GLY C 120 25.59 18.56 -6.73
C GLY C 120 24.50 19.19 -7.57
N GLY C 121 24.82 19.65 -8.77
CA GLY C 121 23.81 20.20 -9.66
C GLY C 121 23.67 21.70 -9.57
N ASN C 122 23.70 22.39 -10.71
CA ASN C 122 23.42 23.82 -10.77
C ASN C 122 22.02 24.03 -11.36
N TYR C 123 21.12 24.56 -10.55
CA TYR C 123 19.73 24.78 -10.94
C TYR C 123 19.41 26.27 -11.11
N ASN C 124 20.43 27.12 -11.26
CA ASN C 124 20.17 28.54 -11.43
C ASN C 124 19.50 28.84 -12.77
N TYR C 125 19.86 28.11 -13.81
CA TYR C 125 19.30 28.34 -15.12
C TYR C 125 17.98 27.60 -15.28
N ARG C 126 16.99 28.28 -15.84
CA ARG C 126 15.63 27.76 -15.93
C ARG C 126 15.12 27.89 -17.35
N TYR C 127 14.02 27.21 -17.62
CA TYR C 127 13.37 27.26 -18.93
C TYR C 127 11.88 27.10 -18.74
N ARG C 128 11.12 27.60 -19.71
CA ARG C 128 9.66 27.46 -19.68
C ARG C 128 9.27 26.08 -20.19
N LEU C 129 8.61 25.31 -19.34
CA LEU C 129 8.17 23.97 -19.70
C LEU C 129 6.71 23.92 -20.12
N PHE C 130 5.88 24.79 -19.56
CA PHE C 130 4.45 24.81 -19.84
C PHE C 130 4.06 26.16 -20.43
N ARG C 131 3.34 26.14 -21.55
CA ARG C 131 2.77 27.34 -22.13
C ARG C 131 1.62 26.94 -23.04
N LYS C 132 0.54 27.71 -23.01
CA LYS C 132 -0.65 27.35 -23.79
C LYS C 132 -0.41 27.48 -25.29
N SER C 133 0.40 28.44 -25.72
CA SER C 133 0.62 28.68 -27.14
C SER C 133 2.10 28.96 -27.39
N ASN C 134 2.49 28.90 -28.65
CA ASN C 134 3.88 29.13 -29.03
C ASN C 134 4.22 30.60 -29.03
N LEU C 135 5.48 30.90 -28.74
CA LEU C 135 5.95 32.28 -28.76
C LEU C 135 6.06 32.80 -30.19
N LYS C 136 5.78 34.10 -30.34
CA LYS C 136 6.06 34.78 -31.58
C LYS C 136 7.57 34.96 -31.73
N PRO C 137 8.06 35.19 -32.94
CA PRO C 137 9.49 35.44 -33.12
C PRO C 137 9.95 36.62 -32.27
N PHE C 138 11.06 36.41 -31.54
CA PHE C 138 11.64 37.42 -30.66
C PHE C 138 10.68 37.84 -29.55
N GLU C 139 9.82 36.92 -29.12
CA GLU C 139 8.96 37.15 -27.97
C GLU C 139 9.61 36.53 -26.74
N ARG C 140 9.45 37.19 -25.60
CA ARG C 140 10.03 36.76 -24.34
C ARG C 140 8.92 36.63 -23.31
N ASP C 141 8.90 35.50 -22.59
CA ASP C 141 7.89 35.28 -21.56
C ASP C 141 8.55 34.68 -20.31
N ILE C 142 8.50 35.39 -19.19
CA ILE C 142 9.04 34.88 -17.94
C ILE C 142 7.96 34.71 -16.88
N SER C 143 6.69 34.86 -17.24
CA SER C 143 5.62 34.85 -16.24
C SER C 143 5.63 33.53 -15.46
N THR C 144 5.17 33.60 -14.22
CA THR C 144 5.14 32.43 -13.34
C THR C 144 3.74 32.19 -12.79
N GLU C 145 2.72 32.58 -13.55
CA GLU C 145 1.36 32.23 -13.15
C GLU C 145 1.21 30.72 -13.16
N ILE C 146 0.53 30.19 -12.15
CA ILE C 146 0.44 28.74 -12.02
C ILE C 146 -0.27 28.18 -13.24
N TYR C 147 0.42 27.32 -13.98
CA TYR C 147 -0.10 26.83 -15.25
C TYR C 147 -1.26 25.89 -14.99
N GLN C 148 -2.45 26.29 -15.43
CA GLN C 148 -3.67 25.52 -15.18
C GLN C 148 -3.76 24.42 -16.23
N ALA C 149 -3.22 23.25 -15.88
CA ALA C 149 -3.32 22.10 -16.76
C ALA C 149 -4.63 21.34 -16.58
N GLY C 150 -5.47 21.73 -15.62
CA GLY C 150 -6.69 21.03 -15.33
C GLY C 150 -7.91 21.93 -15.53
N SER C 151 -9.09 21.32 -15.38
CA SER C 151 -10.34 22.05 -15.53
C SER C 151 -10.68 22.89 -14.30
N LYS C 152 -10.10 22.56 -13.15
CA LYS C 152 -10.27 23.33 -11.93
C LYS C 152 -9.24 24.45 -11.90
N PRO C 153 -9.65 25.66 -11.50
CA PRO C 153 -8.70 26.76 -11.42
C PRO C 153 -7.69 26.56 -10.31
N CYS C 154 -6.49 27.08 -10.51
CA CYS C 154 -5.40 26.88 -9.57
C CYS C 154 -5.40 27.88 -8.42
N ASN C 155 -5.79 29.13 -8.69
CA ASN C 155 -5.86 30.18 -7.67
C ASN C 155 -4.50 30.40 -7.01
N GLY C 156 -3.46 30.48 -7.84
CA GLY C 156 -2.11 30.64 -7.32
C GLY C 156 -1.63 29.49 -6.46
N VAL C 157 -2.29 28.33 -6.55
CA VAL C 157 -1.97 27.17 -5.73
C VAL C 157 -1.49 26.06 -6.65
N GLU C 158 -0.25 25.63 -6.45
CA GLU C 158 0.35 24.60 -7.29
C GLU C 158 -0.03 23.22 -6.76
N GLY C 159 0.00 22.25 -7.66
CA GLY C 159 -0.26 20.87 -7.27
C GLY C 159 -0.57 20.03 -8.49
N PHE C 160 -1.45 19.05 -8.29
CA PHE C 160 -1.96 18.26 -9.40
C PHE C 160 -2.70 19.16 -10.38
N ASN C 161 -2.33 19.06 -11.65
CA ASN C 161 -2.89 19.87 -12.74
C ASN C 161 -2.64 21.36 -12.54
N CYS C 162 -1.66 21.71 -11.70
CA CYS C 162 -1.32 23.10 -11.40
C CYS C 162 0.19 23.14 -11.14
N TYR C 163 0.95 23.37 -12.20
CA TYR C 163 2.40 23.23 -12.18
C TYR C 163 3.06 24.59 -12.40
N PHE C 164 4.18 24.78 -11.74
CA PHE C 164 4.99 25.97 -11.99
C PHE C 164 5.49 25.95 -13.43
N PRO C 165 5.29 27.02 -14.21
CA PRO C 165 5.63 26.95 -15.63
C PRO C 165 7.12 26.90 -15.92
N LEU C 166 7.97 27.22 -14.94
CA LEU C 166 9.41 27.20 -15.14
C LEU C 166 10.02 25.99 -14.43
N GLN C 167 11.00 25.36 -15.10
CA GLN C 167 11.75 24.27 -14.53
C GLN C 167 13.24 24.56 -14.67
N SER C 168 14.00 24.12 -13.67
CA SER C 168 15.44 24.38 -13.63
C SER C 168 16.21 23.28 -14.35
N TYR C 169 17.26 23.67 -15.06
CA TYR C 169 18.18 22.70 -15.63
C TYR C 169 18.98 22.03 -14.53
N GLY C 170 19.36 20.78 -14.77
CA GLY C 170 20.21 20.06 -13.82
C GLY C 170 21.62 19.92 -14.35
N PHE C 171 22.41 20.97 -14.21
CA PHE C 171 23.74 21.03 -14.80
C PHE C 171 24.77 20.48 -13.82
N GLN C 172 25.25 19.26 -14.09
CA GLN C 172 26.33 18.62 -13.37
C GLN C 172 27.54 18.43 -14.27
N PRO C 173 28.76 18.49 -13.73
CA PRO C 173 29.95 18.28 -14.57
C PRO C 173 29.99 16.91 -15.24
N THR C 174 29.38 15.89 -14.64
CA THR C 174 29.39 14.55 -15.19
C THR C 174 28.24 14.29 -16.15
N ASN C 175 27.41 15.30 -16.43
CA ASN C 175 26.31 15.12 -17.38
C ASN C 175 26.85 14.88 -18.78
N GLY C 176 26.05 14.19 -19.59
CA GLY C 176 26.38 14.03 -20.99
C GLY C 176 26.41 15.35 -21.73
N VAL C 177 27.13 15.35 -22.86
CA VAL C 177 27.33 16.58 -23.60
C VAL C 177 25.99 17.12 -24.13
N GLY C 178 25.01 16.24 -24.35
CA GLY C 178 23.69 16.70 -24.69
C GLY C 178 22.96 17.39 -23.56
N TYR C 179 23.46 17.23 -22.33
CA TYR C 179 22.84 17.82 -21.15
C TYR C 179 23.76 18.80 -20.44
N GLN C 180 24.89 19.17 -21.06
CA GLN C 180 25.79 20.15 -20.48
C GLN C 180 25.38 21.56 -20.90
N PRO C 181 25.67 22.57 -20.09
CA PRO C 181 25.22 23.93 -20.41
C PRO C 181 25.98 24.52 -21.58
N TYR C 182 25.24 25.21 -22.44
CA TYR C 182 25.81 25.91 -23.60
C TYR C 182 25.32 27.35 -23.58
N ARG C 183 26.26 28.29 -23.68
CA ARG C 183 25.93 29.71 -23.78
C ARG C 183 25.75 30.08 -25.24
N VAL C 184 24.66 30.76 -25.55
CA VAL C 184 24.27 31.05 -26.93
C VAL C 184 24.20 32.56 -27.10
N VAL C 185 24.70 33.04 -28.25
CA VAL C 185 24.62 34.45 -28.62
C VAL C 185 24.01 34.52 -30.02
N VAL C 186 22.92 35.27 -30.15
CA VAL C 186 22.20 35.40 -31.42
C VAL C 186 22.32 36.85 -31.89
N LEU C 187 22.94 37.04 -33.05
CA LEU C 187 23.08 38.36 -33.66
C LEU C 187 22.02 38.50 -34.75
N SER C 188 21.20 39.54 -34.64
CA SER C 188 20.20 39.87 -35.66
C SER C 188 20.43 41.29 -36.15
N PHE C 189 20.01 41.55 -37.39
CA PHE C 189 20.29 42.83 -38.05
C PHE C 189 18.98 43.41 -38.55
N GLU C 190 18.64 44.61 -38.08
CA GLU C 190 17.51 45.38 -38.60
C GLU C 190 17.87 45.92 -39.98
N LEU C 191 17.71 45.06 -40.98
CA LEU C 191 18.09 45.40 -42.34
C LEU C 191 17.25 46.57 -42.85
N LEU C 192 17.91 47.59 -43.40
CA LEU C 192 17.23 48.67 -44.08
C LEU C 192 17.07 48.37 -45.56
N THR D 7 -61.61 -31.19 30.20
CA THR D 7 -60.30 -31.10 30.84
C THR D 7 -59.32 -32.09 30.22
N ASN D 8 -58.07 -31.65 30.06
CA ASN D 8 -57.02 -32.48 29.47
C ASN D 8 -55.69 -31.76 29.66
N LEU D 9 -54.62 -32.55 29.70
CA LEU D 9 -53.29 -32.00 29.87
C LEU D 9 -52.82 -31.26 28.62
N CYS D 10 -52.05 -30.20 28.83
CA CYS D 10 -51.53 -29.41 27.73
C CYS D 10 -50.44 -30.18 27.00
N PRO D 11 -50.38 -30.10 25.67
CA PRO D 11 -49.32 -30.79 24.90
C PRO D 11 -47.98 -30.06 24.96
N PHE D 12 -47.44 -29.93 26.17
CA PHE D 12 -46.16 -29.26 26.36
C PHE D 12 -44.98 -30.12 25.94
N GLY D 13 -45.15 -31.45 25.88
CA GLY D 13 -44.08 -32.30 25.40
C GLY D 13 -43.71 -32.01 23.96
N GLU D 14 -44.70 -31.67 23.13
CA GLU D 14 -44.44 -31.32 21.75
C GLU D 14 -43.60 -30.05 21.61
N VAL D 15 -43.62 -29.17 22.61
CA VAL D 15 -42.91 -27.90 22.55
C VAL D 15 -41.51 -28.06 23.12
N PHE D 16 -41.42 -28.49 24.38
CA PHE D 16 -40.11 -28.59 25.05
C PHE D 16 -39.26 -29.71 24.45
N ASN D 17 -39.86 -30.87 24.18
CA ASN D 17 -39.13 -32.01 23.65
C ASN D 17 -39.15 -32.08 22.13
N ALA D 18 -39.38 -30.95 21.46
CA ALA D 18 -39.35 -30.94 20.01
C ALA D 18 -37.95 -31.25 19.50
N THR D 19 -37.87 -31.99 18.40
CA THR D 19 -36.56 -32.39 17.86
C THR D 19 -35.80 -31.20 17.31
N ARG D 20 -36.47 -30.34 16.54
CA ARG D 20 -35.85 -29.15 15.96
C ARG D 20 -36.57 -27.90 16.43
N PHE D 21 -35.81 -26.83 16.61
CA PHE D 21 -36.35 -25.54 17.03
C PHE D 21 -36.21 -24.53 15.90
N ALA D 22 -37.13 -23.57 15.86
CA ALA D 22 -37.09 -22.52 14.86
C ALA D 22 -36.05 -21.47 15.22
N SER D 23 -35.60 -20.73 14.21
CA SER D 23 -34.69 -19.63 14.45
C SER D 23 -35.42 -18.48 15.15
N VAL D 24 -34.65 -17.66 15.86
CA VAL D 24 -35.24 -16.62 16.71
C VAL D 24 -36.01 -15.59 15.87
N TYR D 25 -35.51 -15.28 14.67
CA TYR D 25 -36.21 -14.31 13.83
C TYR D 25 -37.55 -14.87 13.35
N ALA D 26 -37.64 -16.17 13.16
CA ALA D 26 -38.90 -16.80 12.78
C ALA D 26 -39.42 -17.64 13.93
N TRP D 27 -39.48 -17.05 15.12
CA TRP D 27 -39.84 -17.80 16.33
C TRP D 27 -41.23 -18.42 16.17
N ASN D 28 -41.33 -19.71 16.45
CA ASN D 28 -42.58 -20.44 16.31
C ASN D 28 -43.46 -20.22 17.53
N ARG D 29 -44.77 -20.17 17.30
CA ARG D 29 -45.75 -19.96 18.36
C ARG D 29 -46.74 -21.11 18.36
N LYS D 30 -46.95 -21.69 19.53
CA LYS D 30 -47.92 -22.76 19.73
C LYS D 30 -49.09 -22.22 20.54
N ARG D 31 -50.27 -22.17 19.91
CA ARG D 31 -51.46 -21.66 20.55
C ARG D 31 -52.23 -22.83 21.17
N ILE D 32 -52.39 -22.81 22.49
CA ILE D 32 -53.04 -23.88 23.23
C ILE D 32 -54.24 -23.32 23.97
N SER D 33 -55.33 -24.07 23.97
CA SER D 33 -56.54 -23.67 24.67
C SER D 33 -56.32 -23.74 26.18
N ASN D 34 -57.37 -23.36 26.93
CA ASN D 34 -57.32 -23.36 28.39
C ASN D 34 -57.32 -24.81 28.90
N CYS D 35 -56.14 -25.43 28.84
CA CYS D 35 -55.94 -26.78 29.34
C CYS D 35 -55.34 -26.74 30.73
N VAL D 36 -55.19 -27.91 31.34
CA VAL D 36 -54.59 -28.05 32.65
C VAL D 36 -53.17 -28.58 32.50
N ALA D 37 -52.30 -28.19 33.42
CA ALA D 37 -50.91 -28.63 33.40
C ALA D 37 -50.29 -28.41 34.78
N ASP D 38 -49.53 -29.40 35.24
CA ASP D 38 -48.81 -29.29 36.52
C ASP D 38 -47.61 -28.38 36.33
N TYR D 39 -47.87 -27.07 36.30
CA TYR D 39 -46.80 -26.09 36.14
C TYR D 39 -45.78 -26.15 37.26
N SER D 40 -46.16 -26.67 38.44
CA SER D 40 -45.19 -26.82 39.52
C SER D 40 -44.13 -27.85 39.18
N VAL D 41 -44.49 -28.89 38.41
CA VAL D 41 -43.51 -29.91 38.03
C VAL D 41 -42.53 -29.34 37.01
N LEU D 42 -43.00 -28.48 36.12
CA LEU D 42 -42.11 -27.86 35.14
C LEU D 42 -41.04 -27.00 35.79
N TYR D 43 -41.44 -26.15 36.75
CA TYR D 43 -40.47 -25.33 37.46
C TYR D 43 -39.50 -26.18 38.27
N ASN D 44 -39.95 -27.34 38.75
CA ASN D 44 -39.08 -28.25 39.50
C ASN D 44 -38.40 -29.29 38.61
N SER D 45 -38.22 -28.97 37.33
CA SER D 45 -37.45 -29.83 36.43
C SER D 45 -36.01 -29.36 36.38
N ALA D 46 -35.08 -30.29 36.61
CA ALA D 46 -33.67 -29.95 36.64
C ALA D 46 -33.12 -29.60 35.26
N SER D 47 -33.84 -29.94 34.20
CA SER D 47 -33.35 -29.67 32.85
C SER D 47 -33.34 -28.18 32.53
N PHE D 48 -34.14 -27.37 33.21
CA PHE D 48 -34.27 -25.95 32.92
C PHE D 48 -33.29 -25.17 33.77
N SER D 49 -32.34 -24.50 33.12
CA SER D 49 -31.37 -23.65 33.83
C SER D 49 -31.89 -22.24 34.05
N THR D 50 -32.80 -21.77 33.20
CA THR D 50 -33.39 -20.44 33.32
C THR D 50 -34.90 -20.60 33.45
N PHE D 51 -35.47 -20.06 34.52
CA PHE D 51 -36.91 -20.13 34.74
C PHE D 51 -37.31 -18.86 35.50
N LYS D 52 -37.66 -17.83 34.75
CA LYS D 52 -38.01 -16.53 35.31
C LYS D 52 -39.44 -16.20 34.89
N CYS D 53 -40.30 -15.91 35.86
CA CYS D 53 -41.69 -15.59 35.62
C CYS D 53 -41.95 -14.12 35.98
N TYR D 54 -42.90 -13.51 35.27
CA TYR D 54 -43.23 -12.11 35.46
C TYR D 54 -44.74 -11.96 35.57
N GLY D 55 -45.18 -11.17 36.55
CA GLY D 55 -46.59 -10.96 36.80
C GLY D 55 -47.32 -12.13 37.42
N VAL D 56 -46.62 -13.23 37.71
CA VAL D 56 -47.25 -14.43 38.26
C VAL D 56 -46.16 -15.37 38.76
N SER D 57 -46.44 -16.12 39.85
CA SER D 57 -45.52 -17.08 40.42
C SER D 57 -45.61 -18.41 39.70
N PRO D 58 -44.49 -19.14 39.59
CA PRO D 58 -44.52 -20.44 38.90
C PRO D 58 -45.49 -21.43 39.51
N THR D 59 -45.59 -21.49 40.84
CA THR D 59 -46.47 -22.46 41.48
C THR D 59 -47.94 -22.09 41.34
N LYS D 60 -48.23 -20.79 41.23
CA LYS D 60 -49.60 -20.30 41.14
C LYS D 60 -50.07 -20.09 39.71
N LEU D 61 -49.44 -20.77 38.75
CA LEU D 61 -49.85 -20.63 37.35
C LEU D 61 -51.20 -21.30 37.09
N ASN D 62 -51.41 -22.47 37.70
CA ASN D 62 -52.70 -23.15 37.55
C ASN D 62 -53.85 -22.33 38.13
N ASP D 63 -53.57 -21.51 39.13
CA ASP D 63 -54.60 -20.62 39.68
C ASP D 63 -54.64 -19.29 38.95
N LEU D 64 -54.69 -19.37 37.62
CA LEU D 64 -54.89 -18.21 36.77
C LEU D 64 -56.14 -18.43 35.92
N CYS D 65 -56.79 -17.32 35.57
CA CYS D 65 -57.98 -17.33 34.72
C CYS D 65 -57.60 -16.66 33.40
N PHE D 66 -57.58 -17.45 32.32
CA PHE D 66 -57.18 -17.00 31.00
C PHE D 66 -57.95 -17.80 29.94
N THR D 67 -57.73 -17.46 28.67
CA THR D 67 -58.31 -18.16 27.53
C THR D 67 -57.25 -18.98 26.81
N ASN D 68 -56.36 -18.35 26.04
CA ASN D 68 -55.33 -19.07 25.31
C ASN D 68 -53.97 -18.81 25.92
N VAL D 69 -53.15 -19.85 25.97
CA VAL D 69 -51.76 -19.75 26.39
C VAL D 69 -50.88 -19.97 25.15
N TYR D 70 -49.87 -19.14 24.99
CA TYR D 70 -48.97 -19.22 23.84
C TYR D 70 -47.61 -19.72 24.29
N ALA D 71 -47.08 -20.71 23.57
CA ALA D 71 -45.78 -21.29 23.86
C ALA D 71 -44.85 -20.94 22.69
N ASP D 72 -44.16 -19.82 22.82
CA ASP D 72 -43.20 -19.38 21.82
C ASP D 72 -41.86 -20.04 22.08
N SER D 73 -41.19 -20.47 21.01
CA SER D 73 -39.95 -21.22 21.14
C SER D 73 -39.02 -20.87 20.00
N PHE D 74 -37.72 -20.85 20.31
CA PHE D 74 -36.68 -20.45 19.37
C PHE D 74 -35.33 -20.79 19.99
N VAL D 75 -34.26 -20.52 19.25
CA VAL D 75 -32.89 -20.78 19.68
C VAL D 75 -32.09 -19.48 19.61
N ILE D 76 -31.44 -19.14 20.72
CA ILE D 76 -30.49 -18.04 20.79
C ILE D 76 -29.24 -18.55 21.49
N ARG D 77 -28.23 -17.68 21.61
CA ARG D 77 -27.00 -18.03 22.27
C ARG D 77 -27.09 -17.74 23.77
N GLY D 78 -26.02 -18.07 24.49
CA GLY D 78 -26.07 -18.00 25.95
C GLY D 78 -26.25 -16.60 26.48
N ASP D 79 -25.40 -15.67 26.06
CA ASP D 79 -25.42 -14.32 26.62
C ASP D 79 -26.61 -13.49 26.14
N GLU D 80 -27.45 -14.02 25.26
CA GLU D 80 -28.64 -13.32 24.79
C GLU D 80 -29.90 -13.73 25.52
N VAL D 81 -29.82 -14.71 26.43
CA VAL D 81 -31.00 -15.12 27.20
C VAL D 81 -31.46 -13.98 28.10
N ARG D 82 -30.53 -13.13 28.55
CA ARG D 82 -30.89 -11.98 29.38
C ARG D 82 -31.81 -11.01 28.65
N GLN D 83 -31.81 -11.02 27.32
CA GLN D 83 -32.66 -10.11 26.56
C GLN D 83 -34.10 -10.60 26.44
N ILE D 84 -34.37 -11.86 26.79
CA ILE D 84 -35.74 -12.40 26.75
C ILE D 84 -36.36 -12.06 28.10
N ALA D 85 -36.71 -10.78 28.26
CA ALA D 85 -37.28 -10.27 29.50
C ALA D 85 -37.88 -8.89 29.25
N PRO D 86 -38.90 -8.49 30.01
CA PRO D 86 -39.51 -7.17 29.79
C PRO D 86 -38.52 -6.04 30.03
N GLY D 87 -38.53 -5.06 29.14
CA GLY D 87 -37.70 -3.88 29.30
C GLY D 87 -36.26 -4.03 28.88
N GLN D 88 -35.95 -5.03 28.05
CA GLN D 88 -34.59 -5.28 27.61
C GLN D 88 -34.36 -4.71 26.22
N THR D 89 -33.09 -4.42 25.93
CA THR D 89 -32.66 -3.96 24.62
C THR D 89 -31.54 -4.85 24.12
N GLY D 90 -31.15 -4.64 22.87
CA GLY D 90 -30.17 -5.47 22.20
C GLY D 90 -30.70 -6.01 20.90
N LYS D 91 -29.83 -6.73 20.18
CA LYS D 91 -30.17 -7.21 18.85
C LYS D 91 -31.36 -8.16 18.89
N ILE D 92 -31.47 -8.96 19.96
CA ILE D 92 -32.58 -9.92 20.05
C ILE D 92 -33.87 -9.22 20.46
N ALA D 93 -33.81 -8.43 21.53
CA ALA D 93 -35.03 -7.79 22.04
C ALA D 93 -35.57 -6.75 21.06
N ASP D 94 -34.69 -6.07 20.31
CA ASP D 94 -35.15 -5.03 19.40
C ASP D 94 -35.57 -5.61 18.05
N TYR D 95 -34.81 -6.56 17.52
CA TYR D 95 -34.95 -6.96 16.12
C TYR D 95 -35.39 -8.39 15.91
N ASN D 96 -35.58 -9.18 16.97
CA ASN D 96 -35.91 -10.59 16.79
C ASN D 96 -37.14 -11.00 17.60
N TYR D 97 -37.12 -10.78 18.90
CA TYR D 97 -38.23 -11.19 19.77
C TYR D 97 -38.31 -10.21 20.93
N LYS D 98 -39.46 -9.55 21.05
CA LYS D 98 -39.65 -8.49 22.04
C LYS D 98 -40.80 -8.86 22.95
N LEU D 99 -40.55 -8.81 24.28
CA LEU D 99 -41.60 -9.01 25.26
C LEU D 99 -42.16 -7.66 25.71
N PRO D 100 -43.45 -7.60 25.99
CA PRO D 100 -44.04 -6.34 26.45
C PRO D 100 -43.61 -6.00 27.86
N ASP D 101 -43.81 -4.72 28.22
CA ASP D 101 -43.46 -4.27 29.56
C ASP D 101 -44.38 -4.90 30.62
N ASP D 102 -45.65 -5.11 30.27
CA ASP D 102 -46.61 -5.74 31.17
C ASP D 102 -46.75 -7.24 30.89
N PHE D 103 -45.66 -7.89 30.51
CA PHE D 103 -45.69 -9.31 30.20
C PHE D 103 -46.14 -10.13 31.40
N THR D 104 -47.08 -11.04 31.17
CA THR D 104 -47.54 -11.97 32.19
C THR D 104 -47.24 -13.39 31.70
N GLY D 105 -46.27 -14.04 32.34
CA GLY D 105 -45.86 -15.36 31.93
C GLY D 105 -44.48 -15.67 32.47
N CYS D 106 -43.82 -16.63 31.81
CA CYS D 106 -42.53 -17.13 32.25
C CYS D 106 -41.60 -17.28 31.06
N VAL D 107 -40.30 -17.17 31.34
CA VAL D 107 -39.25 -17.38 30.33
C VAL D 107 -38.45 -18.60 30.75
N ILE D 108 -38.40 -19.61 29.89
CA ILE D 108 -37.72 -20.86 30.16
C ILE D 108 -36.63 -21.07 29.12
N ALA D 109 -35.44 -21.48 29.56
CA ALA D 109 -34.32 -21.70 28.66
C ALA D 109 -33.40 -22.76 29.25
N TRP D 110 -32.65 -23.42 28.37
CA TRP D 110 -31.70 -24.44 28.78
C TRP D 110 -30.63 -24.59 27.71
N ASN D 111 -29.47 -25.07 28.13
CA ASN D 111 -28.35 -25.25 27.22
C ASN D 111 -28.61 -26.40 26.26
N SER D 112 -28.39 -26.17 24.96
CA SER D 112 -28.60 -27.17 23.92
C SER D 112 -27.34 -27.36 23.08
N ASN D 113 -26.17 -27.26 23.71
CA ASN D 113 -24.92 -27.42 22.97
C ASN D 113 -24.80 -28.84 22.39
N ASN D 114 -25.29 -29.84 23.11
CA ASN D 114 -25.18 -31.22 22.65
C ASN D 114 -26.08 -31.51 21.45
N LEU D 115 -27.05 -30.65 21.16
CA LEU D 115 -28.02 -30.87 20.09
C LEU D 115 -27.84 -29.95 18.91
N ASP D 116 -27.60 -28.66 19.13
CA ASP D 116 -27.61 -27.66 18.08
C ASP D 116 -26.22 -27.25 17.60
N SER D 117 -25.17 -27.82 18.19
CA SER D 117 -23.81 -27.54 17.75
CA SER D 117 -23.80 -27.54 17.76
C SER D 117 -23.27 -28.70 16.95
N LYS D 118 -22.44 -28.39 15.95
CA LYS D 118 -21.84 -29.40 15.09
C LYS D 118 -20.39 -29.05 14.86
N VAL D 119 -19.54 -30.08 14.80
CA VAL D 119 -18.13 -29.86 14.51
C VAL D 119 -18.00 -29.22 13.14
N GLY D 120 -17.25 -28.12 13.06
CA GLY D 120 -17.21 -27.31 11.87
C GLY D 120 -18.25 -26.21 11.83
N GLY D 121 -19.08 -26.09 12.86
CA GLY D 121 -20.07 -25.03 12.93
C GLY D 121 -21.43 -25.41 12.38
N ASN D 122 -22.47 -25.13 13.16
CA ASN D 122 -23.85 -25.29 12.71
C ASN D 122 -24.40 -23.90 12.43
N TYR D 123 -24.71 -23.63 11.16
CA TYR D 123 -25.18 -22.32 10.72
C TYR D 123 -26.66 -22.32 10.36
N ASN D 124 -27.40 -23.35 10.79
CA ASN D 124 -28.83 -23.42 10.47
C ASN D 124 -29.62 -22.34 11.20
N TYR D 125 -29.23 -22.00 12.43
CA TYR D 125 -29.95 -21.02 13.21
C TYR D 125 -29.50 -19.61 12.85
N ARG D 126 -30.45 -18.70 12.70
CA ARG D 126 -30.20 -17.36 12.22
C ARG D 126 -30.85 -16.34 13.15
N TYR D 127 -30.46 -15.08 12.97
CA TYR D 127 -31.03 -13.98 13.72
C TYR D 127 -31.01 -12.73 12.85
N ARG D 128 -31.93 -11.80 13.13
CA ARG D 128 -31.98 -10.56 12.38
C ARG D 128 -30.97 -9.57 12.95
N LEU D 129 -30.02 -9.15 12.13
CA LEU D 129 -28.96 -8.23 12.56
C LEU D 129 -29.24 -6.78 12.20
N PHE D 130 -29.94 -6.53 11.09
CA PHE D 130 -30.22 -5.18 10.63
C PHE D 130 -31.73 -4.97 10.55
N ARG D 131 -32.19 -3.87 11.13
CA ARG D 131 -33.59 -3.47 10.99
C ARG D 131 -33.69 -1.98 11.27
N LYS D 132 -34.55 -1.30 10.50
CA LYS D 132 -34.66 0.15 10.63
C LYS D 132 -35.28 0.55 11.97
N SER D 133 -36.19 -0.26 12.50
CA SER D 133 -36.87 0.07 13.75
C SER D 133 -36.98 -1.18 14.61
N ASN D 134 -37.27 -0.95 15.89
CA ASN D 134 -37.40 -2.04 16.85
C ASN D 134 -38.74 -2.74 16.68
N LEU D 135 -38.76 -4.04 16.98
CA LEU D 135 -39.98 -4.81 16.89
C LEU D 135 -40.94 -4.45 18.02
N LYS D 136 -42.23 -4.45 17.70
CA LYS D 136 -43.26 -4.36 18.73
C LYS D 136 -43.31 -5.68 19.50
N PRO D 137 -43.90 -5.66 20.70
CA PRO D 137 -44.03 -6.90 21.47
C PRO D 137 -44.77 -7.98 20.68
N PHE D 138 -44.21 -9.18 20.68
CA PHE D 138 -44.78 -10.34 19.99
C PHE D 138 -44.88 -10.12 18.48
N GLU D 139 -43.94 -9.38 17.92
CA GLU D 139 -43.86 -9.19 16.47
C GLU D 139 -42.84 -10.17 15.88
N ARG D 140 -43.15 -10.67 14.69
CA ARG D 140 -42.30 -11.60 13.96
C ARG D 140 -41.97 -11.01 12.60
N ASP D 141 -40.69 -11.07 12.22
CA ASP D 141 -40.22 -10.54 10.95
C ASP D 141 -39.37 -11.59 10.28
N ILE D 142 -39.81 -12.08 9.12
CA ILE D 142 -39.10 -13.08 8.34
C ILE D 142 -38.61 -12.52 7.01
N SER D 143 -38.67 -11.19 6.84
CA SER D 143 -38.29 -10.59 5.57
C SER D 143 -36.82 -10.85 5.25
N THR D 144 -36.52 -10.89 3.96
CA THR D 144 -35.15 -11.08 3.49
C THR D 144 -34.78 -9.97 2.52
N GLU D 145 -35.42 -8.80 2.67
CA GLU D 145 -35.08 -7.65 1.86
C GLU D 145 -33.68 -7.15 2.20
N ILE D 146 -32.91 -6.83 1.17
CA ILE D 146 -31.53 -6.39 1.36
C ILE D 146 -31.54 -5.06 2.10
N TYR D 147 -30.91 -5.03 3.28
CA TYR D 147 -30.97 -3.87 4.15
C TYR D 147 -30.14 -2.73 3.57
N GLN D 148 -30.81 -1.63 3.23
CA GLN D 148 -30.14 -0.47 2.62
C GLN D 148 -29.54 0.38 3.73
N ALA D 149 -28.26 0.13 4.03
CA ALA D 149 -27.55 0.93 5.01
C ALA D 149 -26.93 2.18 4.40
N GLY D 150 -27.07 2.38 3.09
CA GLY D 150 -26.47 3.51 2.42
C GLY D 150 -27.53 4.39 1.76
N SER D 151 -27.05 5.50 1.19
CA SER D 151 -27.94 6.42 0.51
C SER D 151 -28.33 5.93 -0.88
N LYS D 152 -27.55 5.03 -1.47
CA LYS D 152 -27.78 4.40 -2.76
C LYS D 152 -28.66 3.16 -2.60
N PRO D 153 -29.66 2.98 -3.48
CA PRO D 153 -30.52 1.80 -3.40
C PRO D 153 -29.75 0.54 -3.75
N CYS D 154 -30.17 -0.58 -3.14
CA CYS D 154 -29.49 -1.85 -3.30
C CYS D 154 -29.98 -2.63 -4.51
N ASN D 155 -31.28 -2.55 -4.81
CA ASN D 155 -31.89 -3.24 -5.95
C ASN D 155 -31.68 -4.75 -5.87
N GLY D 156 -31.92 -5.30 -4.69
CA GLY D 156 -31.74 -6.73 -4.47
C GLY D 156 -30.32 -7.23 -4.66
N VAL D 157 -29.35 -6.33 -4.68
CA VAL D 157 -27.94 -6.68 -4.87
C VAL D 157 -27.20 -6.29 -3.60
N GLU D 158 -26.62 -7.29 -2.94
CA GLU D 158 -25.96 -7.08 -1.66
C GLU D 158 -24.51 -6.66 -1.84
N GLY D 159 -23.99 -5.97 -0.84
CA GLY D 159 -22.60 -5.55 -0.84
C GLY D 159 -22.35 -4.47 0.20
N PHE D 160 -21.45 -3.55 -0.14
CA PHE D 160 -21.19 -2.40 0.70
C PHE D 160 -22.47 -1.58 0.86
N ASN D 161 -22.82 -1.28 2.11
CA ASN D 161 -24.02 -0.54 2.47
C ASN D 161 -25.29 -1.26 2.01
N CYS D 162 -25.20 -2.56 1.76
CA CYS D 162 -26.32 -3.37 1.29
C CYS D 162 -26.13 -4.78 1.86
N TYR D 163 -26.66 -5.00 3.06
CA TYR D 163 -26.38 -6.21 3.83
C TYR D 163 -27.65 -7.03 4.00
N PHE D 164 -27.49 -8.35 3.97
CA PHE D 164 -28.60 -9.23 4.30
C PHE D 164 -28.98 -9.04 5.77
N PRO D 165 -30.25 -8.83 6.09
CA PRO D 165 -30.62 -8.53 7.48
C PRO D 165 -30.44 -9.70 8.42
N LEU D 166 -30.31 -10.92 7.90
CA LEU D 166 -30.17 -12.11 8.72
C LEU D 166 -28.72 -12.60 8.68
N GLN D 167 -28.22 -13.03 9.84
CA GLN D 167 -26.90 -13.62 9.96
C GLN D 167 -27.02 -14.94 10.73
N SER D 168 -26.18 -15.89 10.38
CA SER D 168 -26.22 -17.22 10.96
C SER D 168 -25.36 -17.27 12.23
N TYR D 169 -25.85 -17.98 13.24
CA TYR D 169 -25.05 -18.25 14.42
C TYR D 169 -23.91 -19.20 14.09
N GLY D 170 -22.82 -19.07 14.84
CA GLY D 170 -21.70 -19.98 14.69
C GLY D 170 -21.60 -20.92 15.88
N PHE D 171 -22.44 -21.95 15.89
CA PHE D 171 -22.54 -22.85 17.03
C PHE D 171 -21.56 -24.00 16.86
N GLN D 172 -20.47 -23.96 17.62
CA GLN D 172 -19.50 -25.03 17.69
C GLN D 172 -19.49 -25.61 19.11
N PRO D 173 -19.22 -26.91 19.24
CA PRO D 173 -19.16 -27.50 20.59
C PRO D 173 -18.11 -26.85 21.48
N THR D 174 -17.05 -26.32 20.91
CA THR D 174 -15.97 -25.71 21.67
C THR D 174 -16.20 -24.23 21.96
N ASN D 175 -17.34 -23.67 21.56
CA ASN D 175 -17.65 -22.28 21.86
C ASN D 175 -17.83 -22.07 23.35
N GLY D 176 -17.57 -20.85 23.79
CA GLY D 176 -17.86 -20.48 25.16
C GLY D 176 -19.34 -20.57 25.47
N VAL D 177 -19.65 -20.70 26.76
CA VAL D 177 -21.04 -20.89 27.17
C VAL D 177 -21.88 -19.68 26.81
N GLY D 178 -21.27 -18.50 26.72
CA GLY D 178 -21.97 -17.34 26.22
C GLY D 178 -22.28 -17.40 24.74
N TYR D 179 -21.63 -18.31 24.01
CA TYR D 179 -21.82 -18.46 22.58
C TYR D 179 -22.36 -19.84 22.20
N GLN D 180 -22.79 -20.62 23.18
CA GLN D 180 -23.41 -21.91 22.92
C GLN D 180 -24.92 -21.75 22.71
N PRO D 181 -25.54 -22.64 21.95
CA PRO D 181 -26.97 -22.50 21.67
C PRO D 181 -27.82 -22.81 22.89
N TYR D 182 -28.86 -21.99 23.08
CA TYR D 182 -29.83 -22.18 24.14
C TYR D 182 -31.22 -22.20 23.54
N ARG D 183 -32.00 -23.22 23.87
CA ARG D 183 -33.38 -23.30 23.43
C ARG D 183 -34.26 -22.61 24.47
N VAL D 184 -35.13 -21.72 24.01
CA VAL D 184 -35.93 -20.87 24.87
C VAL D 184 -37.40 -21.15 24.60
N VAL D 185 -38.19 -21.22 25.67
CA VAL D 185 -39.65 -21.37 25.58
C VAL D 185 -40.27 -20.27 26.42
N VAL D 186 -41.12 -19.46 25.80
CA VAL D 186 -41.78 -18.34 26.46
C VAL D 186 -43.26 -18.63 26.53
N LEU D 187 -43.80 -18.71 27.75
CA LEU D 187 -45.21 -18.95 27.98
C LEU D 187 -45.90 -17.63 28.30
N SER D 188 -46.91 -17.28 27.50
CA SER D 188 -47.71 -16.09 27.73
C SER D 188 -49.18 -16.49 27.87
N PHE D 189 -49.93 -15.68 28.62
CA PHE D 189 -51.31 -16.00 28.97
C PHE D 189 -52.22 -14.83 28.58
N GLU D 190 -53.20 -15.10 27.72
CA GLU D 190 -54.27 -14.16 27.44
C GLU D 190 -55.18 -14.16 28.67
N LEU D 191 -54.77 -13.40 29.68
CA LEU D 191 -55.43 -13.43 30.98
C LEU D 191 -56.88 -12.96 30.90
N LEU D 192 -57.78 -13.77 31.45
CA LEU D 192 -59.16 -13.35 31.69
C LEU D 192 -59.27 -12.79 33.10
N GLN E 5 40.61 6.84 34.45
CA GLN E 5 41.86 6.09 34.59
C GLN E 5 41.79 4.78 33.82
N VAL E 6 40.64 4.53 33.19
CA VAL E 6 40.47 3.31 32.41
C VAL E 6 41.13 3.46 31.05
N GLN E 7 41.43 2.33 30.41
CA GLN E 7 42.03 2.30 29.10
C GLN E 7 41.41 1.18 28.28
N LEU E 8 41.48 1.32 26.96
CA LEU E 8 40.95 0.34 26.02
C LEU E 8 42.12 -0.38 25.37
N GLN E 9 42.41 -1.60 25.84
CA GLN E 9 43.40 -2.47 25.22
C GLN E 9 42.71 -3.24 24.10
N GLU E 10 43.32 -3.25 22.92
CA GLU E 10 42.83 -4.03 21.79
C GLU E 10 43.88 -5.03 21.34
N SER E 11 43.42 -6.05 20.61
CA SER E 11 44.29 -7.07 20.04
C SER E 11 43.71 -7.50 18.70
N GLY E 12 44.29 -8.56 18.14
CA GLY E 12 43.87 -9.04 16.83
C GLY E 12 44.37 -8.14 15.70
N GLY E 13 43.84 -8.40 14.51
CA GLY E 13 44.21 -7.65 13.34
C GLY E 13 45.44 -8.21 12.64
N GLY E 14 45.89 -7.47 11.65
CA GLY E 14 47.04 -7.84 10.83
C GLY E 14 46.65 -8.12 9.40
N LEU E 15 47.66 -8.45 8.61
CA LEU E 15 47.49 -8.74 7.19
C LEU E 15 46.74 -10.06 7.04
N VAL E 16 45.45 -9.97 6.71
CA VAL E 16 44.62 -11.15 6.51
C VAL E 16 44.34 -11.33 5.02
N GLN E 17 43.84 -12.51 4.66
CA GLN E 17 43.56 -12.81 3.27
C GLN E 17 42.35 -12.01 2.77
N PRO E 18 42.31 -11.68 1.49
CA PRO E 18 41.14 -10.97 0.95
C PRO E 18 39.91 -11.86 0.94
N GLY E 19 38.85 -11.39 1.59
CA GLY E 19 37.63 -12.16 1.73
C GLY E 19 37.60 -13.12 2.90
N GLY E 20 38.57 -13.06 3.81
CA GLY E 20 38.64 -13.94 4.95
C GLY E 20 37.85 -13.44 6.14
N SER E 21 38.36 -13.74 7.33
CA SER E 21 37.70 -13.36 8.57
C SER E 21 38.74 -12.84 9.56
N LEU E 22 38.25 -12.22 10.63
CA LEU E 22 39.13 -11.66 11.64
C LEU E 22 38.32 -11.43 12.91
N ARG E 23 38.95 -11.70 14.06
CA ARG E 23 38.31 -11.52 15.37
C ARG E 23 39.00 -10.36 16.09
N LEU E 24 38.35 -9.20 16.09
CA LEU E 24 38.84 -8.06 16.85
C LEU E 24 38.50 -8.22 18.33
N SER E 25 39.26 -7.52 19.17
CA SER E 25 39.04 -7.53 20.61
C SER E 25 39.29 -6.14 21.16
N CYS E 26 38.56 -5.79 22.22
CA CYS E 26 38.73 -4.50 22.89
C CYS E 26 38.38 -4.69 24.36
N ALA E 27 39.40 -4.92 25.18
CA ALA E 27 39.22 -5.10 26.61
C ALA E 27 39.39 -3.78 27.35
N ALA E 28 38.69 -3.64 28.46
CA ALA E 28 38.74 -2.44 29.29
C ALA E 28 38.91 -2.83 30.75
N SER E 29 39.80 -2.11 31.44
CA SER E 29 40.14 -2.40 32.82
C SER E 29 39.95 -1.15 33.67
N GLY E 30 39.45 -1.35 34.89
CA GLY E 30 39.16 -0.27 35.81
C GLY E 30 37.69 -0.02 36.03
N ARG E 31 36.85 -0.37 35.05
CA ARG E 31 35.41 -0.17 35.15
C ARG E 31 34.71 -1.25 34.33
N THR E 32 33.55 -1.68 34.82
CA THR E 32 32.80 -2.74 34.17
C THR E 32 32.16 -2.23 32.87
N ILE E 33 31.62 -3.17 32.10
CA ILE E 33 31.04 -2.87 30.79
C ILE E 33 29.52 -3.08 30.76
N SER E 34 28.97 -3.88 31.67
CA SER E 34 27.58 -4.32 31.55
C SER E 34 26.58 -3.17 31.57
N ARG E 35 26.97 -1.98 32.02
CA ARG E 35 26.07 -0.84 32.11
C ARG E 35 26.39 0.25 31.11
N TYR E 36 27.30 0.00 30.17
CA TYR E 36 27.69 0.97 29.15
C TYR E 36 27.43 0.39 27.77
N ALA E 37 27.88 1.13 26.75
CA ALA E 37 27.74 0.71 25.36
C ALA E 37 29.03 1.02 24.62
N MET E 38 29.54 0.04 23.88
CA MET E 38 30.78 0.19 23.14
C MET E 38 30.51 0.23 21.64
N SER E 39 31.36 0.94 20.92
CA SER E 39 31.19 1.16 19.48
C SER E 39 32.46 0.74 18.75
N TRP E 40 32.40 0.87 17.41
CA TRP E 40 33.51 0.50 16.53
C TRP E 40 33.54 1.48 15.37
N PHE E 41 34.74 1.93 15.01
CA PHE E 41 34.91 2.92 13.95
C PHE E 41 35.92 2.43 12.92
N ARG E 42 36.12 3.23 11.88
CA ARG E 42 36.97 2.86 10.75
C ARG E 42 37.53 4.13 10.13
N GLN E 43 38.84 4.15 9.91
CA GLN E 43 39.52 5.31 9.32
C GLN E 43 40.32 4.85 8.11
N ALA E 44 39.71 4.98 6.91
CA ALA E 44 40.37 4.63 5.67
C ALA E 44 41.21 5.81 5.16
N PRO E 45 42.33 5.53 4.49
CA PRO E 45 43.12 6.62 3.90
C PRO E 45 42.36 7.34 2.79
N GLY E 46 42.03 8.61 3.00
CA GLY E 46 41.26 9.38 2.04
C GLY E 46 40.03 10.01 2.66
N LYS E 47 39.29 9.22 3.44
CA LYS E 47 38.20 9.69 4.26
C LYS E 47 38.62 9.59 5.72
N GLU E 48 37.67 9.72 6.64
CA GLU E 48 38.05 9.69 8.06
C GLU E 48 36.85 9.32 8.93
N ARG E 49 37.08 8.42 9.88
CA ARG E 49 36.19 8.18 11.00
C ARG E 49 34.77 7.84 10.55
N GLU E 50 34.65 6.73 9.83
CA GLU E 50 33.34 6.20 9.51
C GLU E 50 32.81 5.35 10.66
N PHE E 51 31.56 4.93 10.54
CA PHE E 51 30.92 4.13 11.57
C PHE E 51 30.91 2.67 11.18
N VAL E 52 30.97 1.80 12.19
CA VAL E 52 31.00 0.36 11.95
C VAL E 52 29.82 -0.32 12.63
N ALA E 53 29.84 -0.38 13.96
CA ALA E 53 28.88 -1.17 14.70
C ALA E 53 28.82 -0.67 16.14
N VAL E 54 27.95 -1.30 16.94
CA VAL E 54 27.72 -0.87 18.32
C VAL E 54 26.88 -1.93 19.00
N ALA E 55 26.96 -1.99 20.33
CA ALA E 55 26.13 -2.87 21.15
C ALA E 55 25.45 -2.04 22.23
N ARG E 56 24.13 -2.12 22.29
CA ARG E 56 23.37 -1.32 23.25
C ARG E 56 23.54 -1.82 24.67
N ARG E 57 22.88 -2.93 25.00
CA ARG E 57 22.87 -3.46 26.36
C ARG E 57 23.08 -4.97 26.25
N SER E 58 22.71 -5.69 27.31
CA SER E 58 22.70 -7.14 27.24
C SER E 58 21.41 -7.66 26.61
N GLY E 59 20.28 -7.00 26.90
CA GLY E 59 18.99 -7.39 26.37
C GLY E 59 18.57 -6.68 25.11
N ASP E 60 19.38 -5.79 24.57
CA ASP E 60 19.08 -5.06 23.34
C ASP E 60 19.95 -5.61 22.20
N GLY E 61 19.79 -5.03 21.01
CA GLY E 61 20.45 -5.49 19.82
C GLY E 61 21.59 -4.58 19.37
N ALA E 62 22.15 -4.95 18.22
CA ALA E 62 23.23 -4.23 17.59
C ALA E 62 22.73 -3.43 16.39
N PHE E 63 23.50 -2.43 16.01
CA PHE E 63 23.13 -1.52 14.92
C PHE E 63 24.37 -1.15 14.13
N TYR E 64 24.29 -1.25 12.81
CA TYR E 64 25.45 -1.19 11.94
C TYR E 64 25.36 0.04 11.04
N ALA E 65 26.21 0.09 10.02
CA ALA E 65 26.28 1.17 9.07
C ALA E 65 25.65 0.75 7.74
N ASP E 66 25.73 1.64 6.76
CA ASP E 66 25.10 1.39 5.46
C ASP E 66 25.88 0.36 4.65
N SER E 67 27.21 0.37 4.76
CA SER E 67 28.05 -0.49 3.95
C SER E 67 28.48 -1.77 4.66
N VAL E 68 28.20 -1.89 5.96
CA VAL E 68 28.56 -3.07 6.73
C VAL E 68 27.34 -3.75 7.35
N GLN E 69 26.14 -3.36 6.92
CA GLN E 69 24.93 -3.95 7.48
C GLN E 69 24.83 -5.41 7.07
N GLY E 70 24.59 -6.28 8.06
CA GLY E 70 24.45 -7.70 7.77
C GLY E 70 25.73 -8.40 7.38
N ARG E 71 26.88 -7.85 7.74
CA ARG E 71 28.16 -8.44 7.35
C ARG E 71 29.04 -8.65 8.58
N PHE E 72 28.90 -7.80 9.59
CA PHE E 72 29.67 -7.91 10.82
C PHE E 72 28.78 -8.43 11.94
N THR E 73 29.41 -8.73 13.07
CA THR E 73 28.71 -9.27 14.22
C THR E 73 29.40 -8.78 15.49
N VAL E 74 28.61 -8.26 16.42
CA VAL E 74 29.13 -7.72 17.67
C VAL E 74 28.65 -8.59 18.82
N SER E 75 29.57 -9.30 19.45
CA SER E 75 29.28 -10.03 20.66
C SER E 75 29.59 -9.17 21.88
N ARG E 76 29.25 -9.68 23.06
CA ARG E 76 29.45 -8.92 24.30
C ARG E 76 29.57 -9.90 25.45
N ASP E 77 30.67 -9.81 26.19
CA ASP E 77 30.91 -10.64 27.36
C ASP E 77 31.15 -9.69 28.54
N ASP E 78 30.09 -9.44 29.32
CA ASP E 78 30.19 -8.52 30.44
C ASP E 78 30.88 -9.14 31.64
N ALA E 79 30.94 -10.47 31.73
CA ALA E 79 31.58 -11.12 32.86
C ALA E 79 33.10 -11.00 32.81
N LYS E 80 33.66 -10.79 31.62
CA LYS E 80 35.11 -10.64 31.46
C LYS E 80 35.51 -9.24 31.01
N ASN E 81 34.55 -8.33 30.82
CA ASN E 81 34.83 -6.95 30.42
C ASN E 81 35.62 -6.89 29.12
N THR E 82 35.23 -7.71 28.15
CA THR E 82 35.90 -7.76 26.85
C THR E 82 34.83 -7.97 25.78
N VAL E 83 34.56 -6.92 25.01
CA VAL E 83 33.58 -6.98 23.92
C VAL E 83 34.34 -7.24 22.62
N TYR E 84 34.03 -8.37 21.99
CA TYR E 84 34.68 -8.76 20.75
C TYR E 84 33.99 -8.11 19.55
N LEU E 85 34.52 -8.40 18.36
CA LEU E 85 33.91 -7.93 17.11
C LEU E 85 34.13 -9.01 16.06
N GLN E 86 33.12 -9.84 15.84
CA GLN E 86 33.20 -10.86 14.79
C GLN E 86 33.09 -10.19 13.43
N MET E 87 33.98 -10.55 12.53
CA MET E 87 34.09 -9.87 11.24
C MET E 87 34.26 -10.90 10.13
N ASN E 88 33.44 -10.79 9.10
CA ASN E 88 33.48 -11.70 7.97
C ASN E 88 33.35 -10.92 6.67
N SER E 89 33.73 -11.55 5.58
CA SER E 89 33.65 -10.97 4.24
C SER E 89 34.48 -9.69 4.15
N LEU E 90 35.79 -9.84 4.35
CA LEU E 90 36.71 -8.71 4.30
C LEU E 90 36.93 -8.28 2.85
N LYS E 91 36.30 -7.15 2.45
CA LYS E 91 36.54 -6.66 1.11
C LYS E 91 37.74 -5.74 1.07
N PRO E 92 38.42 -5.60 -0.08
CA PRO E 92 39.58 -4.71 -0.15
C PRO E 92 39.24 -3.23 -0.07
N GLU E 93 37.96 -2.86 -0.03
CA GLU E 93 37.55 -1.48 0.21
C GLU E 93 37.47 -1.15 1.69
N ASP E 94 37.90 -2.06 2.56
CA ASP E 94 37.89 -1.84 4.01
C ASP E 94 39.29 -1.87 4.60
N THR E 95 40.32 -1.66 3.77
CA THR E 95 41.69 -1.59 4.26
C THR E 95 41.89 -0.32 5.07
N ALA E 96 41.69 -0.40 6.38
CA ALA E 96 41.74 0.77 7.23
C ALA E 96 42.26 0.37 8.61
N VAL E 97 42.34 1.36 9.50
CA VAL E 97 42.78 1.15 10.88
C VAL E 97 41.54 1.22 11.76
N TYR E 98 41.15 0.07 12.30
CA TYR E 98 39.94 -0.02 13.11
C TYR E 98 40.21 0.48 14.53
N TYR E 99 39.24 1.19 15.09
CA TYR E 99 39.34 1.78 16.42
C TYR E 99 38.36 1.10 17.37
N CYS E 100 38.29 1.64 18.59
CA CYS E 100 37.37 1.16 19.61
C CYS E 100 37.02 2.32 20.53
N ALA E 101 35.72 2.51 20.77
CA ALA E 101 35.25 3.63 21.58
C ALA E 101 34.26 3.13 22.62
N ILE E 102 33.97 3.99 23.59
CA ILE E 102 33.05 3.68 24.68
C ILE E 102 32.09 4.85 24.85
N ASP E 103 30.82 4.54 25.10
CA ASP E 103 29.79 5.55 25.31
C ASP E 103 29.68 5.87 26.79
N SER E 104 29.58 7.16 27.10
CA SER E 104 29.52 7.66 28.47
C SER E 104 28.12 8.12 28.85
N ASP E 105 27.10 7.37 28.41
CA ASP E 105 25.73 7.67 28.77
C ASP E 105 24.93 6.38 28.83
N THR E 106 24.17 6.21 29.92
CA THR E 106 23.27 5.07 30.02
C THR E 106 22.05 5.22 29.12
N PHE E 107 21.74 6.44 28.69
CA PHE E 107 20.68 6.66 27.72
C PHE E 107 21.15 6.53 26.29
N TYR E 108 22.42 6.15 26.08
CA TYR E 108 22.96 5.86 24.75
C TYR E 108 22.85 7.10 23.83
N SER E 109 23.24 8.25 24.36
CA SER E 109 23.24 9.47 23.55
C SER E 109 24.44 9.54 22.62
N GLY E 110 25.52 8.83 22.93
CA GLY E 110 26.69 8.83 22.07
C GLY E 110 27.86 9.59 22.66
N SER E 111 27.91 9.69 23.99
CA SER E 111 28.95 10.44 24.67
C SER E 111 30.26 9.68 24.60
N TYR E 112 31.12 10.06 23.65
CA TYR E 112 32.39 9.39 23.43
C TYR E 112 33.50 10.17 24.13
N ASP E 113 34.06 9.58 25.18
CA ASP E 113 35.15 10.19 25.93
C ASP E 113 36.46 9.46 25.73
N TYR E 114 36.50 8.16 26.05
CA TYR E 114 37.71 7.37 25.93
C TYR E 114 37.74 6.64 24.59
N TRP E 115 38.93 6.61 23.98
CA TRP E 115 39.13 6.00 22.67
C TRP E 115 40.05 4.79 22.79
N GLY E 116 40.25 4.13 21.66
CA GLY E 116 41.24 3.07 21.54
C GLY E 116 42.56 3.61 21.04
N GLN E 117 43.36 2.72 20.46
CA GLN E 117 44.64 3.11 19.90
C GLN E 117 44.76 2.84 18.40
N GLY E 118 44.28 1.71 17.94
CA GLY E 118 44.32 1.37 16.52
C GLY E 118 44.72 -0.07 16.29
N THR E 119 44.23 -0.65 15.20
CA THR E 119 44.56 -2.03 14.83
C THR E 119 44.76 -2.07 13.32
N GLN E 120 45.99 -2.37 12.89
CA GLN E 120 46.32 -2.40 11.47
C GLN E 120 45.64 -3.59 10.81
N VAL E 121 44.69 -3.31 9.92
CA VAL E 121 43.95 -4.32 9.18
C VAL E 121 44.17 -4.06 7.69
N THR E 122 44.89 -4.96 7.02
CA THR E 122 45.21 -4.82 5.60
C THR E 122 44.67 -6.02 4.85
N VAL E 123 43.92 -5.76 3.78
CA VAL E 123 43.30 -6.80 2.97
C VAL E 123 44.12 -6.94 1.69
N SER E 124 44.78 -8.09 1.55
CA SER E 124 45.62 -8.40 0.38
C SER E 124 46.68 -7.32 0.15
N GLN F 5 10.68 -51.01 -15.22
CA GLN F 5 11.51 -51.91 -14.44
C GLN F 5 12.35 -51.15 -13.42
N VAL F 6 12.23 -49.82 -13.44
CA VAL F 6 12.95 -48.98 -12.49
C VAL F 6 12.22 -48.98 -11.15
N GLN F 7 12.99 -48.88 -10.07
CA GLN F 7 12.44 -48.80 -8.72
C GLN F 7 13.22 -47.72 -7.96
N LEU F 8 13.00 -47.61 -6.65
CA LEU F 8 13.50 -46.51 -5.84
C LEU F 8 14.09 -47.04 -4.53
N GLN F 9 15.41 -47.07 -4.42
CA GLN F 9 16.05 -47.38 -3.14
C GLN F 9 16.15 -46.16 -2.25
N GLU F 10 15.80 -46.34 -0.98
CA GLU F 10 16.03 -45.35 0.05
C GLU F 10 16.95 -45.95 1.09
N SER F 11 17.65 -45.09 1.82
CA SER F 11 18.53 -45.52 2.89
C SER F 11 18.49 -44.45 3.98
N GLY F 12 19.36 -44.57 4.96
CA GLY F 12 19.33 -43.62 6.04
C GLY F 12 18.11 -43.85 6.91
N GLY F 13 17.84 -42.88 7.76
CA GLY F 13 16.70 -42.97 8.64
C GLY F 13 17.02 -43.72 9.92
N GLY F 14 15.98 -43.95 10.69
CA GLY F 14 16.09 -44.64 11.96
C GLY F 14 15.78 -43.70 13.12
N LEU F 15 15.88 -44.27 14.31
CA LEU F 15 15.62 -43.52 15.54
C LEU F 15 16.72 -42.48 15.70
N VAL F 16 16.40 -41.23 15.39
CA VAL F 16 17.33 -40.12 15.50
C VAL F 16 16.93 -39.26 16.70
N GLN F 17 17.85 -38.38 17.10
CA GLN F 17 17.61 -37.54 18.26
C GLN F 17 16.56 -36.48 17.94
N PRO F 18 15.78 -36.07 18.95
CA PRO F 18 14.78 -35.00 18.73
C PRO F 18 15.47 -33.66 18.49
N GLY F 19 15.15 -33.04 17.36
CA GLY F 19 15.77 -31.78 16.99
C GLY F 19 17.10 -31.91 16.29
N GLY F 20 17.51 -33.11 15.93
CA GLY F 20 18.77 -33.35 15.26
C GLY F 20 18.68 -33.20 13.76
N SER F 21 19.47 -34.02 13.06
CA SER F 21 19.52 -33.98 11.61
C SER F 21 19.51 -35.41 11.08
N LEU F 22 19.28 -35.54 9.78
CA LEU F 22 19.23 -36.84 9.14
C LEU F 22 19.42 -36.63 7.64
N ARG F 23 20.16 -37.54 7.01
CA ARG F 23 20.44 -37.48 5.58
C ARG F 23 19.67 -38.62 4.92
N LEU F 24 18.55 -38.29 4.30
CA LEU F 24 17.82 -39.28 3.53
C LEU F 24 18.48 -39.46 2.16
N SER F 25 18.21 -40.60 1.55
CA SER F 25 18.72 -40.92 0.23
C SER F 25 17.65 -41.63 -0.56
N CYS F 26 17.64 -41.42 -1.86
CA CYS F 26 16.69 -42.10 -2.74
C CYS F 26 17.35 -42.32 -4.09
N ALA F 27 17.92 -43.50 -4.29
CA ALA F 27 18.55 -43.86 -5.55
C ALA F 27 17.55 -44.55 -6.47
N ALA F 28 17.73 -44.37 -7.77
CA ALA F 28 16.88 -44.98 -8.78
C ALA F 28 17.76 -45.61 -9.84
N SER F 29 17.40 -46.82 -10.24
CA SER F 29 18.21 -47.60 -11.16
C SER F 29 17.39 -48.05 -12.34
N GLY F 30 18.01 -48.03 -13.52
CA GLY F 30 17.36 -48.36 -14.77
C GLY F 30 17.10 -47.16 -15.64
N ARG F 31 17.01 -45.97 -15.04
CA ARG F 31 16.75 -44.74 -15.76
C ARG F 31 17.43 -43.60 -15.00
N THR F 32 17.94 -42.63 -15.76
CA THR F 32 18.65 -41.51 -15.15
C THR F 32 17.65 -40.56 -14.47
N ILE F 33 18.20 -39.59 -13.75
CA ILE F 33 17.40 -38.66 -12.98
C ILE F 33 17.43 -37.25 -13.53
N SER F 34 18.44 -36.89 -14.32
CA SER F 34 18.68 -35.50 -14.70
C SER F 34 17.53 -34.90 -15.50
N ARG F 35 16.63 -35.71 -16.04
CA ARG F 35 15.53 -35.20 -16.86
C ARG F 35 14.17 -35.35 -16.19
N TYR F 36 14.13 -35.73 -14.92
CA TYR F 36 12.88 -35.88 -14.19
C TYR F 36 12.87 -34.96 -12.97
N ALA F 37 11.85 -35.12 -12.14
CA ALA F 37 11.71 -34.36 -10.91
C ALA F 37 11.26 -35.30 -9.81
N MET F 38 11.95 -35.27 -8.67
CA MET F 38 11.65 -36.16 -7.56
C MET F 38 11.04 -35.38 -6.41
N SER F 39 10.18 -36.06 -5.65
CA SER F 39 9.43 -35.46 -4.56
C SER F 39 9.66 -36.25 -3.28
N TRP F 40 9.04 -35.78 -2.20
CA TRP F 40 9.15 -36.41 -0.89
C TRP F 40 7.82 -36.26 -0.18
N PHE F 41 7.39 -37.33 0.48
CA PHE F 41 6.09 -37.35 1.16
C PHE F 41 6.26 -37.76 2.61
N ARG F 42 5.14 -37.75 3.32
CA ARG F 42 5.11 -38.00 4.75
C ARG F 42 3.74 -38.56 5.11
N GLN F 43 3.72 -39.66 5.84
CA GLN F 43 2.48 -40.30 6.27
C GLN F 43 2.52 -40.47 7.78
N ALA F 44 1.94 -39.53 8.51
CA ALA F 44 1.87 -39.63 9.95
C ALA F 44 0.66 -40.47 10.37
N PRO F 45 0.77 -41.20 11.48
CA PRO F 45 -0.38 -41.96 11.99
C PRO F 45 -1.50 -41.02 12.43
N GLY F 46 -2.64 -41.10 11.73
CA GLY F 46 -3.76 -40.23 12.00
C GLY F 46 -4.23 -39.50 10.76
N LYS F 47 -3.27 -38.96 10.01
CA LYS F 47 -3.51 -38.39 8.69
C LYS F 47 -2.86 -39.30 7.65
N GLU F 48 -2.74 -38.80 6.42
CA GLU F 48 -2.15 -39.62 5.36
C GLU F 48 -1.61 -38.74 4.25
N ARG F 49 -0.40 -39.04 3.79
CA ARG F 49 0.17 -38.53 2.54
C ARG F 49 0.15 -37.01 2.47
N GLU F 50 0.89 -36.39 3.38
CA GLU F 50 1.13 -34.96 3.28
C GLU F 50 2.30 -34.70 2.33
N PHE F 51 2.54 -33.43 2.04
CA PHE F 51 3.61 -33.05 1.13
C PHE F 51 4.81 -32.55 1.92
N VAL F 52 6.00 -32.79 1.38
CA VAL F 52 7.23 -32.39 2.07
C VAL F 52 8.04 -31.44 1.20
N ALA F 53 8.63 -31.95 0.13
CA ALA F 53 9.57 -31.18 -0.67
C ALA F 53 9.66 -31.79 -2.06
N VAL F 54 10.49 -31.19 -2.91
CA VAL F 54 10.59 -31.59 -4.31
C VAL F 54 11.79 -30.87 -4.92
N ALA F 55 12.32 -31.43 -6.01
CA ALA F 55 13.36 -30.79 -6.81
C ALA F 55 12.89 -30.76 -8.25
N ARG F 56 12.85 -29.56 -8.85
CA ARG F 56 12.34 -29.40 -10.20
C ARG F 56 13.31 -29.99 -11.23
N ARG F 57 14.39 -29.25 -11.50
CA ARG F 57 15.35 -29.61 -12.52
C ARG F 57 16.74 -29.40 -11.92
N SER F 58 17.75 -29.26 -12.78
CA SER F 58 19.07 -28.88 -12.32
C SER F 58 19.18 -27.37 -12.16
N GLY F 59 18.56 -26.60 -13.05
CA GLY F 59 18.58 -25.17 -13.03
C GLY F 59 17.45 -24.49 -12.30
N ASP F 60 16.51 -25.25 -11.74
CA ASP F 60 15.41 -24.69 -11.00
C ASP F 60 15.60 -24.94 -9.51
N GLY F 61 14.64 -24.48 -8.71
CA GLY F 61 14.73 -24.55 -7.26
C GLY F 61 13.80 -25.59 -6.65
N ALA F 62 13.80 -25.59 -5.32
CA ALA F 62 12.97 -26.49 -4.53
C ALA F 62 11.77 -25.73 -3.98
N PHE F 63 10.72 -26.50 -3.67
CA PHE F 63 9.46 -25.92 -3.22
C PHE F 63 8.86 -26.84 -2.15
N TYR F 64 8.43 -26.25 -1.04
CA TYR F 64 8.10 -27.00 0.17
C TYR F 64 6.61 -26.84 0.49
N ALA F 65 6.23 -27.22 1.70
CA ALA F 65 4.85 -27.15 2.17
C ALA F 65 4.70 -26.00 3.18
N ASP F 66 3.51 -25.90 3.76
CA ASP F 66 3.23 -24.79 4.68
C ASP F 66 3.95 -24.98 6.01
N SER F 67 4.09 -26.22 6.46
CA SER F 67 4.67 -26.52 7.76
C SER F 67 6.15 -26.87 7.70
N VAL F 68 6.73 -27.03 6.51
CA VAL F 68 8.13 -27.37 6.36
C VAL F 68 8.90 -26.33 5.54
N GLN F 69 8.30 -25.17 5.30
CA GLN F 69 8.96 -24.14 4.49
C GLN F 69 10.16 -23.57 5.23
N GLY F 70 11.29 -23.51 4.53
CA GLY F 70 12.50 -22.95 5.11
C GLY F 70 13.14 -23.80 6.19
N ARG F 71 12.87 -25.11 6.19
CA ARG F 71 13.41 -25.97 7.23
C ARG F 71 14.15 -27.16 6.63
N PHE F 72 13.72 -27.61 5.46
CA PHE F 72 14.33 -28.73 4.76
C PHE F 72 15.16 -28.24 3.59
N THR F 73 15.91 -29.17 2.99
CA THR F 73 16.79 -28.86 1.87
C THR F 73 16.85 -30.07 0.95
N VAL F 74 16.67 -29.84 -0.35
CA VAL F 74 16.68 -30.91 -1.34
C VAL F 74 17.91 -30.73 -2.22
N SER F 75 18.86 -31.63 -2.10
CA SER F 75 20.00 -31.67 -2.99
C SER F 75 19.72 -32.63 -4.14
N ARG F 76 20.63 -32.67 -5.11
CA ARG F 76 20.43 -33.51 -6.29
C ARG F 76 21.77 -33.85 -6.92
N ASP F 77 22.05 -35.13 -7.09
CA ASP F 77 23.27 -35.62 -7.72
C ASP F 77 22.86 -36.51 -8.89
N ASP F 78 22.81 -35.93 -10.09
CA ASP F 78 22.39 -36.66 -11.27
C ASP F 78 23.49 -37.56 -11.83
N ALA F 79 24.75 -37.31 -11.49
CA ALA F 79 25.83 -38.12 -12.03
C ALA F 79 25.87 -39.51 -11.40
N LYS F 80 25.29 -39.68 -10.21
CA LYS F 80 25.24 -40.96 -9.54
C LYS F 80 23.82 -41.52 -9.44
N ASN F 81 22.83 -40.80 -9.96
CA ASN F 81 21.43 -41.24 -9.95
C ASN F 81 20.94 -41.47 -8.52
N THR F 82 21.30 -40.55 -7.62
CA THR F 82 20.91 -40.62 -6.22
C THR F 82 20.63 -39.21 -5.73
N VAL F 83 19.35 -38.90 -5.52
CA VAL F 83 18.93 -37.59 -5.04
C VAL F 83 18.76 -37.67 -3.53
N TYR F 84 19.55 -36.88 -2.80
CA TYR F 84 19.51 -36.89 -1.35
C TYR F 84 18.42 -35.94 -0.84
N LEU F 85 18.28 -35.88 0.49
CA LEU F 85 17.34 -34.97 1.12
C LEU F 85 17.97 -34.55 2.45
N GLN F 86 18.58 -33.37 2.46
CA GLN F 86 19.13 -32.84 3.71
C GLN F 86 17.99 -32.39 4.61
N MET F 87 18.04 -32.81 5.87
CA MET F 87 16.93 -32.58 6.79
C MET F 87 17.47 -32.09 8.13
N ASN F 88 16.91 -30.98 8.61
CA ASN F 88 17.32 -30.39 9.87
C ASN F 88 16.07 -29.99 10.64
N SER F 89 16.26 -29.77 11.95
CA SER F 89 15.18 -29.34 12.85
C SER F 89 14.03 -30.34 12.86
N LEU F 90 14.35 -31.56 13.28
CA LEU F 90 13.38 -32.64 13.37
C LEU F 90 12.46 -32.41 14.56
N LYS F 91 11.23 -31.97 14.30
CA LYS F 91 10.29 -31.80 15.40
C LYS F 91 9.51 -33.10 15.64
N PRO F 92 9.03 -33.31 16.86
CA PRO F 92 8.28 -34.55 17.15
C PRO F 92 6.91 -34.62 16.50
N GLU F 93 6.47 -33.55 15.81
CA GLU F 93 5.25 -33.60 15.02
C GLU F 93 5.51 -34.15 13.62
N ASP F 94 6.72 -34.63 13.34
CA ASP F 94 7.06 -35.22 12.06
C ASP F 94 7.45 -36.69 12.20
N THR F 95 7.05 -37.33 13.30
CA THR F 95 7.32 -38.74 13.48
C THR F 95 6.46 -39.56 12.54
N ALA F 96 6.98 -39.85 11.34
CA ALA F 96 6.20 -40.54 10.32
C ALA F 96 7.14 -41.40 9.49
N VAL F 97 6.57 -42.05 8.48
CA VAL F 97 7.33 -42.90 7.57
C VAL F 97 7.50 -42.12 6.27
N TYR F 98 8.72 -41.68 6.00
CA TYR F 98 9.00 -40.88 4.82
C TYR F 98 9.11 -41.78 3.59
N TYR F 99 8.56 -41.31 2.48
CA TYR F 99 8.55 -42.05 1.23
C TYR F 99 9.43 -41.36 0.20
N CYS F 100 9.40 -41.88 -1.02
CA CYS F 100 10.12 -41.28 -2.13
C CYS F 100 9.35 -41.58 -3.41
N ALA F 101 9.10 -40.56 -4.21
CA ALA F 101 8.34 -40.68 -5.43
C ALA F 101 9.08 -40.01 -6.58
N ILE F 102 8.61 -40.29 -7.79
CA ILE F 102 9.20 -39.74 -9.01
C ILE F 102 8.08 -39.21 -9.88
N ASP F 103 8.32 -38.06 -10.51
CA ASP F 103 7.33 -37.43 -11.39
C ASP F 103 7.55 -37.92 -12.81
N SER F 104 6.46 -38.24 -13.49
CA SER F 104 6.48 -38.80 -14.84
C SER F 104 6.09 -37.78 -15.89
N ASP F 105 6.56 -36.55 -15.72
CA ASP F 105 6.29 -35.49 -16.69
C ASP F 105 7.46 -34.52 -16.71
N THR F 106 7.94 -34.20 -17.92
CA THR F 106 8.95 -33.16 -18.03
C THR F 106 8.37 -31.78 -17.80
N PHE F 107 7.05 -31.64 -17.92
CA PHE F 107 6.37 -30.41 -17.56
C PHE F 107 6.03 -30.33 -16.08
N TYR F 108 6.45 -31.32 -15.28
CA TYR F 108 6.30 -31.28 -13.84
C TYR F 108 4.82 -31.15 -13.44
N SER F 109 3.98 -31.97 -14.07
CA SER F 109 2.56 -31.95 -13.72
C SER F 109 2.28 -32.66 -12.41
N GLY F 110 3.14 -33.58 -12.00
CA GLY F 110 2.96 -34.28 -10.74
C GLY F 110 2.52 -35.71 -10.97
N SER F 111 2.88 -36.24 -12.14
CA SER F 111 2.48 -37.59 -12.53
C SER F 111 3.30 -38.60 -11.73
N TYR F 112 2.70 -39.14 -10.66
CA TYR F 112 3.37 -40.06 -9.77
C TYR F 112 3.01 -41.49 -10.15
N ASP F 113 3.98 -42.22 -10.68
CA ASP F 113 3.79 -43.62 -11.05
C ASP F 113 4.57 -44.55 -10.15
N TYR F 114 5.89 -44.40 -10.06
CA TYR F 114 6.71 -45.25 -9.21
C TYR F 114 6.91 -44.60 -7.84
N TRP F 115 6.83 -45.42 -6.81
CA TRP F 115 6.95 -44.99 -5.42
C TRP F 115 8.18 -45.61 -4.78
N GLY F 116 8.41 -45.26 -3.52
CA GLY F 116 9.42 -45.90 -2.71
C GLY F 116 8.83 -47.04 -1.91
N GLN F 117 9.51 -47.38 -0.82
CA GLN F 117 9.04 -48.42 0.08
C GLN F 117 8.79 -47.91 1.49
N GLY F 118 9.64 -47.03 2.00
CA GLY F 118 9.44 -46.45 3.32
C GLY F 118 10.75 -46.38 4.08
N THR F 119 10.84 -45.39 4.97
CA THR F 119 12.01 -45.21 5.82
C THR F 119 11.50 -44.85 7.21
N GLN F 120 11.75 -45.72 8.18
CA GLN F 120 11.26 -45.49 9.54
C GLN F 120 12.03 -44.32 10.15
N VAL F 121 11.34 -43.21 10.36
CA VAL F 121 11.92 -42.02 10.95
C VAL F 121 11.14 -41.70 12.21
N THR F 122 11.78 -41.86 13.36
CA THR F 122 11.16 -41.64 14.66
C THR F 122 11.93 -40.58 15.42
N VAL F 123 11.23 -39.56 15.89
CA VAL F 123 11.82 -38.44 16.61
C VAL F 123 11.53 -38.65 18.09
N SER F 124 12.57 -38.92 18.88
CA SER F 124 12.45 -39.16 20.32
C SER F 124 11.46 -40.29 20.63
N VAL G 2 -8.64 12.70 -11.18
CA VAL G 2 -8.42 12.51 -12.61
C VAL G 2 -9.17 11.26 -13.09
N GLN G 3 -9.66 11.33 -14.32
CA GLN G 3 -10.34 10.18 -14.93
C GLN G 3 -10.23 10.30 -16.44
N LEU G 4 -9.58 9.32 -17.06
CA LEU G 4 -9.45 9.24 -18.51
C LEU G 4 -10.19 8.00 -19.00
N VAL G 5 -11.13 8.20 -19.92
CA VAL G 5 -11.97 7.12 -20.42
C VAL G 5 -11.78 7.03 -21.93
N GLU G 6 -11.29 5.88 -22.39
CA GLU G 6 -11.12 5.63 -23.82
C GLU G 6 -12.40 5.04 -24.40
N THR G 7 -12.68 5.40 -25.65
CA THR G 7 -13.85 4.88 -26.35
C THR G 7 -13.59 4.98 -27.84
N GLY G 8 -14.51 4.39 -28.62
CA GLY G 8 -14.38 4.37 -30.05
C GLY G 8 -13.59 3.21 -30.61
N GLY G 9 -13.29 2.19 -29.80
CA GLY G 9 -12.56 1.04 -30.27
C GLY G 9 -13.44 -0.01 -30.93
N GLY G 10 -13.12 -1.28 -30.72
CA GLY G 10 -13.89 -2.37 -31.29
C GLY G 10 -13.12 -3.15 -32.34
N LEU G 11 -13.82 -3.60 -33.37
CA LEU G 11 -13.22 -4.35 -34.47
C LEU G 11 -13.41 -3.59 -35.78
N VAL G 12 -12.41 -3.65 -36.64
CA VAL G 12 -12.43 -2.98 -37.94
C VAL G 12 -11.73 -3.86 -38.96
N GLN G 13 -12.23 -3.85 -40.19
CA GLN G 13 -11.60 -4.59 -41.26
C GLN G 13 -10.22 -3.99 -41.58
N PRO G 14 -9.28 -4.81 -42.06
CA PRO G 14 -7.95 -4.28 -42.36
C PRO G 14 -8.01 -3.21 -43.44
N GLY G 15 -7.20 -2.17 -43.26
CA GLY G 15 -7.23 -1.02 -44.15
C GLY G 15 -8.29 0.01 -43.83
N GLY G 16 -9.15 -0.23 -42.84
CA GLY G 16 -10.19 0.69 -42.49
C GLY G 16 -9.68 1.81 -41.59
N SER G 17 -10.61 2.70 -41.24
CA SER G 17 -10.31 3.87 -40.42
C SER G 17 -11.12 3.81 -39.14
N LEU G 18 -10.47 4.12 -38.02
CA LEU G 18 -11.11 4.12 -36.71
C LEU G 18 -10.64 5.34 -35.93
N ARG G 19 -11.57 5.99 -35.24
CA ARG G 19 -11.27 7.19 -34.45
C ARG G 19 -11.44 6.86 -32.98
N LEU G 20 -10.33 6.87 -32.25
CA LEU G 20 -10.34 6.62 -30.82
C LEU G 20 -10.52 7.94 -30.07
N SER G 21 -11.45 7.96 -29.13
CA SER G 21 -11.71 9.13 -28.31
C SER G 21 -11.25 8.88 -26.88
N CYS G 22 -10.90 9.98 -26.20
CA CYS G 22 -10.36 9.91 -24.83
C CYS G 22 -10.97 11.07 -24.05
N GLU G 23 -12.11 10.82 -23.41
CA GLU G 23 -12.75 11.84 -22.59
C GLU G 23 -11.93 12.07 -21.32
N ALA G 24 -11.74 13.34 -20.97
CA ALA G 24 -10.89 13.73 -19.87
C ALA G 24 -11.68 14.56 -18.86
N SER G 25 -11.62 14.15 -17.60
CA SER G 25 -12.18 14.90 -16.49
C SER G 25 -11.05 15.31 -15.57
N GLU G 26 -11.22 16.46 -14.91
CA GLU G 26 -10.30 16.98 -13.91
C GLU G 26 -9.16 17.72 -14.59
N ILE G 27 -8.91 17.44 -15.87
CA ILE G 27 -7.79 18.01 -16.60
C ILE G 27 -8.28 18.65 -17.89
N ILE G 28 -7.60 19.72 -18.30
CA ILE G 28 -7.82 20.35 -19.59
C ILE G 28 -6.93 19.69 -20.63
N VAL G 29 -7.51 19.27 -21.75
CA VAL G 29 -6.77 18.55 -22.78
C VAL G 29 -5.88 19.50 -23.58
N SER G 30 -6.41 20.67 -23.95
CA SER G 30 -5.72 21.56 -24.88
C SER G 30 -4.40 22.09 -24.34
N ALA G 31 -4.16 21.99 -23.04
CA ALA G 31 -3.00 22.60 -22.41
C ALA G 31 -2.14 21.58 -21.67
N ASN G 32 -2.04 20.35 -22.21
CA ASN G 32 -1.32 19.29 -21.55
C ASN G 32 -0.54 18.45 -22.55
N TYR G 33 0.53 17.82 -22.07
CA TYR G 33 1.20 16.77 -22.83
C TYR G 33 0.37 15.50 -22.74
N MET G 34 -0.10 15.01 -23.88
CA MET G 34 -0.95 13.83 -23.94
C MET G 34 -0.36 12.83 -24.91
N THR G 35 -0.28 11.58 -24.47
CA THR G 35 0.33 10.51 -25.26
C THR G 35 -0.67 9.39 -25.48
N TRP G 36 -0.53 8.72 -26.62
CA TRP G 36 -1.20 7.47 -26.90
C TRP G 36 -0.16 6.36 -26.93
N VAL G 37 -0.39 5.31 -26.15
CA VAL G 37 0.52 4.18 -26.07
C VAL G 37 -0.30 2.90 -26.23
N ARG G 38 0.13 2.02 -27.12
CA ARG G 38 -0.54 0.76 -27.38
C ARG G 38 0.28 -0.39 -26.84
N GLN G 39 -0.41 -1.50 -26.55
CA GLN G 39 0.23 -2.71 -26.07
C GLN G 39 -0.39 -3.90 -26.79
N ALA G 40 0.40 -4.59 -27.61
CA ALA G 40 -0.10 -5.75 -28.33
C ALA G 40 -0.42 -6.88 -27.35
N PRO G 41 -1.45 -7.69 -27.64
CA PRO G 41 -1.81 -8.78 -26.73
C PRO G 41 -0.68 -9.78 -26.54
N GLY G 42 -0.13 -9.85 -25.33
CA GLY G 42 0.99 -10.70 -25.04
C GLY G 42 2.35 -10.06 -25.24
N LYS G 43 2.40 -8.84 -25.78
CA LYS G 43 3.65 -8.13 -26.01
C LYS G 43 3.76 -6.99 -25.00
N GLY G 44 4.83 -6.20 -25.14
CA GLY G 44 5.08 -5.09 -24.25
C GLY G 44 4.47 -3.79 -24.74
N LEU G 45 4.72 -2.73 -23.98
CA LEU G 45 4.21 -1.42 -24.32
C LEU G 45 4.98 -0.83 -25.50
N GLU G 46 4.31 0.05 -26.24
CA GLU G 46 4.92 0.70 -27.40
C GLU G 46 4.30 2.08 -27.55
N TRP G 47 5.15 3.11 -27.48
CA TRP G 47 4.69 4.48 -27.65
C TRP G 47 4.17 4.69 -29.07
N VAL G 48 3.03 5.36 -29.18
CA VAL G 48 2.37 5.61 -30.45
C VAL G 48 2.50 7.08 -30.86
N SER G 49 2.08 7.99 -29.98
CA SER G 49 2.02 9.40 -30.35
C SER G 49 2.11 10.26 -29.09
N LEU G 50 2.45 11.52 -29.31
CA LEU G 50 2.57 12.51 -28.25
C LEU G 50 2.26 13.87 -28.85
N ILE G 51 1.52 14.70 -28.11
CA ILE G 51 1.17 16.04 -28.53
C ILE G 51 1.53 17.01 -27.40
N TYR G 52 2.11 18.14 -27.77
CA TYR G 52 2.54 19.15 -26.82
C TYR G 52 1.37 20.06 -26.46
N PRO G 53 1.49 20.84 -25.38
CA PRO G 53 0.43 21.80 -25.06
C PRO G 53 0.39 22.99 -26.01
N GLY G 54 1.27 23.05 -27.00
CA GLY G 54 1.26 24.10 -27.97
C GLY G 54 0.97 23.60 -29.37
N GLY G 55 0.58 22.34 -29.47
CA GLY G 55 0.23 21.76 -30.76
C GLY G 55 1.23 20.77 -31.30
N THR G 56 2.52 21.02 -31.05
CA THR G 56 3.62 20.19 -31.54
C THR G 56 3.37 18.70 -31.32
N THR G 57 3.22 17.95 -32.41
CA THR G 57 2.94 16.52 -32.37
C THR G 57 4.17 15.71 -32.77
N TYR G 58 4.16 14.43 -32.38
CA TYR G 58 5.21 13.49 -32.72
C TYR G 58 4.61 12.10 -32.86
N LEU G 59 5.10 11.34 -33.84
CA LEU G 59 4.58 10.01 -34.14
C LEU G 59 5.73 9.01 -34.22
N SER G 60 5.38 7.73 -34.06
CA SER G 60 6.34 6.66 -34.23
C SER G 60 6.66 6.46 -35.71
N ASP G 61 7.80 5.83 -35.97
CA ASP G 61 8.18 5.55 -37.36
C ASP G 61 7.25 4.52 -37.98
N SER G 62 6.86 3.50 -37.22
CA SER G 62 5.96 2.47 -37.72
C SER G 62 4.53 2.96 -37.90
N LEU G 63 4.21 4.15 -37.39
CA LEU G 63 2.86 4.68 -37.47
C LEU G 63 2.78 6.07 -38.10
N LYS G 64 3.92 6.64 -38.50
CA LYS G 64 3.91 7.97 -39.11
C LYS G 64 3.22 7.93 -40.46
N GLY G 65 2.43 8.97 -40.73
CA GLY G 65 1.69 9.07 -41.98
C GLY G 65 0.38 8.33 -42.03
N ARG G 66 0.06 7.55 -41.00
CA ARG G 66 -1.20 6.82 -40.93
C ARG G 66 -2.04 7.16 -39.73
N PHE G 67 -1.42 7.48 -38.60
CA PHE G 67 -2.13 7.91 -37.41
C PHE G 67 -2.04 9.43 -37.28
N THR G 68 -3.06 10.01 -36.63
CA THR G 68 -3.10 11.44 -36.43
C THR G 68 -3.77 11.73 -35.10
N VAL G 69 -3.12 12.54 -34.28
CA VAL G 69 -3.69 12.98 -33.01
C VAL G 69 -4.23 14.38 -33.24
N SER G 70 -5.56 14.50 -33.24
CA SER G 70 -6.24 15.78 -33.33
C SER G 70 -6.83 16.14 -31.98
N ARG G 71 -7.16 17.41 -31.81
CA ARG G 71 -7.64 17.88 -30.53
C ARG G 71 -8.90 18.72 -30.71
N ASP G 72 -9.73 18.66 -29.68
CA ASP G 72 -10.97 19.44 -29.62
C ASP G 72 -11.01 20.06 -28.23
N ASN G 73 -10.92 21.39 -28.17
CA ASN G 73 -10.87 22.07 -26.89
C ASN G 73 -12.26 22.24 -26.28
N SER G 74 -13.29 22.32 -27.12
CA SER G 74 -14.65 22.51 -26.63
C SER G 74 -15.12 21.34 -25.77
N LYS G 75 -14.78 20.11 -26.17
CA LYS G 75 -15.24 18.92 -25.48
C LYS G 75 -14.20 18.32 -24.54
N ASN G 76 -12.99 18.88 -24.49
CA ASN G 76 -11.94 18.41 -23.60
C ASN G 76 -11.68 16.91 -23.79
N THR G 77 -11.59 16.50 -25.06
CA THR G 77 -11.43 15.10 -25.42
C THR G 77 -10.20 14.94 -26.29
N MET G 78 -9.41 13.90 -26.01
CA MET G 78 -8.29 13.52 -26.86
C MET G 78 -8.79 12.61 -27.97
N ASN G 79 -8.27 12.82 -29.17
CA ASN G 79 -8.68 12.08 -30.35
C ASN G 79 -7.47 11.48 -31.04
N LEU G 80 -7.60 10.23 -31.48
CA LEU G 80 -6.55 9.54 -32.23
C LEU G 80 -7.20 8.90 -33.45
N GLU G 81 -6.98 9.52 -34.61
CA GLU G 81 -7.54 9.02 -35.86
C GLU G 81 -6.55 8.06 -36.51
N MET G 82 -6.98 6.83 -36.75
CA MET G 82 -6.13 5.79 -37.31
C MET G 82 -6.62 5.43 -38.70
N ASN G 83 -5.79 5.69 -39.70
CA ASN G 83 -6.09 5.34 -41.09
C ASN G 83 -5.12 4.27 -41.57
N SER G 84 -5.58 3.49 -42.55
CA SER G 84 -4.79 2.42 -43.15
C SER G 84 -4.32 1.42 -42.10
N LEU G 85 -5.28 0.89 -41.33
CA LEU G 85 -4.97 0.01 -40.23
C LEU G 85 -4.45 -1.34 -40.75
N ARG G 86 -3.53 -1.93 -39.99
CA ARG G 86 -2.89 -3.17 -40.35
C ARG G 86 -3.10 -4.21 -39.25
N ALA G 87 -2.84 -5.47 -39.59
CA ALA G 87 -3.03 -6.56 -38.63
C ALA G 87 -2.16 -6.37 -37.38
N GLY G 88 -0.98 -5.78 -37.55
CA GLY G 88 -0.11 -5.53 -36.40
C GLY G 88 -0.59 -4.42 -35.49
N ASP G 89 -1.60 -3.67 -35.89
CA ASP G 89 -2.14 -2.59 -35.07
C ASP G 89 -3.17 -3.08 -34.05
N THR G 90 -3.53 -4.36 -34.08
CA THR G 90 -4.46 -4.90 -33.10
C THR G 90 -3.82 -4.89 -31.72
N ALA G 91 -4.30 -4.00 -30.85
CA ALA G 91 -3.71 -3.83 -29.53
C ALA G 91 -4.70 -3.04 -28.67
N VAL G 92 -4.33 -2.86 -27.40
CA VAL G 92 -5.09 -2.05 -26.47
C VAL G 92 -4.40 -0.70 -26.35
N TYR G 93 -5.16 0.37 -26.59
CA TYR G 93 -4.61 1.73 -26.66
C TYR G 93 -4.97 2.48 -25.38
N TYR G 94 -3.96 3.12 -24.79
CA TYR G 94 -4.13 3.94 -23.60
C TYR G 94 -3.79 5.39 -23.92
N CYS G 95 -4.64 6.31 -23.46
CA CYS G 95 -4.31 7.73 -23.49
C CYS G 95 -3.88 8.14 -22.09
N ALA G 96 -2.71 8.77 -21.99
CA ALA G 96 -2.15 9.12 -20.70
C ALA G 96 -1.52 10.51 -20.77
N ARG G 97 -1.51 11.18 -19.62
CA ARG G 97 -0.83 12.46 -19.45
C ARG G 97 0.46 12.17 -18.69
N LEU G 98 1.56 12.06 -19.43
CA LEU G 98 2.82 11.66 -18.83
C LEU G 98 3.37 12.76 -17.92
N ILE G 99 4.25 12.34 -17.02
CA ILE G 99 4.97 13.29 -16.18
C ILE G 99 6.01 14.02 -17.02
N VAL G 100 6.02 15.35 -16.94
CA VAL G 100 6.92 16.18 -17.72
C VAL G 100 7.73 17.03 -16.76
N GLY G 101 9.05 17.04 -16.94
CA GLY G 101 9.93 17.82 -16.10
C GLY G 101 10.14 17.26 -14.70
N GLY G 102 9.78 16.01 -14.46
CA GLY G 102 9.97 15.42 -13.14
C GLY G 102 9.09 16.00 -12.07
N ILE G 103 7.80 16.20 -12.35
CA ILE G 103 6.84 16.75 -11.39
C ILE G 103 5.99 15.60 -10.89
N ALA G 104 6.14 15.27 -9.60
CA ALA G 104 5.45 14.13 -9.03
C ALA G 104 3.94 14.35 -9.02
N GLY G 105 3.19 13.25 -9.09
CA GLY G 105 1.74 13.30 -9.11
C GLY G 105 1.14 13.68 -10.45
N MET G 106 1.96 13.93 -11.47
CA MET G 106 1.46 14.38 -12.76
C MET G 106 0.98 13.24 -13.63
N ASP G 107 1.59 12.06 -13.51
CA ASP G 107 1.30 10.97 -14.43
C ASP G 107 -0.07 10.35 -14.14
N VAL G 108 -0.83 10.13 -15.21
CA VAL G 108 -2.14 9.50 -15.10
C VAL G 108 -2.51 8.83 -16.42
N TRP G 109 -2.96 7.58 -16.36
CA TRP G 109 -3.29 6.78 -17.52
C TRP G 109 -4.80 6.50 -17.57
N GLY G 110 -5.27 6.13 -18.77
CA GLY G 110 -6.65 5.76 -18.95
C GLY G 110 -6.89 4.27 -18.78
N GLN G 111 -8.15 3.87 -18.94
CA GLN G 111 -8.50 2.47 -18.77
C GLN G 111 -8.03 1.63 -19.96
N GLY G 112 -8.15 2.16 -21.17
CA GLY G 112 -7.70 1.47 -22.36
C GLY G 112 -8.86 0.97 -23.19
N THR G 113 -8.70 1.01 -24.51
CA THR G 113 -9.68 0.51 -25.46
C THR G 113 -9.04 -0.53 -26.35
N THR G 114 -9.82 -1.55 -26.72
CA THR G 114 -9.33 -2.66 -27.51
C THR G 114 -9.68 -2.44 -28.98
N VAL G 115 -8.66 -2.46 -29.84
CA VAL G 115 -8.84 -2.34 -31.28
C VAL G 115 -8.38 -3.65 -31.92
N THR G 116 -9.24 -4.24 -32.73
CA THR G 116 -8.97 -5.52 -33.38
C THR G 116 -9.05 -5.32 -34.89
N VAL G 117 -7.91 -5.45 -35.56
CA VAL G 117 -7.84 -5.29 -37.02
C VAL G 117 -7.80 -6.69 -37.59
N SER G 118 -8.98 -7.26 -37.81
CA SER G 118 -9.14 -8.58 -38.39
C SER G 118 -10.50 -8.67 -39.09
N SER G 119 -10.65 -9.67 -39.95
CA SER G 119 -11.87 -9.87 -40.74
C SER G 119 -12.78 -10.86 -40.02
N ALA G 120 -13.78 -10.34 -39.32
CA ALA G 120 -14.77 -11.17 -38.65
C ALA G 120 -15.97 -10.30 -38.32
N SER G 121 -16.93 -10.88 -37.60
CA SER G 121 -18.15 -10.19 -37.22
C SER G 121 -18.24 -10.10 -35.69
N THR G 122 -19.21 -9.33 -35.23
CA THR G 122 -19.46 -9.14 -33.80
C THR G 122 -20.61 -10.03 -33.35
N LYS G 123 -20.38 -10.79 -32.28
CA LYS G 123 -21.38 -11.67 -31.70
C LYS G 123 -21.41 -11.48 -30.19
N GLY G 124 -22.61 -11.28 -29.64
CA GLY G 124 -22.77 -11.13 -28.22
C GLY G 124 -22.66 -12.46 -27.50
N PRO G 125 -22.18 -12.42 -26.27
CA PRO G 125 -21.98 -13.66 -25.51
C PRO G 125 -23.26 -14.19 -24.90
N SER G 126 -23.26 -15.50 -24.67
CA SER G 126 -24.27 -16.15 -23.86
C SER G 126 -23.70 -16.39 -22.47
N VAL G 127 -24.50 -16.09 -21.44
CA VAL G 127 -24.06 -16.17 -20.06
C VAL G 127 -24.84 -17.29 -19.38
N PHE G 128 -24.11 -18.28 -18.87
CA PHE G 128 -24.72 -19.42 -18.21
C PHE G 128 -24.20 -19.54 -16.78
N PRO G 129 -25.06 -19.93 -15.83
CA PRO G 129 -24.62 -20.01 -14.44
C PRO G 129 -23.78 -21.25 -14.17
N LEU G 130 -22.81 -21.08 -13.28
CA LEU G 130 -22.01 -22.18 -12.74
C LEU G 130 -22.50 -22.39 -11.30
N ALA G 131 -23.51 -23.23 -11.14
CA ALA G 131 -24.21 -23.32 -9.87
C ALA G 131 -23.33 -23.96 -8.81
N PRO G 132 -23.33 -23.44 -7.59
CA PRO G 132 -22.62 -24.10 -6.49
C PRO G 132 -23.41 -25.30 -5.99
N SER G 133 -22.68 -26.19 -5.33
CA SER G 133 -23.26 -27.43 -4.81
C SER G 133 -22.27 -28.02 -3.79
N SER G 134 -22.58 -29.23 -3.32
CA SER G 134 -21.65 -29.93 -2.42
C SER G 134 -20.33 -30.23 -3.13
N LYS G 135 -20.39 -30.60 -4.41
CA LYS G 135 -19.18 -30.81 -5.19
C LYS G 135 -18.43 -29.51 -5.47
N SER G 136 -19.00 -28.37 -5.08
CA SER G 136 -18.33 -27.08 -5.18
C SER G 136 -17.96 -26.52 -3.81
N THR G 137 -18.17 -27.29 -2.75
CA THR G 137 -17.93 -26.84 -1.38
C THR G 137 -16.72 -27.57 -0.81
N SER G 138 -15.79 -26.80 -0.25
CA SER G 138 -14.59 -27.38 0.36
C SER G 138 -14.04 -26.40 1.39
N GLY G 139 -13.74 -26.91 2.58
CA GLY G 139 -13.15 -26.09 3.64
C GLY G 139 -14.00 -24.90 4.06
N GLY G 140 -15.32 -25.10 4.14
CA GLY G 140 -16.22 -24.04 4.54
C GLY G 140 -16.53 -23.02 3.47
N THR G 141 -15.92 -23.13 2.30
CA THR G 141 -16.16 -22.22 1.19
C THR G 141 -16.85 -22.97 0.06
N ALA G 142 -17.54 -22.20 -0.79
CA ALA G 142 -18.23 -22.74 -1.94
C ALA G 142 -17.94 -21.87 -3.16
N ALA G 143 -17.78 -22.52 -4.31
CA ALA G 143 -17.43 -21.84 -5.56
C ALA G 143 -18.63 -21.77 -6.49
N LEU G 144 -18.87 -20.59 -7.05
CA LEU G 144 -19.90 -20.38 -8.06
C LEU G 144 -19.36 -19.38 -9.08
N GLY G 145 -19.95 -19.41 -10.27
CA GLY G 145 -19.44 -18.55 -11.32
C GLY G 145 -20.41 -18.39 -12.47
N CYS G 146 -19.92 -17.75 -13.54
CA CYS G 146 -20.68 -17.51 -14.74
C CYS G 146 -19.84 -17.90 -15.96
N LEU G 147 -20.49 -18.54 -16.93
CA LEU G 147 -19.83 -18.96 -18.16
C LEU G 147 -20.18 -17.98 -19.26
N VAL G 148 -19.22 -17.15 -19.65
CA VAL G 148 -19.39 -16.18 -20.72
C VAL G 148 -18.85 -16.85 -21.99
N LYS G 149 -19.74 -17.41 -22.79
CA LYS G 149 -19.37 -18.28 -23.90
C LYS G 149 -19.80 -17.67 -25.22
N ASP G 150 -18.96 -17.85 -26.24
CA ASP G 150 -19.29 -17.55 -27.64
C ASP G 150 -19.54 -16.06 -27.85
N TYR G 151 -18.45 -15.30 -27.79
CA TYR G 151 -18.47 -13.89 -28.11
C TYR G 151 -17.25 -13.52 -28.94
N PHE G 152 -17.38 -12.41 -29.68
CA PHE G 152 -16.28 -11.91 -30.48
C PHE G 152 -16.57 -10.46 -30.81
N PRO G 153 -15.58 -9.56 -30.75
CA PRO G 153 -14.19 -9.79 -30.34
C PRO G 153 -13.96 -9.53 -28.86
N GLU G 154 -12.70 -9.47 -28.45
CA GLU G 154 -12.36 -9.09 -27.09
C GLU G 154 -12.64 -7.61 -26.87
N PRO G 155 -12.81 -7.18 -25.61
CA PRO G 155 -12.83 -7.97 -24.38
C PRO G 155 -14.21 -8.03 -23.73
N VAL G 156 -14.35 -8.81 -22.66
CA VAL G 156 -15.52 -8.77 -21.81
C VAL G 156 -15.08 -8.41 -20.40
N THR G 157 -15.98 -7.80 -19.65
CA THR G 157 -15.77 -7.47 -18.25
C THR G 157 -16.86 -8.14 -17.42
N VAL G 158 -16.44 -8.72 -16.30
CA VAL G 158 -17.37 -9.43 -15.41
C VAL G 158 -17.14 -8.93 -13.99
N SER G 159 -18.20 -8.47 -13.35
CA SER G 159 -18.21 -8.08 -11.95
C SER G 159 -19.29 -8.87 -11.23
N TRP G 160 -19.23 -8.86 -9.90
CA TRP G 160 -20.17 -9.62 -9.09
C TRP G 160 -20.86 -8.69 -8.11
N ASN G 161 -22.19 -8.76 -8.07
CA ASN G 161 -23.01 -7.88 -7.25
C ASN G 161 -22.72 -6.41 -7.56
N SER G 162 -22.52 -6.10 -8.85
CA SER G 162 -22.26 -4.74 -9.32
C SER G 162 -20.99 -4.17 -8.69
N GLY G 163 -19.96 -5.01 -8.59
CA GLY G 163 -18.70 -4.60 -8.02
C GLY G 163 -18.61 -4.75 -6.52
N ALA G 164 -19.72 -5.05 -5.86
CA ALA G 164 -19.74 -5.17 -4.40
C ALA G 164 -19.06 -6.43 -3.91
N LEU G 165 -18.96 -7.46 -4.75
CA LEU G 165 -18.33 -8.73 -4.38
C LEU G 165 -17.03 -8.82 -5.16
N THR G 166 -15.92 -8.52 -4.49
CA THR G 166 -14.60 -8.53 -5.12
C THR G 166 -13.63 -9.53 -4.51
N SER G 167 -13.79 -9.87 -3.23
CA SER G 167 -12.87 -10.81 -2.58
C SER G 167 -13.08 -12.22 -3.11
N GLY G 168 -11.99 -12.84 -3.57
CA GLY G 168 -12.06 -14.21 -4.04
C GLY G 168 -12.60 -14.39 -5.45
N VAL G 169 -12.57 -13.35 -6.27
CA VAL G 169 -13.08 -13.40 -7.63
C VAL G 169 -11.94 -13.72 -8.57
N HIS G 170 -12.10 -14.79 -9.34
CA HIS G 170 -11.14 -15.18 -10.38
C HIS G 170 -11.86 -15.14 -11.72
N THR G 171 -11.55 -14.13 -12.54
CA THR G 171 -12.05 -14.04 -13.90
C THR G 171 -10.94 -14.53 -14.82
N PHE G 172 -11.09 -15.75 -15.33
CA PHE G 172 -10.04 -16.39 -16.11
C PHE G 172 -9.88 -15.69 -17.46
N PRO G 173 -8.65 -15.64 -17.98
CA PRO G 173 -8.44 -15.04 -19.31
C PRO G 173 -9.17 -15.83 -20.39
N ALA G 174 -9.75 -15.11 -21.33
CA ALA G 174 -10.52 -15.72 -22.39
C ALA G 174 -9.64 -16.63 -23.25
N VAL G 175 -10.25 -17.68 -23.77
CA VAL G 175 -9.59 -18.62 -24.68
C VAL G 175 -10.35 -18.59 -26.01
N LEU G 176 -9.62 -18.65 -27.11
CA LEU G 176 -10.21 -18.63 -28.44
C LEU G 176 -10.56 -20.07 -28.81
N GLN G 177 -11.86 -20.35 -28.90
CA GLN G 177 -12.30 -21.70 -29.22
C GLN G 177 -12.04 -22.02 -30.70
N SER G 178 -12.22 -23.29 -31.04
CA SER G 178 -12.02 -23.72 -32.42
C SER G 178 -13.06 -23.12 -33.36
N SER G 179 -14.19 -22.65 -32.83
CA SER G 179 -15.21 -22.00 -33.64
C SER G 179 -14.87 -20.56 -33.98
N GLY G 180 -13.77 -20.03 -33.45
CA GLY G 180 -13.41 -18.64 -33.65
C GLY G 180 -14.04 -17.67 -32.68
N LEU G 181 -14.76 -18.16 -31.68
CA LEU G 181 -15.40 -17.34 -30.67
C LEU G 181 -14.68 -17.52 -29.33
N TYR G 182 -14.60 -16.45 -28.55
CA TYR G 182 -13.95 -16.51 -27.26
C TYR G 182 -14.89 -17.10 -26.21
N SER G 183 -14.30 -17.68 -25.18
CA SER G 183 -15.05 -18.23 -24.06
C SER G 183 -14.32 -17.89 -22.77
N LEU G 184 -15.08 -17.64 -21.71
CA LEU G 184 -14.50 -17.13 -20.47
C LEU G 184 -15.39 -17.53 -19.31
N SER G 185 -14.77 -17.87 -18.19
CA SER G 185 -15.47 -18.16 -16.95
C SER G 185 -14.97 -17.25 -15.85
N SER G 186 -15.88 -16.76 -15.02
CA SER G 186 -15.54 -15.92 -13.87
C SER G 186 -16.20 -16.52 -12.64
N VAL G 187 -15.38 -17.06 -11.75
CA VAL G 187 -15.87 -17.77 -10.57
C VAL G 187 -15.48 -16.98 -9.32
N VAL G 188 -16.24 -17.23 -8.25
CA VAL G 188 -16.01 -16.59 -6.96
C VAL G 188 -16.29 -17.60 -5.85
N THR G 189 -15.42 -17.63 -4.85
CA THR G 189 -15.55 -18.53 -3.72
C THR G 189 -16.15 -17.77 -2.53
N VAL G 190 -17.26 -18.27 -2.00
CA VAL G 190 -17.96 -17.62 -0.90
C VAL G 190 -18.17 -18.65 0.21
N PRO G 191 -18.43 -18.19 1.44
CA PRO G 191 -18.73 -19.14 2.52
C PRO G 191 -19.99 -19.92 2.22
N SER G 192 -19.92 -21.24 2.43
CA SER G 192 -21.04 -22.12 2.11
C SER G 192 -22.29 -21.79 2.90
N SER G 193 -22.14 -21.20 4.09
CA SER G 193 -23.29 -20.88 4.92
C SER G 193 -24.19 -19.84 4.29
N SER G 194 -23.70 -19.13 3.27
CA SER G 194 -24.45 -18.05 2.64
C SER G 194 -25.09 -18.45 1.31
N LEU G 195 -25.00 -19.71 0.91
CA LEU G 195 -25.50 -20.11 -0.41
C LEU G 195 -27.02 -19.98 -0.49
N GLY G 196 -27.72 -20.39 0.56
CA GLY G 196 -29.17 -20.31 0.58
C GLY G 196 -29.72 -18.99 1.04
N THR G 197 -28.85 -18.04 1.40
CA THR G 197 -29.28 -16.76 1.95
C THR G 197 -28.72 -15.55 1.23
N GLN G 198 -27.63 -15.68 0.46
CA GLN G 198 -27.01 -14.57 -0.23
C GLN G 198 -27.36 -14.63 -1.71
N THR G 199 -27.64 -13.47 -2.30
CA THR G 199 -27.93 -13.39 -3.72
C THR G 199 -26.64 -13.04 -4.47
N TYR G 200 -26.29 -13.87 -5.45
CA TYR G 200 -25.07 -13.67 -6.23
C TYR G 200 -25.44 -13.47 -7.69
N ILE G 201 -25.03 -12.35 -8.25
CA ILE G 201 -25.32 -11.99 -9.64
C ILE G 201 -24.04 -11.51 -10.28
N CYS G 202 -23.73 -12.05 -11.45
CA CYS G 202 -22.59 -11.60 -12.24
C CYS G 202 -23.07 -10.62 -13.29
N ASN G 203 -22.27 -9.59 -13.54
CA ASN G 203 -22.61 -8.51 -14.48
C ASN G 203 -21.60 -8.55 -15.61
N VAL G 204 -22.01 -9.08 -16.76
CA VAL G 204 -21.16 -9.21 -17.93
C VAL G 204 -21.50 -8.10 -18.91
N ASN G 205 -20.48 -7.43 -19.42
CA ASN G 205 -20.64 -6.33 -20.36
C ASN G 205 -19.71 -6.54 -21.54
N HIS G 206 -20.31 -6.64 -22.74
CA HIS G 206 -19.56 -6.80 -23.98
C HIS G 206 -19.83 -5.55 -24.82
N LYS G 207 -18.98 -4.55 -24.65
CA LYS G 207 -19.19 -3.27 -25.34
C LYS G 207 -19.16 -3.36 -26.86
N PRO G 208 -18.31 -4.18 -27.50
CA PRO G 208 -18.37 -4.27 -28.98
C PRO G 208 -19.74 -4.66 -29.52
N SER G 209 -20.61 -5.24 -28.70
CA SER G 209 -21.96 -5.60 -29.12
C SER G 209 -23.02 -4.94 -28.25
N ASN G 210 -22.63 -4.05 -27.33
CA ASN G 210 -23.54 -3.36 -26.42
C ASN G 210 -24.42 -4.35 -25.67
N THR G 211 -23.83 -5.46 -25.24
CA THR G 211 -24.54 -6.53 -24.56
C THR G 211 -24.21 -6.46 -23.07
N LYS G 212 -25.20 -6.10 -22.26
CA LYS G 212 -25.10 -6.13 -20.81
C LYS G 212 -26.05 -7.20 -20.29
N VAL G 213 -25.54 -8.14 -19.51
CA VAL G 213 -26.32 -9.26 -19.02
C VAL G 213 -26.07 -9.42 -17.53
N ASP G 214 -27.13 -9.42 -16.74
CA ASP G 214 -27.08 -9.76 -15.33
C ASP G 214 -27.66 -11.17 -15.17
N LYS G 215 -26.88 -12.08 -14.59
CA LYS G 215 -27.27 -13.47 -14.43
C LYS G 215 -27.17 -13.84 -12.96
N ARG G 216 -28.29 -14.20 -12.36
CA ARG G 216 -28.30 -14.65 -10.98
C ARG G 216 -27.86 -16.12 -10.92
N VAL G 217 -27.00 -16.42 -9.96
CA VAL G 217 -26.42 -17.75 -9.80
C VAL G 217 -26.95 -18.34 -8.50
N GLU G 218 -27.86 -19.30 -8.60
CA GLU G 218 -28.45 -19.99 -7.46
C GLU G 218 -28.03 -21.45 -7.44
N PRO G 219 -28.02 -22.08 -6.27
CA PRO G 219 -27.68 -23.50 -6.20
C PRO G 219 -28.88 -24.40 -6.48
N LYS G 220 -28.58 -25.61 -6.93
CA LYS G 220 -29.60 -26.60 -7.24
C LYS G 220 -28.98 -27.98 -7.43
N SER G 221 -29.07 -28.82 -6.39
CA SER G 221 -28.45 -30.14 -6.42
C SER G 221 -29.05 -31.05 -5.35
N ALA H 1 16.50 5.92 -32.99
CA ALA H 1 15.79 5.22 -31.93
C ALA H 1 16.76 4.66 -30.90
N ILE H 2 16.39 4.75 -29.62
CA ILE H 2 17.21 4.27 -28.52
C ILE H 2 16.59 2.98 -28.00
N GLN H 3 17.27 1.86 -28.26
CA GLN H 3 16.78 0.56 -27.84
C GLN H 3 17.11 0.32 -26.37
N LEU H 4 16.09 -0.04 -25.59
CA LEU H 4 16.27 -0.33 -24.17
C LEU H 4 16.34 -1.83 -23.95
N THR H 5 17.37 -2.26 -23.22
CA THR H 5 17.60 -3.68 -22.90
C THR H 5 17.36 -3.85 -21.40
N GLN H 6 16.14 -4.24 -21.05
CA GLN H 6 15.77 -4.51 -19.68
C GLN H 6 15.91 -6.01 -19.42
N SER H 7 16.73 -6.36 -18.44
CA SER H 7 16.98 -7.76 -18.10
C SER H 7 16.89 -7.94 -16.59
N PRO H 8 16.42 -9.11 -16.14
CA PRO H 8 15.95 -10.25 -16.94
C PRO H 8 14.49 -10.10 -17.34
N SER H 9 13.99 -11.00 -18.19
CA SER H 9 12.58 -10.98 -18.58
C SER H 9 11.67 -11.63 -17.54
N SER H 10 12.24 -12.33 -16.56
CA SER H 10 11.45 -12.98 -15.52
C SER H 10 12.38 -13.32 -14.37
N LEU H 11 12.08 -12.82 -13.17
CA LEU H 11 12.91 -13.05 -11.99
C LEU H 11 12.03 -13.47 -10.81
N SER H 12 11.35 -14.61 -10.98
CA SER H 12 10.48 -15.13 -9.92
C SER H 12 11.28 -15.41 -8.65
N ALA H 13 10.82 -14.83 -7.53
CA ALA H 13 11.43 -15.03 -6.23
C ALA H 13 10.33 -15.04 -5.18
N SER H 14 10.71 -15.19 -3.92
CA SER H 14 9.74 -15.32 -2.83
C SER H 14 9.51 -13.98 -2.15
N VAL H 15 8.43 -13.93 -1.36
CA VAL H 15 8.07 -12.69 -0.67
C VAL H 15 9.11 -12.40 0.41
N GLY H 16 9.61 -11.16 0.40
CA GLY H 16 10.63 -10.74 1.34
C GLY H 16 12.03 -10.66 0.75
N ASP H 17 12.24 -11.18 -0.45
CA ASP H 17 13.55 -11.12 -1.09
C ASP H 17 13.76 -9.76 -1.75
N ARG H 18 14.99 -9.55 -2.22
CA ARG H 18 15.36 -8.34 -2.94
C ARG H 18 15.25 -8.56 -4.44
N VAL H 19 14.82 -7.54 -5.16
CA VAL H 19 14.65 -7.60 -6.61
C VAL H 19 15.58 -6.56 -7.23
N THR H 20 16.22 -6.93 -8.33
CA THR H 20 17.12 -6.03 -9.05
C THR H 20 16.88 -6.18 -10.54
N ILE H 21 16.41 -5.11 -11.18
CA ILE H 21 16.16 -5.10 -12.62
C ILE H 21 17.10 -4.07 -13.24
N THR H 22 17.76 -4.46 -14.32
CA THR H 22 18.73 -3.61 -15.00
C THR H 22 18.19 -3.20 -16.36
N CYS H 23 18.33 -1.92 -16.68
CA CYS H 23 17.92 -1.36 -17.96
C CYS H 23 19.10 -0.67 -18.61
N GLN H 24 19.32 -0.93 -19.89
CA GLN H 24 20.43 -0.37 -20.64
C GLN H 24 19.91 0.35 -21.88
N ALA H 25 20.41 1.57 -22.08
CA ALA H 25 20.08 2.37 -23.25
C ALA H 25 21.23 2.34 -24.24
N THR H 26 20.89 2.31 -25.53
CA THR H 26 21.94 2.29 -26.56
C THR H 26 22.73 3.59 -26.57
N HIS H 27 22.04 4.73 -26.42
CA HIS H 27 22.68 6.03 -26.38
C HIS H 27 22.67 6.57 -24.95
N ASP H 28 23.07 7.83 -24.81
CA ASP H 28 23.10 8.48 -23.50
C ASP H 28 21.79 9.24 -23.28
N ILE H 29 21.06 8.85 -22.24
CA ILE H 29 19.80 9.48 -21.88
C ILE H 29 19.91 10.21 -20.53
N ASN H 30 21.13 10.35 -20.01
CA ASN H 30 21.40 11.04 -18.74
C ASN H 30 20.64 10.33 -17.63
N LYS H 31 19.72 10.99 -16.93
CA LYS H 31 18.99 10.40 -15.81
C LYS H 31 17.51 10.23 -16.11
N PHE H 32 17.09 10.43 -17.36
CA PHE H 32 15.66 10.53 -17.69
C PHE H 32 15.13 9.16 -18.11
N LEU H 33 14.93 8.31 -17.11
CA LEU H 33 14.33 6.99 -17.31
C LEU H 33 13.20 6.82 -16.31
N ASN H 34 12.06 6.34 -16.77
CA ASN H 34 10.88 6.13 -15.93
C ASN H 34 10.56 4.65 -15.85
N TRP H 35 10.28 4.17 -14.64
CA TRP H 35 9.91 2.78 -14.40
C TRP H 35 8.42 2.71 -14.11
N TYR H 36 7.69 1.93 -14.89
CA TYR H 36 6.25 1.78 -14.76
C TYR H 36 5.89 0.38 -14.29
N GLN H 37 4.81 0.29 -13.52
CA GLN H 37 4.28 -0.98 -13.04
C GLN H 37 2.92 -1.22 -13.67
N GLN H 38 2.71 -2.42 -14.21
CA GLN H 38 1.48 -2.76 -14.90
C GLN H 38 0.95 -4.09 -14.38
N LYS H 39 -0.18 -4.05 -13.69
CA LYS H 39 -0.84 -5.26 -13.26
C LYS H 39 -1.50 -5.95 -14.46
N PRO H 40 -1.75 -7.26 -14.36
CA PRO H 40 -2.40 -7.98 -15.46
C PRO H 40 -3.77 -7.41 -15.78
N GLY H 41 -3.93 -6.92 -17.00
CA GLY H 41 -5.21 -6.37 -17.43
C GLY H 41 -5.48 -4.95 -16.98
N LYS H 42 -4.51 -4.30 -16.35
CA LYS H 42 -4.67 -2.94 -15.83
C LYS H 42 -3.72 -2.00 -16.56
N ALA H 43 -3.93 -0.70 -16.33
CA ALA H 43 -3.12 0.33 -16.93
C ALA H 43 -1.77 0.45 -16.20
N PRO H 44 -0.72 0.84 -16.91
CA PRO H 44 0.58 1.05 -16.26
C PRO H 44 0.53 2.19 -15.26
N LYS H 45 1.24 2.02 -14.14
CA LYS H 45 1.30 3.02 -13.09
C LYS H 45 2.75 3.42 -12.88
N LEU H 46 3.00 4.73 -12.81
CA LEU H 46 4.35 5.24 -12.66
C LEU H 46 4.85 5.01 -11.23
N LEU H 47 6.02 4.37 -11.11
CA LEU H 47 6.66 4.14 -9.83
C LEU H 47 7.89 5.02 -9.61
N ILE H 48 8.80 5.06 -10.58
CA ILE H 48 10.05 5.81 -10.47
C ILE H 48 10.16 6.74 -11.66
N TYR H 49 10.41 8.02 -11.38
CA TYR H 49 10.68 9.00 -12.42
C TYR H 49 12.07 9.59 -12.22
N ASP H 50 12.72 9.91 -13.36
CA ASP H 50 14.10 10.38 -13.37
C ASP H 50 15.06 9.39 -12.73
N ALA H 51 14.71 8.10 -12.80
CA ALA H 51 15.54 6.95 -12.44
C ALA H 51 15.88 6.87 -10.96
N SER H 52 15.49 7.85 -10.15
CA SER H 52 15.85 7.83 -8.74
C SER H 52 14.84 8.52 -7.84
N ASN H 53 13.73 9.02 -8.36
CA ASN H 53 12.76 9.78 -7.57
C ASN H 53 11.47 8.98 -7.46
N LEU H 54 11.02 8.75 -6.23
CA LEU H 54 9.75 8.07 -6.00
C LEU H 54 8.58 8.95 -6.39
N GLU H 55 7.52 8.32 -6.89
CA GLU H 55 6.31 9.04 -7.25
C GLU H 55 5.44 9.27 -6.02
N THR H 56 4.40 10.08 -6.19
CA THR H 56 3.50 10.40 -5.09
C THR H 56 2.70 9.17 -4.69
N GLY H 57 2.78 8.80 -3.41
CA GLY H 57 2.02 7.68 -2.87
C GLY H 57 2.61 6.31 -3.09
N VAL H 58 3.72 6.20 -3.82
CA VAL H 58 4.39 4.93 -4.10
C VAL H 58 5.12 4.47 -2.85
N PRO H 59 5.00 3.19 -2.48
CA PRO H 59 5.71 2.68 -1.31
C PRO H 59 7.22 2.83 -1.45
N SER H 60 7.88 3.04 -0.31
CA SER H 60 9.31 3.35 -0.30
C SER H 60 10.20 2.14 -0.53
N ARG H 61 9.66 0.91 -0.47
CA ARG H 61 10.48 -0.25 -0.73
C ARG H 61 11.03 -0.27 -2.15
N PHE H 62 10.34 0.40 -3.08
CA PHE H 62 10.85 0.56 -4.43
C PHE H 62 11.94 1.63 -4.46
N SER H 63 12.94 1.42 -5.30
CA SER H 63 14.04 2.37 -5.40
C SER H 63 14.69 2.24 -6.77
N GLY H 64 15.37 3.32 -7.19
CA GLY H 64 16.06 3.33 -8.46
C GLY H 64 17.40 4.03 -8.33
N SER H 65 18.27 3.75 -9.29
CA SER H 65 19.60 4.33 -9.31
C SER H 65 20.18 4.19 -10.71
N GLY H 66 21.26 4.90 -10.95
CA GLY H 66 21.96 4.81 -12.22
C GLY H 66 21.76 6.05 -13.06
N PHE H 67 22.73 6.32 -13.93
CA PHE H 67 22.65 7.44 -14.87
C PHE H 67 23.51 7.13 -16.08
N GLY H 68 23.21 7.82 -17.18
CA GLY H 68 23.95 7.64 -18.41
C GLY H 68 23.35 6.59 -19.31
N THR H 69 23.81 5.35 -19.18
CA THR H 69 23.34 4.25 -20.01
C THR H 69 22.76 3.09 -19.22
N THR H 70 23.29 2.79 -18.04
CA THR H 70 22.82 1.69 -17.23
C THR H 70 22.01 2.21 -16.05
N PHE H 71 20.88 1.56 -15.80
CA PHE H 71 19.98 1.95 -14.71
C PHE H 71 19.54 0.71 -13.95
N THR H 72 19.22 0.90 -12.68
CA THR H 72 18.83 -0.19 -11.79
C THR H 72 17.49 0.12 -11.14
N PHE H 73 16.62 -0.88 -11.12
CA PHE H 73 15.34 -0.81 -10.42
C PHE H 73 15.36 -1.88 -9.34
N THR H 74 15.21 -1.46 -8.08
CA THR H 74 15.38 -2.35 -6.95
C THR H 74 14.15 -2.33 -6.07
N ILE H 75 13.68 -3.50 -5.67
CA ILE H 75 12.64 -3.66 -4.67
C ILE H 75 13.32 -4.16 -3.40
N SER H 76 13.32 -3.34 -2.36
CA SER H 76 14.04 -3.67 -1.14
C SER H 76 13.51 -4.96 -0.51
N SER H 77 12.18 -5.09 -0.40
CA SER H 77 11.55 -6.29 0.11
C SER H 77 10.37 -6.60 -0.80
N LEU H 78 10.50 -7.66 -1.61
CA LEU H 78 9.41 -8.04 -2.49
C LEU H 78 8.17 -8.39 -1.66
N GLN H 79 7.02 -7.92 -2.13
CA GLN H 79 5.77 -8.04 -1.41
C GLN H 79 4.72 -8.70 -2.29
N PRO H 80 3.66 -9.23 -1.67
CA PRO H 80 2.58 -9.84 -2.47
C PRO H 80 2.01 -8.94 -3.56
N GLU H 81 1.58 -7.73 -3.20
CA GLU H 81 0.95 -6.82 -4.16
C GLU H 81 1.92 -6.26 -5.19
N ASP H 82 3.21 -6.63 -5.13
CA ASP H 82 4.19 -6.15 -6.09
C ASP H 82 4.25 -6.98 -7.36
N ILE H 83 3.32 -7.92 -7.54
CA ILE H 83 3.37 -8.85 -8.66
C ILE H 83 2.72 -8.22 -9.89
N ALA H 84 3.56 -7.81 -10.85
CA ALA H 84 3.10 -7.16 -12.06
C ALA H 84 4.23 -7.25 -13.08
N THR H 85 4.11 -6.47 -14.16
CA THR H 85 5.15 -6.34 -15.17
C THR H 85 5.73 -4.94 -15.11
N TYR H 86 7.05 -4.85 -15.12
CA TYR H 86 7.76 -3.60 -14.93
C TYR H 86 8.56 -3.25 -16.18
N PHE H 87 8.38 -2.02 -16.66
CA PHE H 87 9.05 -1.53 -17.86
C PHE H 87 9.91 -0.32 -17.52
N CYS H 88 11.01 -0.17 -18.25
CA CYS H 88 11.80 1.05 -18.21
C CYS H 88 11.58 1.81 -19.52
N HIS H 89 11.45 3.13 -19.41
CA HIS H 89 11.07 3.96 -20.54
C HIS H 89 11.81 5.27 -20.49
N GLN H 90 12.55 5.59 -21.55
CA GLN H 90 13.16 6.89 -21.73
C GLN H 90 12.18 7.78 -22.48
N TYR H 91 11.96 9.00 -21.98
CA TYR H 91 10.90 9.86 -22.47
C TYR H 91 11.39 11.19 -23.03
N GLU H 92 12.70 11.43 -23.04
CA GLU H 92 13.23 12.72 -23.47
C GLU H 92 13.92 12.64 -24.82
N ASN H 93 13.93 11.48 -25.48
CA ASN H 93 14.51 11.33 -26.81
C ASN H 93 13.44 10.73 -27.71
N ILE H 94 12.92 11.54 -28.63
CA ILE H 94 11.88 11.09 -29.55
C ILE H 94 12.54 10.27 -30.65
N PRO H 95 12.04 9.06 -30.96
CA PRO H 95 10.86 8.42 -30.37
C PRO H 95 11.15 7.80 -29.00
N PRO H 96 10.26 8.00 -28.03
CA PRO H 96 10.45 7.37 -26.71
C PRO H 96 10.07 5.90 -26.78
N ILE H 97 10.96 5.04 -26.28
CA ILE H 97 10.82 3.60 -26.40
C ILE H 97 10.79 2.98 -25.01
N PHE H 98 9.94 1.97 -24.84
CA PHE H 98 9.87 1.22 -23.60
C PHE H 98 10.88 0.07 -23.61
N GLY H 99 11.05 -0.56 -22.45
CA GLY H 99 11.85 -1.76 -22.36
C GLY H 99 11.08 -2.98 -22.81
N PRO H 100 11.79 -4.10 -22.90
CA PRO H 100 11.09 -5.36 -23.21
C PRO H 100 10.14 -5.78 -22.10
N GLY H 101 10.49 -5.54 -20.85
CA GLY H 101 9.60 -5.89 -19.78
C GLY H 101 10.17 -7.00 -18.90
N THR H 102 9.71 -7.03 -17.66
CA THR H 102 10.12 -8.06 -16.70
C THR H 102 8.88 -8.61 -16.02
N LYS H 103 8.55 -9.86 -16.32
CA LYS H 103 7.40 -10.53 -15.71
C LYS H 103 7.81 -11.05 -14.34
N VAL H 104 7.31 -10.42 -13.29
CA VAL H 104 7.66 -10.78 -11.92
C VAL H 104 6.64 -11.80 -11.40
N GLU H 105 7.11 -13.00 -11.14
CA GLU H 105 6.31 -14.06 -10.51
C GLU H 105 6.79 -14.27 -9.09
N ILE H 106 6.21 -15.26 -8.41
CA ILE H 106 6.60 -15.60 -7.04
C ILE H 106 6.90 -17.09 -6.95
N LYS H 107 7.89 -17.44 -6.13
CA LYS H 107 8.11 -18.80 -5.68
C LYS H 107 7.69 -18.89 -4.23
N ARG H 108 7.06 -20.00 -3.85
CA ARG H 108 6.45 -20.11 -2.54
C ARG H 108 6.27 -21.60 -2.22
N THR H 109 5.59 -21.88 -1.11
CA THR H 109 5.29 -23.25 -0.73
C THR H 109 4.36 -23.90 -1.75
N VAL H 110 4.52 -25.21 -1.93
CA VAL H 110 3.63 -25.96 -2.80
C VAL H 110 2.24 -26.02 -2.18
N ALA H 111 1.23 -25.71 -2.98
CA ALA H 111 -0.17 -25.73 -2.52
C ALA H 111 -0.98 -26.56 -3.49
N ALA H 112 -1.67 -27.57 -2.96
CA ALA H 112 -2.53 -28.40 -3.79
C ALA H 112 -3.75 -27.60 -4.23
N PRO H 113 -4.29 -27.89 -5.42
CA PRO H 113 -5.47 -27.16 -5.89
C PRO H 113 -6.75 -27.74 -5.32
N SER H 114 -7.67 -26.85 -4.98
CA SER H 114 -9.03 -27.26 -4.67
C SER H 114 -9.76 -27.51 -5.99
N VAL H 115 -10.31 -28.70 -6.16
CA VAL H 115 -10.88 -29.13 -7.44
C VAL H 115 -12.40 -29.14 -7.31
N PHE H 116 -13.06 -28.41 -8.20
CA PHE H 116 -14.51 -28.37 -8.28
C PHE H 116 -14.94 -28.62 -9.72
N ILE H 117 -16.09 -29.27 -9.89
CA ILE H 117 -16.63 -29.58 -11.21
C ILE H 117 -18.03 -29.00 -11.29
N PHE H 118 -18.38 -28.46 -12.46
CA PHE H 118 -19.67 -27.82 -12.68
C PHE H 118 -20.33 -28.47 -13.89
N PRO H 119 -21.45 -29.16 -13.72
CA PRO H 119 -22.18 -29.70 -14.87
C PRO H 119 -22.72 -28.59 -15.74
N PRO H 120 -23.05 -28.87 -16.99
CA PRO H 120 -23.64 -27.82 -17.84
C PRO H 120 -24.99 -27.37 -17.31
N SER H 121 -25.24 -26.07 -17.40
CA SER H 121 -26.48 -25.51 -16.90
C SER H 121 -27.65 -25.91 -17.78
N ASP H 122 -28.85 -25.92 -17.19
CA ASP H 122 -30.05 -26.25 -17.95
C ASP H 122 -30.30 -25.23 -19.07
N GLU H 123 -29.91 -23.97 -18.84
CA GLU H 123 -30.05 -22.95 -19.87
C GLU H 123 -29.24 -23.31 -21.10
N GLN H 124 -27.98 -23.74 -20.90
CA GLN H 124 -27.11 -24.04 -22.03
C GLN H 124 -27.57 -25.30 -22.76
N LEU H 125 -28.10 -26.28 -22.02
CA LEU H 125 -28.56 -27.51 -22.65
C LEU H 125 -29.71 -27.25 -23.62
N LYS H 126 -30.53 -26.23 -23.35
CA LYS H 126 -31.60 -25.88 -24.27
C LYS H 126 -31.06 -25.27 -25.55
N SER H 127 -29.83 -24.77 -25.55
CA SER H 127 -29.20 -24.20 -26.74
C SER H 127 -28.55 -25.23 -27.63
N GLY H 128 -28.50 -26.49 -27.21
CA GLY H 128 -27.86 -27.53 -28.01
C GLY H 128 -26.39 -27.74 -27.75
N THR H 129 -25.89 -27.25 -26.62
CA THR H 129 -24.48 -27.39 -26.26
C THR H 129 -24.38 -27.63 -24.77
N ALA H 130 -23.37 -28.42 -24.37
CA ALA H 130 -23.12 -28.72 -22.97
C ALA H 130 -21.67 -28.42 -22.66
N SER H 131 -21.43 -27.56 -21.68
CA SER H 131 -20.08 -27.21 -21.24
C SER H 131 -19.89 -27.67 -19.80
N VAL H 132 -18.89 -28.52 -19.58
CA VAL H 132 -18.53 -28.99 -18.25
C VAL H 132 -17.25 -28.28 -17.83
N VAL H 133 -17.28 -27.65 -16.66
CA VAL H 133 -16.18 -26.82 -16.18
C VAL H 133 -15.51 -27.52 -15.00
N CYS H 134 -14.18 -27.58 -15.03
CA CYS H 134 -13.38 -28.13 -13.96
C CYS H 134 -12.48 -27.03 -13.43
N LEU H 135 -12.53 -26.81 -12.11
CA LEU H 135 -11.88 -25.66 -11.48
C LEU H 135 -10.73 -26.12 -10.59
N LEU H 136 -9.56 -25.52 -10.81
CA LEU H 136 -8.40 -25.71 -9.94
C LEU H 136 -8.12 -24.36 -9.30
N ASN H 137 -8.28 -24.26 -7.99
CA ASN H 137 -8.26 -22.99 -7.28
C ASN H 137 -7.09 -22.92 -6.32
N ASN H 138 -6.30 -21.87 -6.44
CA ASN H 138 -5.27 -21.49 -5.47
C ASN H 138 -4.30 -22.65 -5.24
N PHE H 139 -3.48 -22.89 -6.26
CA PHE H 139 -2.45 -23.92 -6.20
C PHE H 139 -1.11 -23.33 -6.63
N TYR H 140 -0.04 -24.02 -6.24
CA TYR H 140 1.30 -23.69 -6.67
C TYR H 140 2.10 -24.98 -6.63
N PRO H 141 2.94 -25.24 -7.64
CA PRO H 141 3.26 -24.40 -8.81
C PRO H 141 2.17 -24.30 -9.87
N ARG H 142 2.47 -23.57 -10.94
CA ARG H 142 1.51 -23.41 -12.02
C ARG H 142 1.29 -24.71 -12.80
N GLU H 143 2.30 -25.57 -12.84
CA GLU H 143 2.25 -26.77 -13.65
C GLU H 143 1.27 -27.78 -13.07
N ALA H 144 0.23 -28.10 -13.83
CA ALA H 144 -0.77 -29.07 -13.42
C ALA H 144 -1.36 -29.74 -14.66
N LYS H 145 -1.93 -30.92 -14.46
CA LYS H 145 -2.51 -31.72 -15.53
C LYS H 145 -3.97 -31.99 -15.23
N VAL H 146 -4.84 -31.69 -16.19
CA VAL H 146 -6.27 -31.97 -16.09
C VAL H 146 -6.65 -32.94 -17.20
N GLN H 147 -7.16 -34.10 -16.82
CA GLN H 147 -7.54 -35.14 -17.76
C GLN H 147 -9.05 -35.33 -17.71
N TRP H 148 -9.72 -35.06 -18.82
CA TRP H 148 -11.17 -35.27 -18.91
C TRP H 148 -11.47 -36.72 -19.26
N LYS H 149 -12.36 -37.32 -18.49
CA LYS H 149 -12.84 -38.68 -18.75
C LYS H 149 -14.35 -38.68 -18.83
N VAL H 150 -14.88 -39.34 -19.86
CA VAL H 150 -16.32 -39.43 -20.10
C VAL H 150 -16.65 -40.90 -20.22
N ASP H 151 -17.33 -41.44 -19.20
CA ASP H 151 -17.51 -42.89 -19.06
C ASP H 151 -16.17 -43.60 -19.10
N ASN H 152 -15.18 -43.02 -18.41
CA ASN H 152 -13.80 -43.48 -18.32
C ASN H 152 -13.04 -43.38 -19.64
N ALA H 153 -13.65 -42.81 -20.68
CA ALA H 153 -12.96 -42.59 -21.95
C ALA H 153 -12.27 -41.24 -21.89
N LEU H 154 -10.95 -41.25 -22.11
CA LEU H 154 -10.18 -40.01 -22.04
C LEU H 154 -10.50 -39.12 -23.23
N GLN H 155 -10.74 -37.84 -22.95
CA GLN H 155 -11.13 -36.88 -23.98
C GLN H 155 -9.92 -36.09 -24.44
N SER H 156 -9.79 -35.93 -25.75
CA SER H 156 -8.71 -35.14 -26.33
C SER H 156 -9.26 -34.29 -27.46
N GLY H 157 -8.89 -33.01 -27.47
CA GLY H 157 -9.25 -32.11 -28.54
C GLY H 157 -10.60 -31.46 -28.42
N ASN H 158 -11.28 -31.60 -27.27
CA ASN H 158 -12.56 -30.94 -27.03
C ASN H 158 -12.56 -30.20 -25.70
N SER H 159 -11.40 -29.86 -25.17
CA SER H 159 -11.30 -29.11 -23.92
C SER H 159 -10.25 -28.03 -24.07
N GLN H 160 -10.39 -26.99 -23.25
CA GLN H 160 -9.48 -25.86 -23.27
C GLN H 160 -9.21 -25.42 -21.83
N GLU H 161 -7.97 -25.02 -21.58
CA GLU H 161 -7.54 -24.57 -20.26
C GLU H 161 -7.27 -23.06 -20.27
N SER H 162 -7.41 -22.45 -19.09
CA SER H 162 -7.13 -21.03 -18.91
C SER H 162 -6.60 -20.85 -17.49
N VAL H 163 -5.44 -20.23 -17.38
CA VAL H 163 -4.77 -20.04 -16.09
C VAL H 163 -4.74 -18.55 -15.78
N THR H 164 -5.17 -18.19 -14.58
CA THR H 164 -5.03 -16.82 -14.13
C THR H 164 -3.56 -16.49 -13.88
N GLU H 165 -3.22 -15.22 -14.04
CA GLU H 165 -1.89 -14.77 -13.63
C GLU H 165 -1.71 -15.02 -12.14
N GLN H 166 -0.46 -15.27 -11.75
CA GLN H 166 -0.18 -15.61 -10.36
C GLN H 166 -0.75 -14.56 -9.42
N ASP H 167 -1.63 -15.00 -8.53
CA ASP H 167 -2.30 -14.07 -7.62
C ASP H 167 -1.26 -13.33 -6.81
N SER H 168 -1.43 -12.01 -6.71
CA SER H 168 -0.44 -11.20 -6.01
C SER H 168 -0.35 -11.59 -4.54
N LYS H 169 -1.49 -11.91 -3.92
CA LYS H 169 -1.54 -12.00 -2.47
C LYS H 169 -0.98 -13.33 -1.95
N ASP H 170 -1.61 -14.45 -2.31
CA ASP H 170 -1.19 -15.75 -1.82
C ASP H 170 -0.22 -16.46 -2.77
N SER H 171 0.15 -15.82 -3.89
CA SER H 171 1.19 -16.32 -4.78
C SER H 171 0.79 -17.64 -5.43
N THR H 172 -0.51 -17.85 -5.65
CA THR H 172 -1.01 -19.08 -6.22
C THR H 172 -1.59 -18.82 -7.61
N TYR H 173 -1.89 -19.91 -8.30
CA TYR H 173 -2.53 -19.87 -9.60
C TYR H 173 -3.91 -20.50 -9.50
N SER H 174 -4.73 -20.23 -10.52
CA SER H 174 -6.03 -20.85 -10.65
C SER H 174 -6.23 -21.27 -12.10
N LEU H 175 -6.85 -22.44 -12.29
CA LEU H 175 -7.00 -23.02 -13.62
C LEU H 175 -8.44 -23.46 -13.82
N SER H 176 -8.97 -23.19 -15.01
CA SER H 176 -10.30 -23.64 -15.42
C SER H 176 -10.18 -24.45 -16.70
N SER H 177 -10.76 -25.64 -16.70
CA SER H 177 -10.79 -26.50 -17.88
C SER H 177 -12.24 -26.68 -18.30
N THR H 178 -12.55 -26.30 -19.54
CA THR H 178 -13.91 -26.32 -20.05
C THR H 178 -14.02 -27.38 -21.14
N LEU H 179 -14.81 -28.42 -20.87
CA LEU H 179 -15.06 -29.49 -21.82
C LEU H 179 -16.39 -29.20 -22.52
N THR H 180 -16.36 -29.10 -23.84
CA THR H 180 -17.52 -28.68 -24.62
C THR H 180 -17.96 -29.82 -25.53
N LEU H 181 -19.24 -30.19 -25.41
CA LEU H 181 -19.85 -31.21 -26.24
C LEU H 181 -21.20 -30.72 -26.73
N SER H 182 -21.69 -31.36 -27.80
CA SER H 182 -23.04 -31.10 -28.25
C SER H 182 -24.05 -31.73 -27.28
N LYS H 183 -25.29 -31.23 -27.32
CA LYS H 183 -26.33 -31.75 -26.45
C LYS H 183 -26.57 -33.23 -26.69
N ALA H 184 -26.66 -33.63 -27.97
CA ALA H 184 -26.87 -35.05 -28.27
C ALA H 184 -25.71 -35.90 -27.79
N ASP H 185 -24.48 -35.43 -27.99
CA ASP H 185 -23.32 -36.19 -27.51
C ASP H 185 -23.26 -36.23 -25.99
N TYR H 186 -23.71 -35.15 -25.33
CA TYR H 186 -23.68 -35.12 -23.87
C TYR H 186 -24.67 -36.12 -23.27
N GLU H 187 -25.79 -36.36 -23.94
CA GLU H 187 -26.80 -37.29 -23.44
C GLU H 187 -26.46 -38.76 -23.70
N LYS H 188 -25.42 -39.02 -24.49
CA LYS H 188 -25.02 -40.40 -24.75
C LYS H 188 -24.35 -41.04 -23.56
N HIS H 189 -23.77 -40.25 -22.67
CA HIS H 189 -22.90 -40.76 -21.61
C HIS H 189 -23.44 -40.36 -20.24
N LYS H 190 -22.93 -41.03 -19.21
CA LYS H 190 -23.40 -40.85 -17.85
C LYS H 190 -22.36 -40.20 -16.95
N VAL H 191 -21.17 -40.78 -16.83
CA VAL H 191 -20.17 -40.34 -15.87
C VAL H 191 -19.23 -39.34 -16.53
N TYR H 192 -19.19 -38.13 -15.99
CA TYR H 192 -18.28 -37.08 -16.44
C TYR H 192 -17.34 -36.70 -15.31
N ALA H 193 -16.04 -36.74 -15.59
CA ALA H 193 -15.04 -36.52 -14.54
C ALA H 193 -13.83 -35.81 -15.12
N CYS H 194 -13.20 -34.97 -14.30
CA CYS H 194 -11.89 -34.39 -14.60
C CYS H 194 -10.90 -34.89 -13.56
N GLU H 195 -9.77 -35.41 -14.04
CA GLU H 195 -8.74 -35.98 -13.16
C GLU H 195 -7.59 -34.98 -13.08
N VAL H 196 -7.33 -34.48 -11.88
CA VAL H 196 -6.34 -33.43 -11.65
C VAL H 196 -5.07 -34.06 -11.13
N THR H 197 -3.99 -33.89 -11.88
CA THR H 197 -2.66 -34.34 -11.48
C THR H 197 -1.84 -33.11 -11.12
N HIS H 198 -1.43 -33.02 -9.86
CA HIS H 198 -0.67 -31.87 -9.39
C HIS H 198 0.40 -32.34 -8.41
N GLN H 199 1.43 -31.50 -8.26
CA GLN H 199 2.55 -31.83 -7.40
C GLN H 199 2.10 -32.03 -5.95
N GLY H 200 1.28 -31.13 -5.44
CA GLY H 200 0.84 -31.22 -4.05
C GLY H 200 -0.11 -32.36 -3.76
N LEU H 201 -0.45 -33.17 -4.76
CA LEU H 201 -1.36 -34.29 -4.61
C LEU H 201 -0.54 -35.58 -4.59
N SER H 202 -0.69 -36.36 -3.52
CA SER H 202 -0.03 -37.66 -3.46
C SER H 202 -0.52 -38.57 -4.57
N SER H 203 -1.83 -38.55 -4.83
CA SER H 203 -2.45 -39.29 -5.91
C SER H 203 -3.41 -38.37 -6.65
N PRO H 204 -3.60 -38.60 -7.96
CA PRO H 204 -4.49 -37.74 -8.73
C PRO H 204 -5.90 -37.70 -8.14
N VAL H 205 -6.45 -36.49 -8.07
CA VAL H 205 -7.77 -36.26 -7.49
C VAL H 205 -8.80 -36.17 -8.62
N THR H 206 -9.90 -36.90 -8.47
CA THR H 206 -10.94 -36.97 -9.47
C THR H 206 -12.25 -36.45 -8.89
N LYS H 207 -12.84 -35.46 -9.56
CA LYS H 207 -14.17 -34.96 -9.24
C LYS H 207 -15.12 -35.35 -10.37
N SER H 208 -16.26 -35.94 -10.02
CA SER H 208 -17.13 -36.52 -11.02
C SER H 208 -18.58 -36.30 -10.64
N PHE H 209 -19.45 -36.41 -11.64
CA PHE H 209 -20.89 -36.38 -11.45
C PHE H 209 -21.52 -37.27 -12.51
N ASN H 210 -22.78 -37.65 -12.26
CA ASN H 210 -23.56 -38.43 -13.20
C ASN H 210 -24.63 -37.55 -13.82
N ARG H 211 -24.75 -37.63 -15.15
CA ARG H 211 -25.73 -36.81 -15.86
C ARG H 211 -27.14 -37.13 -15.39
N GLY H 212 -27.87 -36.09 -14.96
CA GLY H 212 -29.23 -36.27 -14.50
C GLY H 212 -29.35 -36.75 -13.07
N GLU H 213 -28.45 -36.32 -12.19
CA GLU H 213 -28.50 -36.70 -10.79
C GLU H 213 -28.18 -35.52 -9.89
#